data_8EOO
#
_entry.id   8EOO
#
_cell.length_a   97.066
_cell.length_b   97.409
_cell.length_c   141.129
_cell.angle_alpha   90.00
_cell.angle_beta   99.76
_cell.angle_gamma   90.00
#
_symmetry.space_group_name_H-M   'P 1 21 1'
#
loop_
_entity.id
_entity.type
_entity.pdbx_description
1 polymer 'WRAIR-2151 antibody Fab heavy chain'
2 polymer 'WRAIR-2151 antibody Fab light chain'
3 polymer 'Spike protein S1'
4 polymer 'WRAIR-2063 antibody Fab heavy chain'
5 polymer 'WRAIR-2063 antibody Fab light chain'
6 non-polymer GLYCEROL
7 non-polymer 2-acetamido-2-deoxy-beta-D-glucopyranose
8 water water
#
loop_
_entity_poly.entity_id
_entity_poly.type
_entity_poly.pdbx_seq_one_letter_code
_entity_poly.pdbx_strand_id
1 'polypeptide(L)'
;QVQLQESGPRLVKPSETLSLTCTVSGGSISGSNYFWGWIRQPPGKGLEWIGTIYYGGSTYYNPSLKSRVTISVDTSENQF
SLKLSSVTAADTAVYYCANLAWLRGYFDYWGQGTLVTVSSASTKGPSVFPLAPSSKSTSGGTAALGCLVKDYFPEPVTVS
WNSGALTSGVHTFPAVLQSSGLYSLSSVVTVPSSSLGTQTYICNVNHKPSNTKVDKKVEPKSC
;
A,F
2 'polypeptide(L)'
;NFMLTQPHSVSESPGKTVTISCTRSSGSIASNYVQWYQQRPGSAPTTVIYEDNQRPSGVPDRFSGSIDSSSNSVSLTISG
LKTEDEADYYCQSYDSSNWVFGGGTKLTVLGQPKAAPSVTLFPPSSEELQANKATLVCLISDFYPGAVTVAWKADSSPVK
AGVETTTPSKQSNNKYAASSYLSLTPEQWKSHRSYSCQVTHEGSTVEKTVAPTECS
;
B,K
3 'polypeptide(L)'
;NITNLCPFGEVFNATRFASVYAWNRKRISNCVADYSVLYNSASFSTFKCYGVSPTKLNDLCFTNVYADSFVIRGDEVRQI
APGQTGKIADYNYKLPDDFTGCVIAWNSNNLDSKVGGNYNYLYRLFRKSNLKPFERDISTEIYQAGSTPCNGVEGFNCYF
PLQSYGFQPTNGVGYQPYRVVVLSFELLHAPATVCGPGSHHHHHH
;
C,D
4 'polypeptide(L)'
;EVQLVESGGGVVQPGRSLRLSCAASGFTFSSYGMHWVRQAPGKGLEWVAVIWYDGSNKYYADSVKGRFTISRDNSKNTLY
LQMNSLRAEDTAVYYCARGPLGSNYFNYDAFDIWGQGTMVTVSSASTKGPSVFPLAPSSKSTSGGTAALGCLVKDYFPEP
VTVSWNSGALTSGVHTFPAVLQSSGLYSLSSVVTVPSSSLGTQTYICNVNHKPSNTKVDKKVEPKSC
;
E,H
5 'polypeptide(L)'
;DVVMTQSPLSLPVTLGQPASISCRSSQSLEYSDGNTYLNWFQQRPGQSPRRLIYKVSKRDSGVPDRFSGSGSGSDFTLKI
SRVEAEDVGVYYCMQGTHWPLTFGGGTKVEIKRTVAAPSVFIFPPSDEQLKSGTASVVCLLNNFYPREAKVQWKVDNALQ
SGNSQESVTEQDSKDSTYSLSSTLTLSKADYEKHKVYACEVTHQGLSSPVTKSFNRGEC
;
J,L
#
loop_
_chem_comp.id
_chem_comp.type
_chem_comp.name
_chem_comp.formula
GOL non-polymer GLYCEROL 'C3 H8 O3'
NAG D-saccharide, beta linking 2-acetamido-2-deoxy-beta-D-glucopyranose 'C8 H15 N O6'
#
# COMPACT_ATOMS: atom_id res chain seq x y z
N GLN A 1 -8.91 -54.05 -19.10
CA GLN A 1 -7.89 -54.71 -18.30
C GLN A 1 -6.56 -54.82 -19.08
N VAL A 2 -5.64 -53.86 -18.86
CA VAL A 2 -4.48 -53.64 -19.73
C VAL A 2 -3.25 -54.38 -19.22
N GLN A 3 -2.53 -55.04 -20.13
CA GLN A 3 -1.32 -55.80 -19.81
C GLN A 3 -0.15 -55.22 -20.59
N LEU A 4 0.99 -55.06 -19.92
CA LEU A 4 2.19 -54.48 -20.53
C LEU A 4 3.32 -55.48 -20.47
N GLN A 5 4.18 -55.47 -21.49
CA GLN A 5 5.26 -56.44 -21.59
C GLN A 5 6.50 -55.80 -22.19
N GLU A 6 7.56 -55.67 -21.38
CA GLU A 6 8.83 -55.16 -21.90
C GLU A 6 9.55 -56.20 -22.76
N SER A 7 10.15 -55.73 -23.84
CA SER A 7 10.86 -56.56 -24.80
C SER A 7 12.16 -55.87 -25.19
N GLY A 8 13.24 -56.64 -25.23
CA GLY A 8 14.49 -56.13 -25.75
C GLY A 8 15.72 -56.87 -25.22
N PRO A 9 16.88 -56.52 -25.76
CA PRO A 9 18.10 -57.28 -25.44
C PRO A 9 18.56 -57.01 -24.02
N ARG A 10 18.82 -58.07 -23.25
CA ARG A 10 19.16 -57.88 -21.80
C ARG A 10 20.66 -57.64 -21.61
N LEU A 11 21.43 -57.47 -22.69
CA LEU A 11 22.84 -57.13 -22.57
C LEU A 11 23.22 -56.18 -23.70
N VAL A 12 23.69 -54.99 -23.34
CA VAL A 12 24.06 -53.94 -24.27
C VAL A 12 25.52 -53.59 -24.05
N LYS A 13 26.29 -53.45 -25.12
CA LYS A 13 27.67 -53.03 -24.94
C LYS A 13 27.74 -51.55 -24.57
N PRO A 14 28.72 -51.16 -23.76
CA PRO A 14 28.90 -49.73 -23.48
C PRO A 14 29.12 -48.94 -24.75
N SER A 15 28.69 -47.68 -24.71
CA SER A 15 28.73 -46.70 -25.79
C SER A 15 27.71 -46.98 -26.89
N GLU A 16 26.93 -48.07 -26.82
CA GLU A 16 25.96 -48.38 -27.85
C GLU A 16 24.61 -47.74 -27.55
N THR A 17 23.58 -48.17 -28.28
CA THR A 17 22.21 -47.67 -28.10
C THR A 17 21.31 -48.76 -27.54
N LEU A 18 20.70 -48.47 -26.39
CA LEU A 18 19.75 -49.34 -25.73
C LEU A 18 18.37 -49.13 -26.33
N SER A 19 17.66 -50.23 -26.56
CA SER A 19 16.41 -50.19 -27.32
C SER A 19 15.41 -51.18 -26.76
N LEU A 20 14.32 -50.68 -26.18
CA LEU A 20 13.27 -51.52 -25.62
C LEU A 20 11.95 -51.17 -26.26
N THR A 21 10.98 -52.05 -26.10
CA THR A 21 9.64 -51.88 -26.64
C THR A 21 8.68 -52.48 -25.64
N CYS A 22 7.50 -51.87 -25.55
CA CYS A 22 6.48 -52.25 -24.58
C CYS A 22 5.24 -52.57 -25.39
N THR A 23 5.00 -53.85 -25.64
CA THR A 23 3.82 -54.27 -26.38
C THR A 23 2.64 -54.32 -25.42
N VAL A 24 1.49 -53.84 -25.89
CA VAL A 24 0.35 -53.57 -25.03
C VAL A 24 -0.83 -54.41 -25.49
N SER A 25 -1.35 -55.23 -24.58
CA SER A 25 -2.56 -56.00 -24.85
C SER A 25 -3.72 -55.44 -24.01
N GLY A 26 -4.93 -55.53 -24.57
CA GLY A 26 -6.13 -55.20 -23.82
C GLY A 26 -6.61 -53.77 -23.92
N GLY A 27 -5.77 -52.88 -24.43
CA GLY A 27 -6.21 -51.53 -24.74
C GLY A 27 -5.53 -51.07 -26.01
N SER A 28 -6.11 -50.03 -26.61
CA SER A 28 -5.56 -49.43 -27.82
C SER A 28 -4.81 -48.16 -27.44
N ILE A 29 -3.53 -48.09 -27.79
CA ILE A 29 -2.69 -46.95 -27.43
C ILE A 29 -3.29 -45.65 -27.98
N SER A 30 -3.65 -45.66 -29.27
CA SER A 30 -4.24 -44.47 -29.88
C SER A 30 -5.69 -44.25 -29.43
N GLY A 31 -6.47 -45.33 -29.32
CA GLY A 31 -7.84 -45.17 -28.86
C GLY A 31 -7.96 -44.75 -27.41
N SER A 32 -7.01 -45.13 -26.57
CA SER A 32 -7.03 -44.68 -25.19
C SER A 32 -6.47 -43.27 -25.10
N ASN A 33 -6.78 -42.61 -23.99
CA ASN A 33 -6.16 -41.32 -23.70
C ASN A 33 -5.23 -41.40 -22.51
N TYR A 34 -4.74 -42.60 -22.24
CA TYR A 34 -3.72 -42.84 -21.23
C TYR A 34 -2.40 -42.20 -21.63
N PHE A 35 -1.57 -41.98 -20.64
CA PHE A 35 -0.17 -41.65 -20.81
C PHE A 35 0.62 -42.94 -20.66
N TRP A 36 1.74 -43.04 -21.36
CA TRP A 36 2.56 -44.25 -21.38
C TRP A 36 3.99 -43.87 -21.06
N GLY A 37 4.56 -44.45 -20.00
CA GLY A 37 5.85 -44.03 -19.50
C GLY A 37 6.86 -45.16 -19.49
N TRP A 38 8.12 -44.78 -19.20
CA TRP A 38 9.21 -45.69 -18.90
C TRP A 38 9.83 -45.31 -17.57
N ILE A 39 10.00 -46.29 -16.69
CA ILE A 39 10.62 -46.13 -15.38
C ILE A 39 11.68 -47.22 -15.23
N ARG A 40 12.81 -46.86 -14.64
CA ARG A 40 13.92 -47.80 -14.46
C ARG A 40 14.40 -47.79 -13.02
N GLN A 41 15.01 -48.92 -12.59
CA GLN A 41 15.71 -48.89 -11.31
C GLN A 41 16.98 -49.73 -11.33
N PRO A 42 18.14 -49.10 -11.13
CA PRO A 42 19.37 -49.87 -10.99
C PRO A 42 19.26 -50.83 -9.83
N PRO A 43 19.88 -51.98 -9.90
CA PRO A 43 19.70 -52.96 -8.83
C PRO A 43 20.18 -52.37 -7.52
N GLY A 44 19.37 -52.58 -6.48
CA GLY A 44 19.67 -52.06 -5.16
C GLY A 44 19.36 -50.60 -4.97
N LYS A 45 18.55 -50.01 -5.84
CA LYS A 45 18.36 -48.57 -5.88
C LYS A 45 16.91 -48.25 -6.23
N GLY A 46 16.51 -47.01 -5.97
CA GLY A 46 15.12 -46.63 -6.12
C GLY A 46 14.73 -46.35 -7.55
N LEU A 47 13.42 -46.21 -7.76
CA LEU A 47 12.89 -45.98 -9.10
C LEU A 47 13.30 -44.60 -9.62
N GLU A 48 13.37 -44.48 -10.95
CA GLU A 48 13.76 -43.23 -11.60
C GLU A 48 12.97 -43.09 -12.89
N TRP A 49 12.13 -42.05 -12.95
CA TRP A 49 11.32 -41.81 -14.14
C TRP A 49 12.23 -41.44 -15.31
N ILE A 50 11.95 -41.99 -16.47
CA ILE A 50 12.72 -41.75 -17.70
C ILE A 50 11.96 -40.83 -18.65
N GLY A 51 10.68 -41.12 -18.88
CA GLY A 51 9.93 -40.37 -19.86
C GLY A 51 8.52 -40.88 -20.00
N THR A 52 7.57 -40.00 -20.27
CA THR A 52 6.24 -40.43 -20.65
C THR A 52 5.90 -39.84 -22.00
N ILE A 53 4.94 -40.47 -22.67
CA ILE A 53 4.49 -40.07 -23.98
C ILE A 53 2.98 -40.05 -23.95
N TYR A 54 2.39 -39.24 -24.82
CA TYR A 54 0.95 -39.21 -25.02
C TYR A 54 0.75 -39.18 -26.52
N TYR A 55 -0.15 -40.02 -27.02
CA TYR A 55 -0.29 -40.16 -28.47
C TYR A 55 -0.86 -38.91 -29.14
N GLY A 56 -1.35 -37.94 -28.38
CA GLY A 56 -1.69 -36.65 -28.95
C GLY A 56 -0.49 -35.97 -29.57
N GLY A 57 0.70 -36.20 -29.03
CA GLY A 57 1.90 -35.64 -29.60
C GLY A 57 2.92 -35.18 -28.57
N SER A 58 2.46 -34.69 -27.43
CA SER A 58 3.38 -34.21 -26.41
C SER A 58 4.10 -35.38 -25.75
N THR A 59 5.42 -35.27 -25.58
CA THR A 59 6.20 -36.28 -24.89
C THR A 59 7.11 -35.60 -23.88
N TYR A 60 7.25 -36.24 -22.71
CA TYR A 60 7.95 -35.69 -21.55
C TYR A 60 9.15 -36.57 -21.24
N TYR A 61 10.31 -35.96 -21.01
CA TYR A 61 11.56 -36.67 -20.76
C TYR A 61 12.18 -36.20 -19.46
N ASN A 62 12.86 -37.11 -18.78
CA ASN A 62 13.69 -36.76 -17.63
C ASN A 62 14.82 -35.85 -18.09
N PRO A 63 14.96 -34.65 -17.52
CA PRO A 63 15.94 -33.69 -18.03
C PRO A 63 17.37 -34.14 -17.88
N SER A 64 17.64 -35.12 -17.02
CA SER A 64 18.98 -35.68 -16.92
C SER A 64 19.31 -36.64 -18.06
N LEU A 65 18.31 -37.04 -18.85
CA LEU A 65 18.50 -37.98 -19.96
C LEU A 65 18.02 -37.43 -21.29
N LYS A 66 17.67 -36.14 -21.39
CA LYS A 66 16.90 -35.65 -22.54
C LYS A 66 17.66 -35.84 -23.84
N SER A 67 18.97 -35.62 -23.83
CA SER A 67 19.75 -35.77 -25.04
C SER A 67 19.85 -37.22 -25.50
N ARG A 68 19.73 -38.18 -24.57
CA ARG A 68 19.94 -39.59 -24.89
C ARG A 68 18.64 -40.36 -25.15
N VAL A 69 17.51 -39.91 -24.61
CA VAL A 69 16.25 -40.62 -24.72
C VAL A 69 15.46 -40.11 -25.91
N THR A 70 14.84 -41.03 -26.65
CA THR A 70 13.69 -40.76 -27.51
C THR A 70 12.65 -41.85 -27.27
N ILE A 71 11.38 -41.49 -27.38
CA ILE A 71 10.28 -42.41 -27.16
C ILE A 71 9.30 -42.28 -28.32
N SER A 72 8.88 -43.42 -28.89
CA SER A 72 8.00 -43.44 -30.06
C SER A 72 6.83 -44.39 -29.79
N VAL A 73 5.86 -44.38 -30.70
CA VAL A 73 4.73 -45.31 -30.65
C VAL A 73 4.24 -45.56 -32.07
N ASP A 74 4.00 -46.82 -32.43
CA ASP A 74 3.33 -47.15 -33.67
C ASP A 74 2.05 -47.91 -33.36
N THR A 75 0.95 -47.46 -33.95
CA THR A 75 -0.34 -48.05 -33.67
C THR A 75 -0.51 -49.39 -34.36
N SER A 76 0.23 -49.59 -35.46
CA SER A 76 0.04 -50.78 -36.29
C SER A 76 0.28 -52.05 -35.50
N GLU A 77 1.19 -52.02 -34.53
CA GLU A 77 1.47 -53.16 -33.66
C GLU A 77 1.14 -52.89 -32.20
N ASN A 78 0.55 -51.72 -31.91
CA ASN A 78 0.11 -51.40 -30.52
C ASN A 78 1.26 -51.57 -29.52
N GLN A 79 2.34 -50.79 -29.70
CA GLN A 79 3.45 -50.82 -28.76
C GLN A 79 4.15 -49.47 -28.78
N PHE A 80 4.92 -49.19 -27.73
CA PHE A 80 5.75 -48.01 -27.69
C PHE A 80 7.15 -48.38 -27.20
N SER A 81 8.12 -47.55 -27.57
CA SER A 81 9.52 -47.91 -27.56
C SER A 81 10.35 -46.97 -26.71
N LEU A 82 11.47 -47.49 -26.23
CA LEU A 82 12.50 -46.72 -25.55
C LEU A 82 13.80 -46.87 -26.32
N LYS A 83 14.51 -45.77 -26.51
CA LYS A 83 15.84 -45.81 -27.09
C LYS A 83 16.78 -44.92 -26.28
N LEU A 84 17.87 -45.50 -25.78
CA LEU A 84 18.78 -44.80 -24.85
C LEU A 84 20.18 -44.83 -25.43
N SER A 85 20.54 -43.80 -26.19
CA SER A 85 21.83 -43.77 -26.88
C SER A 85 22.97 -43.51 -25.91
N SER A 86 24.18 -43.82 -26.36
CA SER A 86 25.41 -43.53 -25.61
C SER A 86 25.30 -44.06 -24.18
N VAL A 87 25.21 -45.38 -24.09
CA VAL A 87 24.93 -46.08 -22.84
C VAL A 87 26.25 -46.39 -22.14
N THR A 88 26.24 -46.39 -20.82
CA THR A 88 27.44 -46.70 -20.05
C THR A 88 27.06 -47.60 -18.89
N ALA A 89 28.07 -48.09 -18.17
CA ALA A 89 27.87 -48.96 -17.02
C ALA A 89 26.75 -48.47 -16.07
N ALA A 90 26.46 -47.17 -16.07
CA ALA A 90 25.48 -46.62 -15.13
C ALA A 90 24.03 -46.82 -15.57
N ASP A 91 23.79 -47.33 -16.78
CA ASP A 91 22.42 -47.56 -17.21
C ASP A 91 21.96 -49.01 -16.99
N THR A 92 22.79 -49.84 -16.37
CA THR A 92 22.34 -51.16 -15.96
C THR A 92 21.15 -51.01 -15.03
N ALA A 93 20.00 -51.54 -15.42
CA ALA A 93 18.83 -51.40 -14.56
C ALA A 93 17.76 -52.39 -15.01
N VAL A 94 16.79 -52.59 -14.12
CA VAL A 94 15.50 -53.14 -14.52
C VAL A 94 14.70 -52.02 -15.14
N TYR A 95 14.20 -52.23 -16.35
CA TYR A 95 13.40 -51.24 -17.04
C TYR A 95 11.96 -51.70 -17.02
N TYR A 96 11.07 -50.80 -16.59
CA TYR A 96 9.63 -51.03 -16.53
C TYR A 96 8.92 -50.05 -17.45
N CYS A 97 7.87 -50.51 -18.11
CA CYS A 97 6.90 -49.60 -18.70
C CYS A 97 5.63 -49.61 -17.86
N ALA A 98 5.02 -48.45 -17.70
CA ALA A 98 3.77 -48.29 -16.95
C ALA A 98 2.90 -47.34 -17.72
N ASN A 99 1.60 -47.32 -17.39
CA ASN A 99 0.68 -46.34 -17.94
C ASN A 99 0.22 -45.37 -16.86
N LEU A 100 -0.59 -44.40 -17.30
CA LEU A 100 -1.09 -43.32 -16.40
C LEU A 100 -2.38 -42.80 -17.03
N ALA A 101 -3.48 -42.69 -16.27
CA ALA A 101 -4.78 -42.32 -16.85
C ALA A 101 -4.92 -40.82 -17.08
N TRP A 102 -4.15 -40.00 -16.39
CA TRP A 102 -4.07 -38.59 -16.69
C TRP A 102 -2.73 -38.11 -16.17
N LEU A 103 -2.12 -37.18 -16.90
CA LEU A 103 -0.98 -36.43 -16.40
C LEU A 103 -1.25 -36.09 -14.96
N ARG A 104 -0.32 -36.38 -14.06
CA ARG A 104 -0.50 -36.16 -12.58
C ARG A 104 -1.32 -37.24 -11.91
N GLY A 105 -1.69 -38.29 -12.64
CA GLY A 105 -2.25 -39.49 -12.04
C GLY A 105 -1.19 -40.37 -11.39
N TYR A 106 -1.56 -41.64 -11.20
CA TYR A 106 -0.65 -42.66 -10.67
C TYR A 106 -0.39 -43.70 -11.75
N PHE A 107 0.74 -44.35 -11.64
CA PHE A 107 1.12 -45.41 -12.56
C PHE A 107 0.34 -46.67 -12.21
N ASP A 108 -0.69 -46.98 -13.00
CA ASP A 108 -1.61 -48.05 -12.63
C ASP A 108 -1.07 -49.41 -13.00
N TYR A 109 -0.84 -49.63 -14.29
CA TYR A 109 -0.53 -50.95 -14.85
C TYR A 109 0.92 -50.97 -15.31
N TRP A 110 1.68 -51.96 -14.83
CA TRP A 110 3.11 -52.02 -15.06
C TRP A 110 3.48 -53.30 -15.80
N GLY A 111 4.58 -53.24 -16.51
CA GLY A 111 5.21 -54.44 -17.00
C GLY A 111 5.96 -55.16 -15.90
N GLN A 112 6.33 -56.41 -16.20
CA GLN A 112 7.12 -57.23 -15.30
C GLN A 112 8.51 -56.65 -15.08
N GLY A 113 9.00 -55.86 -16.02
CA GLY A 113 10.38 -55.41 -15.91
C GLY A 113 11.34 -56.33 -16.64
N THR A 114 12.32 -55.73 -17.28
CA THR A 114 13.41 -56.46 -17.92
C THR A 114 14.73 -55.84 -17.46
N LEU A 115 15.68 -56.70 -17.10
CA LEU A 115 16.99 -56.22 -16.68
C LEU A 115 17.86 -56.14 -17.93
N VAL A 116 18.50 -54.99 -18.13
CA VAL A 116 19.59 -54.89 -19.10
C VAL A 116 20.86 -54.55 -18.34
N THR A 117 21.91 -55.31 -18.64
CA THR A 117 23.24 -55.09 -18.12
C THR A 117 24.07 -54.48 -19.25
N VAL A 118 24.97 -53.56 -18.89
CA VAL A 118 25.84 -52.93 -19.88
C VAL A 118 27.26 -53.32 -19.55
N SER A 119 27.89 -54.07 -20.47
CA SER A 119 29.24 -54.63 -20.29
C SER A 119 29.80 -55.14 -21.61
N SER A 120 31.03 -54.76 -21.96
CA SER A 120 31.66 -55.30 -23.17
C SER A 120 32.50 -56.52 -22.85
N ALA A 121 31.98 -57.49 -22.12
CA ALA A 121 32.79 -58.58 -21.59
C ALA A 121 32.38 -59.90 -22.22
N SER A 122 33.36 -60.62 -22.78
CA SER A 122 33.13 -61.99 -23.19
C SER A 122 33.39 -62.93 -22.02
N THR A 123 33.03 -64.20 -22.20
CA THR A 123 33.09 -65.17 -21.11
C THR A 123 34.48 -65.22 -20.49
N LYS A 124 34.56 -64.94 -19.19
CA LYS A 124 35.83 -64.87 -18.48
C LYS A 124 35.69 -65.53 -17.12
N GLY A 125 36.78 -66.17 -16.68
CA GLY A 125 36.81 -66.91 -15.44
C GLY A 125 37.43 -66.11 -14.32
N PRO A 126 37.08 -66.49 -13.08
CA PRO A 126 37.52 -65.71 -11.93
C PRO A 126 39.02 -65.77 -11.70
N SER A 127 39.50 -64.75 -11.00
CA SER A 127 40.83 -64.73 -10.41
C SER A 127 40.62 -64.63 -8.90
N VAL A 128 40.81 -65.74 -8.18
CA VAL A 128 40.44 -65.85 -6.77
C VAL A 128 41.62 -65.42 -5.92
N PHE A 129 41.36 -64.52 -4.96
CA PHE A 129 42.35 -64.00 -4.04
C PHE A 129 41.97 -64.33 -2.60
N PRO A 130 42.96 -64.39 -1.70
CA PRO A 130 42.66 -64.63 -0.29
C PRO A 130 42.30 -63.35 0.47
N LEU A 131 41.28 -63.47 1.31
CA LEU A 131 41.06 -62.50 2.38
C LEU A 131 41.69 -63.10 3.64
N ALA A 132 42.95 -62.74 3.90
CA ALA A 132 43.68 -63.28 5.03
C ALA A 132 43.03 -62.94 6.37
N PRO A 133 43.14 -63.84 7.35
CA PRO A 133 42.41 -63.68 8.62
C PRO A 133 42.80 -62.44 9.41
N SER A 134 41.79 -61.69 9.85
CA SER A 134 41.92 -60.70 10.89
C SER A 134 40.57 -60.61 11.61
N SER A 135 40.60 -59.94 12.77
CA SER A 135 39.42 -59.69 13.59
C SER A 135 39.81 -58.86 14.81
N SER A 139 36.64 -58.94 18.52
CA SER A 139 36.13 -60.29 18.56
C SER A 139 37.24 -61.30 18.91
N GLY A 140 37.04 -62.04 20.00
CA GLY A 140 37.98 -63.05 20.44
C GLY A 140 37.45 -64.44 20.14
N GLY A 141 38.31 -65.27 19.56
CA GLY A 141 37.90 -66.58 19.12
C GLY A 141 36.91 -66.55 17.98
N THR A 142 36.83 -65.45 17.25
CA THR A 142 35.96 -65.35 16.09
C THR A 142 36.68 -64.57 15.00
N ALA A 143 37.84 -65.06 14.59
CA ALA A 143 38.44 -64.58 13.36
C ALA A 143 37.47 -64.73 12.18
N ALA A 144 37.65 -63.90 11.16
CA ALA A 144 36.85 -63.92 9.96
C ALA A 144 37.78 -64.07 8.78
N LEU A 145 37.35 -64.80 7.77
CA LEU A 145 38.27 -65.35 6.79
C LEU A 145 37.52 -65.57 5.48
N GLY A 146 38.20 -65.41 4.35
CA GLY A 146 37.40 -65.43 3.14
C GLY A 146 38.16 -65.51 1.84
N CYS A 147 37.39 -65.65 0.77
CA CYS A 147 37.88 -65.70 -0.60
C CYS A 147 37.28 -64.54 -1.38
N LEU A 148 38.11 -63.83 -2.13
CA LEU A 148 37.64 -62.84 -3.10
C LEU A 148 37.75 -63.42 -4.51
N VAL A 149 36.70 -63.25 -5.29
CA VAL A 149 36.50 -63.91 -6.58
C VAL A 149 36.27 -62.81 -7.61
N LYS A 150 37.34 -62.31 -8.23
CA LYS A 150 37.21 -61.12 -9.07
C LYS A 150 36.91 -61.45 -10.54
N ASP A 151 36.36 -60.45 -11.23
CA ASP A 151 36.48 -60.27 -12.68
C ASP A 151 36.13 -61.54 -13.45
N TYR A 152 34.85 -61.93 -13.37
CA TYR A 152 34.34 -63.09 -14.14
C TYR A 152 33.07 -62.65 -14.87
N PHE A 153 33.10 -62.57 -16.20
CA PHE A 153 31.93 -62.01 -16.95
C PHE A 153 30.64 -62.83 -16.80
N PRO A 154 30.64 -64.18 -16.86
CA PRO A 154 29.40 -64.92 -16.66
C PRO A 154 28.93 -64.77 -15.20
N GLU A 155 27.64 -64.53 -15.00
CA GLU A 155 27.10 -64.31 -13.61
C GLU A 155 27.24 -65.52 -12.69
N PRO A 156 26.99 -66.78 -13.12
CA PRO A 156 26.98 -67.93 -12.20
C PRO A 156 28.35 -68.34 -11.62
N VAL A 157 28.46 -68.46 -10.29
CA VAL A 157 29.71 -68.91 -9.68
C VAL A 157 29.35 -69.55 -8.35
N THR A 158 29.67 -70.83 -8.17
CA THR A 158 29.47 -71.54 -6.92
C THR A 158 30.75 -71.48 -6.09
N VAL A 159 30.60 -71.61 -4.77
CA VAL A 159 31.74 -71.56 -3.85
C VAL A 159 31.46 -72.51 -2.69
N SER A 160 32.45 -73.34 -2.35
CA SER A 160 32.40 -74.18 -1.17
C SER A 160 33.67 -73.98 -0.38
N TRP A 161 33.64 -74.48 0.86
CA TRP A 161 34.78 -74.42 1.75
C TRP A 161 35.09 -75.84 2.21
N ASN A 162 36.37 -76.21 2.09
CA ASN A 162 36.81 -77.52 2.51
C ASN A 162 36.01 -78.62 1.82
N SER A 163 35.66 -78.37 0.56
CA SER A 163 34.99 -79.36 -0.30
C SER A 163 33.74 -79.94 0.36
N GLY A 164 33.13 -79.19 1.28
CA GLY A 164 31.89 -79.61 1.94
C GLY A 164 31.99 -79.78 3.43
N ALA A 165 33.19 -79.99 3.98
CA ALA A 165 33.32 -80.28 5.41
C ALA A 165 33.24 -79.04 6.28
N LEU A 166 33.15 -77.86 5.68
CA LEU A 166 32.98 -76.60 6.42
C LEU A 166 31.75 -75.89 5.87
N THR A 167 30.72 -75.75 6.70
CA THR A 167 29.57 -74.91 6.35
C THR A 167 29.20 -73.97 7.49
N SER A 168 29.42 -74.41 8.72
CA SER A 168 29.20 -73.55 9.86
C SER A 168 29.96 -72.25 9.69
N GLY A 169 29.25 -71.14 9.87
CA GLY A 169 29.82 -69.80 9.82
C GLY A 169 30.13 -69.30 8.42
N VAL A 170 29.60 -69.92 7.38
CA VAL A 170 29.95 -69.64 6.00
C VAL A 170 28.85 -68.82 5.36
N HIS A 171 29.23 -67.74 4.68
CA HIS A 171 28.29 -66.98 3.88
C HIS A 171 28.99 -66.56 2.61
N THR A 172 28.31 -66.72 1.46
CA THR A 172 28.80 -66.25 0.18
C THR A 172 27.85 -65.16 -0.31
N PHE A 173 28.37 -63.95 -0.50
CA PHE A 173 27.61 -62.77 -0.83
C PHE A 173 27.20 -62.75 -2.28
N PRO A 174 26.08 -62.12 -2.60
CA PRO A 174 25.69 -61.93 -3.99
C PRO A 174 26.74 -61.16 -4.77
N ALA A 175 26.72 -61.36 -6.08
CA ALA A 175 27.72 -60.73 -6.93
C ALA A 175 27.51 -59.21 -7.01
N VAL A 176 28.56 -58.51 -7.38
CA VAL A 176 28.48 -57.10 -7.74
C VAL A 176 28.96 -56.96 -9.18
N LEU A 177 28.43 -55.97 -9.88
CA LEU A 177 28.85 -55.66 -11.24
C LEU A 177 29.66 -54.37 -11.22
N GLN A 178 30.97 -54.50 -11.37
CA GLN A 178 31.88 -53.35 -11.35
C GLN A 178 31.64 -52.46 -12.57
N SER A 179 32.36 -51.35 -12.64
CA SER A 179 32.26 -50.47 -13.81
C SER A 179 32.99 -51.02 -15.01
N SER A 180 33.96 -51.93 -14.78
CA SER A 180 34.67 -52.69 -15.79
C SER A 180 33.81 -53.75 -16.46
N GLY A 181 32.52 -53.80 -16.15
CA GLY A 181 31.66 -54.74 -16.81
C GLY A 181 31.79 -56.16 -16.34
N LEU A 182 32.53 -56.40 -15.26
CA LEU A 182 32.76 -57.76 -14.80
C LEU A 182 32.17 -57.96 -13.41
N TYR A 183 31.70 -59.17 -13.18
CA TYR A 183 31.24 -59.56 -11.87
C TYR A 183 32.40 -59.82 -10.92
N SER A 184 32.09 -59.71 -9.64
CA SER A 184 33.02 -59.92 -8.55
C SER A 184 32.19 -60.32 -7.34
N LEU A 185 32.72 -61.21 -6.52
CA LEU A 185 31.93 -61.82 -5.45
C LEU A 185 32.91 -62.26 -4.37
N SER A 186 32.40 -62.48 -3.16
CA SER A 186 33.28 -62.85 -2.08
C SER A 186 32.54 -63.79 -1.14
N SER A 187 33.33 -64.56 -0.39
CA SER A 187 32.82 -65.62 0.46
C SER A 187 33.61 -65.60 1.76
N VAL A 188 32.89 -65.74 2.87
CA VAL A 188 33.47 -65.56 4.18
C VAL A 188 33.03 -66.70 5.08
N VAL A 189 33.93 -67.08 5.98
CA VAL A 189 33.64 -68.01 7.06
C VAL A 189 34.25 -67.44 8.33
N THR A 190 33.54 -67.57 9.46
CA THR A 190 34.09 -67.20 10.75
C THR A 190 34.36 -68.47 11.54
N VAL A 191 35.59 -68.62 11.99
CA VAL A 191 36.09 -69.83 12.63
C VAL A 191 36.81 -69.42 13.91
N PRO A 192 36.99 -70.33 14.85
CA PRO A 192 37.73 -69.98 16.07
C PRO A 192 39.13 -69.49 15.72
N SER A 193 39.56 -68.41 16.38
CA SER A 193 40.93 -67.95 16.23
C SER A 193 41.91 -68.92 16.85
N SER A 194 41.42 -69.78 17.75
CA SER A 194 42.24 -70.87 18.29
C SER A 194 42.66 -71.84 17.18
N SER A 195 41.72 -72.18 16.29
CA SER A 195 41.94 -73.20 15.28
C SER A 195 42.84 -72.74 14.14
N LEU A 196 43.16 -71.44 14.04
CA LEU A 196 43.77 -70.90 12.84
C LEU A 196 45.16 -71.46 12.55
N GLY A 197 45.87 -71.94 13.57
CA GLY A 197 47.22 -72.43 13.37
C GLY A 197 47.34 -73.87 12.93
N THR A 198 46.30 -74.67 13.19
CA THR A 198 46.26 -76.06 12.74
C THR A 198 45.36 -76.24 11.53
N GLN A 199 44.07 -75.95 11.68
CA GLN A 199 43.06 -76.31 10.70
C GLN A 199 43.23 -75.51 9.41
N THR A 200 43.43 -76.22 8.31
CA THR A 200 43.64 -75.59 7.01
C THR A 200 42.30 -75.21 6.38
N TYR A 201 42.24 -74.04 5.74
CA TYR A 201 41.00 -73.49 5.18
C TYR A 201 41.18 -73.29 3.68
N ILE A 202 40.46 -74.07 2.90
CA ILE A 202 40.57 -74.07 1.45
C ILE A 202 39.19 -73.77 0.89
N CYS A 203 39.11 -72.79 0.00
CA CYS A 203 37.84 -72.43 -0.61
C CYS A 203 37.83 -72.93 -2.05
N ASN A 204 36.77 -73.68 -2.38
CA ASN A 204 36.61 -74.34 -3.67
C ASN A 204 35.69 -73.49 -4.54
N VAL A 205 36.23 -72.91 -5.61
CA VAL A 205 35.51 -71.94 -6.45
C VAL A 205 35.25 -72.55 -7.82
N ASN A 206 33.98 -72.59 -8.23
CA ASN A 206 33.56 -73.25 -9.46
C ASN A 206 32.77 -72.28 -10.31
N HIS A 207 33.17 -72.13 -11.57
CA HIS A 207 32.54 -71.18 -12.51
C HIS A 207 32.27 -71.93 -13.81
N LYS A 208 31.10 -72.55 -13.92
CA LYS A 208 30.83 -73.46 -15.04
C LYS A 208 31.03 -72.84 -16.42
N PRO A 209 30.60 -71.62 -16.73
CA PRO A 209 30.68 -71.16 -18.13
C PRO A 209 32.10 -71.18 -18.71
N SER A 210 33.08 -70.66 -17.98
CA SER A 210 34.44 -70.55 -18.51
C SER A 210 35.27 -71.81 -18.32
N ASN A 211 34.70 -72.85 -17.71
CA ASN A 211 35.45 -74.04 -17.31
C ASN A 211 36.65 -73.67 -16.44
N THR A 212 36.34 -73.13 -15.27
CA THR A 212 37.32 -72.70 -14.28
C THR A 212 36.94 -73.34 -12.94
N LYS A 213 37.80 -74.23 -12.43
CA LYS A 213 37.74 -74.69 -11.05
C LYS A 213 39.04 -74.32 -10.36
N VAL A 214 38.93 -73.66 -9.21
CA VAL A 214 40.11 -73.25 -8.46
C VAL A 214 39.87 -73.56 -7.00
N ASP A 215 40.91 -74.04 -6.31
CA ASP A 215 40.90 -74.27 -4.87
C ASP A 215 42.01 -73.42 -4.28
N LYS A 216 41.64 -72.40 -3.52
CA LYS A 216 42.61 -71.47 -2.95
C LYS A 216 42.68 -71.64 -1.44
N LYS A 217 43.89 -71.72 -0.92
CA LYS A 217 44.11 -71.80 0.51
C LYS A 217 44.23 -70.40 1.04
N VAL A 218 43.61 -70.15 2.17
CA VAL A 218 43.68 -68.84 2.80
C VAL A 218 44.44 -69.03 4.11
N GLU A 219 45.54 -68.31 4.26
CA GLU A 219 46.37 -68.45 5.45
C GLU A 219 46.62 -67.10 6.10
N PRO A 220 46.90 -67.09 7.41
CA PRO A 220 47.26 -65.84 8.09
C PRO A 220 48.58 -65.29 7.57
N LYS A 221 48.77 -64.00 7.77
CA LYS A 221 50.09 -63.40 7.60
C LYS A 221 50.17 -62.19 8.52
N ASN B 1 12.34 -28.87 -11.34
CA ASN B 1 12.76 -30.11 -10.68
C ASN B 1 12.63 -30.03 -9.17
N PHE B 2 12.48 -31.20 -8.56
CA PHE B 2 12.43 -31.32 -7.11
C PHE B 2 12.82 -32.75 -6.74
N MET B 3 13.17 -32.93 -5.47
CA MET B 3 13.45 -34.25 -4.93
C MET B 3 12.41 -34.60 -3.87
N LEU B 4 12.12 -35.89 -3.75
CA LEU B 4 11.38 -36.40 -2.61
C LEU B 4 12.34 -37.19 -1.74
N THR B 5 12.26 -37.00 -0.42
CA THR B 5 13.15 -37.67 0.51
C THR B 5 12.38 -38.45 1.56
N GLN B 6 12.77 -39.70 1.76
CA GLN B 6 12.17 -40.62 2.70
C GLN B 6 13.27 -41.16 3.61
N PRO B 7 12.91 -41.79 4.73
CA PRO B 7 13.91 -42.49 5.53
C PRO B 7 14.38 -43.76 4.85
N HIS B 8 15.58 -44.21 5.22
CA HIS B 8 16.12 -45.41 4.58
C HIS B 8 15.28 -46.62 4.95
N SER B 9 14.84 -46.71 6.20
CA SER B 9 14.09 -47.87 6.65
C SER B 9 13.25 -47.50 7.86
N VAL B 10 12.10 -48.15 7.99
CA VAL B 10 11.37 -48.16 9.25
C VAL B 10 11.00 -49.60 9.59
N SER B 11 10.82 -49.85 10.89
CA SER B 11 10.56 -51.20 11.35
C SER B 11 9.69 -51.10 12.59
N GLU B 12 8.80 -52.10 12.73
CA GLU B 12 7.91 -52.19 13.89
C GLU B 12 7.33 -53.60 13.96
N SER B 13 6.85 -54.02 15.13
CA SER B 13 6.28 -55.34 15.32
C SER B 13 4.89 -55.53 14.74
N PRO B 14 4.48 -56.78 14.46
CA PRO B 14 3.15 -57.02 13.90
C PRO B 14 2.05 -56.47 14.79
N GLY B 15 1.06 -55.85 14.17
CA GLY B 15 -0.04 -55.23 14.88
C GLY B 15 0.22 -53.81 15.38
N LYS B 16 1.46 -53.34 15.32
CA LYS B 16 1.77 -51.99 15.77
C LYS B 16 1.50 -51.00 14.63
N THR B 17 1.81 -49.73 14.82
CA THR B 17 1.64 -48.75 13.77
C THR B 17 3.00 -48.13 13.43
N VAL B 18 3.20 -47.86 12.13
CA VAL B 18 4.42 -47.25 11.61
C VAL B 18 4.03 -46.21 10.56
N THR B 19 4.79 -45.12 10.51
CA THR B 19 4.54 -44.02 9.57
C THR B 19 5.80 -43.81 8.73
N ILE B 20 5.62 -43.50 7.44
CA ILE B 20 6.72 -43.22 6.52
C ILE B 20 6.53 -41.80 6.00
N SER B 21 7.59 -40.99 6.08
CA SER B 21 7.57 -39.58 5.68
C SER B 21 8.06 -39.41 4.25
N CYS B 22 7.53 -38.39 3.57
CA CYS B 22 7.95 -38.01 2.21
C CYS B 22 8.03 -36.49 2.17
N THR B 23 9.24 -35.94 2.03
CA THR B 23 9.37 -34.46 2.12
C THR B 23 9.88 -33.87 0.80
N ARG B 24 9.11 -32.94 0.21
CA ARG B 24 9.55 -32.25 -1.04
C ARG B 24 10.77 -31.37 -0.73
N SER B 25 11.71 -31.28 -1.67
CA SER B 25 12.93 -30.46 -1.48
C SER B 25 12.60 -28.98 -1.70
N SER B 26 11.70 -28.69 -2.63
CA SER B 26 11.33 -27.31 -2.96
C SER B 26 10.01 -27.32 -3.72
N GLY B 27 9.25 -26.24 -3.58
CA GLY B 27 7.86 -26.23 -3.98
C GLY B 27 7.01 -26.84 -2.88
N SER B 28 5.69 -26.69 -3.01
CA SER B 28 4.79 -27.20 -1.97
C SER B 28 4.32 -28.59 -2.37
N ILE B 29 4.64 -29.58 -1.52
CA ILE B 29 4.24 -30.98 -1.70
C ILE B 29 2.72 -31.02 -1.85
N ALA B 30 2.05 -29.99 -1.34
CA ALA B 30 0.63 -29.86 -1.50
C ALA B 30 0.22 -29.34 -2.88
N SER B 31 1.17 -28.98 -3.76
CA SER B 31 0.79 -28.41 -5.04
C SER B 31 0.01 -29.41 -5.88
N ASN B 32 0.63 -30.58 -6.06
CA ASN B 32 -0.01 -31.61 -6.91
C ASN B 32 -0.12 -32.91 -6.10
N TYR B 33 -0.98 -33.81 -6.55
CA TYR B 33 -1.20 -35.09 -5.89
C TYR B 33 0.11 -35.86 -5.65
N VAL B 34 0.12 -36.66 -4.58
CA VAL B 34 1.24 -37.52 -4.24
C VAL B 34 0.74 -38.95 -4.06
N GLN B 35 1.51 -39.92 -4.56
CA GLN B 35 1.15 -41.33 -4.58
C GLN B 35 2.11 -42.18 -3.75
N TRP B 36 1.66 -43.37 -3.36
CA TRP B 36 2.52 -44.29 -2.63
C TRP B 36 2.48 -45.67 -3.29
N TYR B 37 3.65 -46.20 -3.65
CA TYR B 37 3.76 -47.56 -4.17
C TYR B 37 4.44 -48.48 -3.17
N GLN B 38 3.91 -49.69 -3.07
CA GLN B 38 4.57 -50.80 -2.39
C GLN B 38 5.32 -51.61 -3.44
N GLN B 39 6.60 -51.89 -3.20
CA GLN B 39 7.37 -52.76 -4.09
C GLN B 39 7.88 -53.98 -3.35
N ARG B 40 7.39 -55.15 -3.79
CA ARG B 40 7.89 -56.43 -3.22
C ARG B 40 9.10 -56.82 -4.08
N PRO B 41 10.11 -57.51 -3.52
CA PRO B 41 11.35 -57.80 -4.26
C PRO B 41 11.06 -58.69 -5.46
N GLY B 42 11.46 -58.21 -6.63
CA GLY B 42 11.25 -58.92 -7.86
C GLY B 42 10.03 -58.50 -8.65
N SER B 43 9.06 -57.83 -8.01
CA SER B 43 7.85 -57.40 -8.70
C SER B 43 7.90 -55.91 -9.05
N ALA B 44 7.09 -55.53 -10.02
CA ALA B 44 6.84 -54.13 -10.29
C ALA B 44 6.01 -53.52 -9.15
N PRO B 45 6.16 -52.23 -8.89
CA PRO B 45 5.53 -51.65 -7.70
C PRO B 45 4.03 -51.52 -7.83
N THR B 46 3.34 -51.68 -6.70
CA THR B 46 1.89 -51.59 -6.64
C THR B 46 1.49 -50.26 -6.03
N THR B 47 0.40 -49.66 -6.54
CA THR B 47 -0.14 -48.46 -5.95
C THR B 47 -0.97 -48.81 -4.70
N VAL B 48 -0.61 -48.24 -3.56
CA VAL B 48 -1.43 -48.38 -2.36
C VAL B 48 -2.18 -47.11 -2.02
N ILE B 49 -1.62 -45.93 -2.30
CA ILE B 49 -2.34 -44.69 -2.07
C ILE B 49 -2.12 -43.76 -3.25
N TYR B 50 -3.20 -43.12 -3.69
CA TYR B 50 -3.12 -42.15 -4.81
C TYR B 50 -3.96 -40.94 -4.44
N GLU B 51 -3.63 -39.77 -4.97
CA GLU B 51 -4.34 -38.52 -4.60
C GLU B 51 -4.17 -38.31 -3.10
N ASP B 52 -3.04 -38.74 -2.55
CA ASP B 52 -2.70 -38.51 -1.12
C ASP B 52 -3.54 -39.38 -0.17
N ASN B 53 -4.87 -39.27 -0.22
CA ASN B 53 -5.73 -39.98 0.76
C ASN B 53 -6.51 -41.18 0.20
N GLN B 54 -6.27 -41.61 -1.05
CA GLN B 54 -7.16 -42.66 -1.63
C GLN B 54 -6.54 -44.05 -1.73
N ARG B 55 -7.31 -45.10 -1.38
CA ARG B 55 -6.83 -46.48 -1.57
C ARG B 55 -7.43 -47.05 -2.85
N PRO B 56 -6.61 -47.59 -3.77
CA PRO B 56 -7.17 -48.28 -4.94
C PRO B 56 -7.94 -49.52 -4.54
N SER B 57 -8.88 -49.91 -5.40
CA SER B 57 -9.57 -51.18 -5.24
C SER B 57 -8.56 -52.28 -4.88
N GLY B 58 -8.83 -52.97 -3.77
CA GLY B 58 -7.97 -54.04 -3.30
C GLY B 58 -7.17 -53.67 -2.06
N VAL B 59 -6.63 -52.45 -2.02
CA VAL B 59 -5.77 -52.09 -0.90
C VAL B 59 -6.60 -52.02 0.38
N PRO B 60 -6.20 -52.71 1.46
CA PRO B 60 -6.96 -52.65 2.71
C PRO B 60 -6.86 -51.28 3.35
N ASP B 61 -7.79 -51.02 4.28
CA ASP B 61 -7.88 -49.71 4.92
C ASP B 61 -6.85 -49.52 6.03
N ARG B 62 -5.98 -50.50 6.25
CA ARG B 62 -4.88 -50.28 7.23
C ARG B 62 -3.94 -49.20 6.68
N PHE B 63 -3.96 -48.98 5.37
CA PHE B 63 -3.11 -47.98 4.74
C PHE B 63 -3.87 -46.67 4.58
N SER B 64 -3.34 -45.59 5.16
CA SER B 64 -3.96 -44.28 5.04
C SER B 64 -2.90 -43.26 4.63
N GLY B 65 -3.37 -42.13 4.11
CA GLY B 65 -2.49 -41.09 3.67
C GLY B 65 -2.85 -39.77 4.34
N SER B 66 -1.88 -38.87 4.36
CA SER B 66 -2.07 -37.62 5.07
C SER B 66 -1.07 -36.60 4.57
N ILE B 67 -1.48 -35.32 4.56
CA ILE B 67 -0.62 -34.19 4.18
C ILE B 67 -0.25 -33.44 5.45
N ASP B 68 0.96 -32.85 5.47
CA ASP B 68 1.39 -31.92 6.52
C ASP B 68 2.19 -30.80 5.86
N SER B 69 1.51 -29.75 5.42
CA SER B 69 2.19 -28.66 4.72
C SER B 69 3.09 -27.85 5.63
N SER B 70 2.93 -27.97 6.95
CA SER B 70 3.81 -27.24 7.86
C SER B 70 5.25 -27.74 7.75
N SER B 71 5.47 -29.03 7.47
CA SER B 71 6.81 -29.55 7.22
C SER B 71 7.07 -29.88 5.76
N ASN B 72 6.13 -29.58 4.86
CA ASN B 72 6.24 -29.89 3.43
C ASN B 72 6.45 -31.38 3.19
N SER B 73 5.76 -32.19 3.99
CA SER B 73 5.84 -33.62 3.86
C SER B 73 4.43 -34.20 3.76
N VAL B 74 4.38 -35.40 3.19
CA VAL B 74 3.20 -36.23 3.29
C VAL B 74 3.63 -37.53 3.94
N SER B 75 2.65 -38.27 4.43
CA SER B 75 2.97 -39.45 5.18
C SER B 75 2.02 -40.57 4.78
N LEU B 76 2.63 -41.74 4.59
CA LEU B 76 1.93 -43.00 4.50
C LEU B 76 2.02 -43.66 5.86
N THR B 77 0.89 -44.20 6.33
CA THR B 77 0.81 -44.82 7.66
C THR B 77 0.13 -46.17 7.53
N ILE B 78 0.72 -47.18 8.17
CA ILE B 78 0.12 -48.49 8.27
C ILE B 78 -0.10 -48.76 9.75
N SER B 79 -1.36 -48.95 10.13
CA SER B 79 -1.72 -49.51 11.43
C SER B 79 -2.08 -50.98 11.25
N GLY B 80 -2.10 -51.70 12.36
CA GLY B 80 -2.38 -53.12 12.27
C GLY B 80 -1.35 -53.80 11.39
N LEU B 81 -0.08 -53.51 11.67
CA LEU B 81 1.00 -53.98 10.82
C LEU B 81 0.96 -55.49 10.71
N LYS B 82 1.04 -56.00 9.49
CA LYS B 82 0.95 -57.43 9.24
C LYS B 82 2.15 -57.86 8.41
N THR B 83 2.69 -59.05 8.72
CA THR B 83 3.97 -59.46 8.16
C THR B 83 3.97 -59.36 6.64
N GLU B 84 2.83 -59.61 6.00
CA GLU B 84 2.79 -59.49 4.55
C GLU B 84 3.09 -58.07 4.08
N ASP B 85 3.00 -57.08 4.96
CA ASP B 85 3.28 -55.70 4.55
C ASP B 85 4.77 -55.38 4.46
N GLU B 86 5.65 -56.30 4.84
CA GLU B 86 7.09 -56.07 4.77
C GLU B 86 7.48 -55.89 3.31
N ALA B 87 7.97 -54.71 2.95
CA ALA B 87 8.25 -54.40 1.54
C ALA B 87 9.00 -53.08 1.43
N ASP B 88 9.21 -52.66 0.19
CA ASP B 88 9.73 -51.34 -0.13
C ASP B 88 8.59 -50.39 -0.50
N TYR B 89 8.64 -49.14 -0.03
CA TYR B 89 7.59 -48.17 -0.32
C TYR B 89 8.16 -46.93 -0.96
N TYR B 90 7.55 -46.47 -2.04
CA TYR B 90 7.98 -45.27 -2.72
C TYR B 90 6.84 -44.25 -2.78
N CYS B 91 7.17 -42.98 -2.56
CA CYS B 91 6.23 -41.89 -2.88
C CYS B 91 6.61 -41.26 -4.22
N GLN B 92 5.62 -40.65 -4.87
CA GLN B 92 5.82 -40.03 -6.18
C GLN B 92 4.90 -38.81 -6.34
N SER B 93 5.34 -37.84 -7.14
CA SER B 93 4.51 -36.68 -7.45
C SER B 93 4.85 -36.21 -8.84
N TYR B 94 4.35 -35.02 -9.20
CA TYR B 94 4.61 -34.46 -10.55
C TYR B 94 4.53 -32.94 -10.51
N ASP B 95 5.64 -32.27 -10.81
CA ASP B 95 5.63 -30.79 -10.90
C ASP B 95 6.43 -30.42 -12.14
N SER B 96 6.21 -29.23 -12.69
CA SER B 96 6.90 -28.88 -13.97
C SER B 96 6.43 -29.91 -14.99
N SER B 97 7.37 -30.50 -15.74
CA SER B 97 6.97 -31.58 -16.69
C SER B 97 7.72 -32.85 -16.24
N ASN B 98 7.90 -33.04 -14.93
CA ASN B 98 8.65 -34.19 -14.49
C ASN B 98 7.85 -34.95 -13.46
N TRP B 99 7.94 -36.28 -13.50
CA TRP B 99 7.46 -37.09 -12.41
C TRP B 99 8.65 -37.51 -11.58
N VAL B 100 8.50 -37.50 -10.25
CA VAL B 100 9.59 -37.75 -9.32
C VAL B 100 9.23 -38.89 -8.39
N PHE B 101 10.18 -39.79 -8.16
CA PHE B 101 10.02 -40.82 -7.16
C PHE B 101 10.87 -40.50 -5.93
N GLY B 102 10.36 -40.85 -4.75
CA GLY B 102 11.14 -40.75 -3.55
C GLY B 102 12.24 -41.81 -3.48
N GLY B 103 13.11 -41.67 -2.49
CA GLY B 103 14.24 -42.56 -2.37
C GLY B 103 13.83 -43.99 -2.12
N GLY B 104 12.61 -44.20 -1.66
CA GLY B 104 12.18 -45.49 -1.17
C GLY B 104 12.56 -45.70 0.29
N THR B 105 11.82 -46.58 0.93
CA THR B 105 11.99 -46.85 2.35
C THR B 105 11.72 -48.33 2.52
N LYS B 106 12.57 -49.01 3.29
CA LYS B 106 12.47 -50.46 3.50
C LYS B 106 11.78 -50.70 4.83
N LEU B 107 10.47 -50.93 4.77
CA LEU B 107 9.72 -51.34 5.94
C LEU B 107 10.08 -52.76 6.34
N THR B 108 10.21 -53.00 7.65
CA THR B 108 10.51 -54.32 8.18
C THR B 108 9.53 -54.65 9.28
N VAL B 109 8.71 -55.67 9.07
CA VAL B 109 7.91 -56.23 10.14
C VAL B 109 8.80 -57.16 10.94
N LEU B 110 8.87 -56.95 12.25
CA LEU B 110 9.91 -57.57 13.06
C LEU B 110 9.50 -58.98 13.47
N GLY B 111 10.43 -59.93 13.27
CA GLY B 111 10.20 -61.32 13.62
C GLY B 111 11.20 -61.86 14.62
N GLN B 112 12.23 -61.06 14.91
CA GLN B 112 13.32 -61.43 15.81
C GLN B 112 13.93 -60.16 16.37
N PRO B 113 14.64 -60.24 17.49
CA PRO B 113 15.28 -59.05 18.05
C PRO B 113 16.30 -58.42 17.10
N LYS B 114 16.35 -57.09 17.10
CA LYS B 114 17.27 -56.34 16.26
C LYS B 114 18.71 -56.66 16.67
N ALA B 115 19.60 -56.72 15.69
CA ALA B 115 20.98 -57.09 16.00
C ALA B 115 21.94 -56.08 15.41
N ALA B 116 22.89 -55.63 16.22
CA ALA B 116 23.92 -54.72 15.73
C ALA B 116 24.81 -55.42 14.70
N PRO B 117 25.20 -54.73 13.63
CA PRO B 117 26.02 -55.37 12.60
C PRO B 117 27.44 -55.68 13.08
N SER B 118 28.01 -56.74 12.49
CA SER B 118 29.41 -57.12 12.69
C SER B 118 30.16 -56.69 11.43
N VAL B 119 31.27 -55.94 11.60
CA VAL B 119 31.92 -55.31 10.45
C VAL B 119 33.39 -55.67 10.45
N THR B 120 33.87 -56.14 9.29
CA THR B 120 35.26 -56.56 9.11
C THR B 120 35.81 -55.98 7.82
N LEU B 121 36.98 -55.33 7.89
CA LEU B 121 37.57 -54.67 6.73
C LEU B 121 38.87 -55.36 6.35
N PHE B 122 38.86 -56.08 5.22
CA PHE B 122 40.03 -56.81 4.73
C PHE B 122 40.81 -55.93 3.77
N PRO B 123 42.06 -55.60 4.05
CA PRO B 123 42.87 -54.83 3.10
C PRO B 123 43.16 -55.66 1.86
N PRO B 124 43.61 -55.04 0.78
CA PRO B 124 44.05 -55.81 -0.38
C PRO B 124 45.20 -56.72 0.02
N SER B 125 45.25 -57.90 -0.60
CA SER B 125 46.26 -58.88 -0.26
C SER B 125 47.48 -58.74 -1.18
N SER B 126 48.62 -59.22 -0.66
CA SER B 126 49.86 -59.12 -1.42
C SER B 126 49.75 -59.83 -2.76
N GLU B 127 48.91 -60.87 -2.84
CA GLU B 127 48.68 -61.56 -4.10
C GLU B 127 48.16 -60.60 -5.16
N GLU B 128 47.08 -59.87 -4.83
CA GLU B 128 46.48 -58.96 -5.80
C GLU B 128 47.40 -57.80 -6.11
N LEU B 129 48.07 -57.26 -5.09
CA LEU B 129 48.92 -56.09 -5.30
C LEU B 129 49.94 -56.33 -6.40
N GLN B 130 50.50 -57.55 -6.45
CA GLN B 130 51.40 -57.98 -7.50
C GLN B 130 50.70 -58.17 -8.84
N ALA B 131 49.38 -58.14 -8.86
CA ALA B 131 48.62 -58.12 -10.10
C ALA B 131 48.26 -56.71 -10.56
N ASN B 132 48.80 -55.68 -9.91
CA ASN B 132 48.62 -54.28 -10.30
C ASN B 132 47.19 -53.78 -10.05
N LYS B 133 46.45 -54.44 -9.17
CA LYS B 133 45.15 -53.98 -8.72
C LYS B 133 45.13 -54.02 -7.20
N ALA B 134 44.13 -53.32 -6.62
CA ALA B 134 43.95 -53.24 -5.19
C ALA B 134 42.47 -53.09 -4.86
N THR B 135 41.98 -53.93 -3.95
CA THR B 135 40.57 -53.94 -3.61
C THR B 135 40.39 -54.07 -2.10
N LEU B 136 39.63 -53.15 -1.51
CA LEU B 136 39.26 -53.19 -0.09
C LEU B 136 37.86 -53.79 0.05
N VAL B 137 37.70 -54.69 1.01
CA VAL B 137 36.49 -55.49 1.13
C VAL B 137 35.88 -55.23 2.49
N CYS B 138 34.61 -54.83 2.50
CA CYS B 138 33.91 -54.58 3.75
C CYS B 138 32.80 -55.60 3.84
N LEU B 139 32.91 -56.50 4.83
CA LEU B 139 31.91 -57.51 5.09
C LEU B 139 31.13 -57.12 6.33
N ILE B 140 29.82 -57.08 6.20
CA ILE B 140 28.95 -56.70 7.30
C ILE B 140 28.00 -57.87 7.50
N SER B 141 27.85 -58.27 8.76
CA SER B 141 27.20 -59.54 9.06
C SER B 141 26.38 -59.44 10.34
N ASP B 142 25.40 -60.34 10.44
CA ASP B 142 24.73 -60.66 11.70
C ASP B 142 23.87 -59.53 12.25
N PHE B 143 23.22 -58.77 11.37
CA PHE B 143 22.35 -57.70 11.82
C PHE B 143 20.92 -58.03 11.44
N TYR B 144 19.97 -57.86 12.39
CA TYR B 144 18.63 -58.30 12.01
C TYR B 144 17.99 -57.34 11.02
N PRO B 145 17.66 -56.10 11.38
CA PRO B 145 16.93 -55.29 10.41
C PRO B 145 17.78 -55.20 9.15
N GLY B 146 17.39 -55.87 8.08
CA GLY B 146 18.25 -55.99 6.92
C GLY B 146 18.37 -54.75 6.06
N ALA B 147 18.58 -53.61 6.71
CA ALA B 147 18.84 -52.35 6.04
C ALA B 147 20.16 -51.81 6.56
N VAL B 148 20.91 -51.16 5.68
CA VAL B 148 22.25 -50.73 6.02
C VAL B 148 22.69 -49.75 4.96
N THR B 149 23.51 -48.79 5.35
CA THR B 149 24.18 -47.94 4.38
C THR B 149 25.67 -47.89 4.72
N VAL B 150 26.48 -47.67 3.68
CA VAL B 150 27.92 -47.80 3.77
C VAL B 150 28.55 -46.59 3.12
N ALA B 151 29.58 -46.05 3.74
CA ALA B 151 30.32 -44.91 3.22
C ALA B 151 31.81 -45.22 3.31
N TRP B 152 32.56 -44.77 2.31
CA TRP B 152 33.99 -44.96 2.28
C TRP B 152 34.65 -43.60 2.46
N LYS B 153 35.75 -43.58 3.21
CA LYS B 153 36.49 -42.36 3.47
C LYS B 153 37.98 -42.65 3.35
N ALA B 154 38.70 -41.74 2.75
CA ALA B 154 40.16 -41.79 2.72
C ALA B 154 40.67 -40.59 3.52
N ASP B 155 40.97 -40.81 4.80
CA ASP B 155 41.39 -39.75 5.73
C ASP B 155 40.28 -38.73 5.92
N SER B 156 39.07 -39.22 6.18
CA SER B 156 37.90 -38.38 6.46
C SER B 156 37.41 -37.64 5.22
N SER B 157 38.16 -37.71 4.13
CA SER B 157 37.67 -37.24 2.84
C SER B 157 36.83 -38.34 2.21
N PRO B 158 35.54 -38.13 2.00
CA PRO B 158 34.69 -39.20 1.46
C PRO B 158 35.12 -39.62 0.04
N VAL B 159 35.20 -40.93 -0.15
CA VAL B 159 35.46 -41.54 -1.46
C VAL B 159 34.14 -41.87 -2.11
N LYS B 160 33.97 -41.51 -3.38
CA LYS B 160 32.77 -41.86 -4.12
C LYS B 160 33.03 -42.85 -5.26
N ALA B 161 34.05 -42.63 -6.07
CA ALA B 161 34.32 -43.47 -7.23
C ALA B 161 34.78 -44.86 -6.82
N GLY B 162 34.34 -45.86 -7.58
CA GLY B 162 34.77 -47.22 -7.34
C GLY B 162 34.23 -47.81 -6.07
N VAL B 163 32.92 -47.66 -5.82
CA VAL B 163 32.25 -48.30 -4.70
C VAL B 163 31.03 -49.03 -5.23
N GLU B 164 30.89 -50.29 -4.85
CA GLU B 164 29.75 -51.15 -5.20
C GLU B 164 29.36 -51.93 -3.95
N THR B 165 28.06 -52.12 -3.73
CA THR B 165 27.64 -52.70 -2.46
C THR B 165 26.40 -53.58 -2.61
N THR B 166 26.45 -54.72 -1.91
CA THR B 166 25.41 -55.73 -1.95
C THR B 166 24.18 -55.26 -1.21
N THR B 167 23.02 -55.48 -1.78
CA THR B 167 21.94 -55.25 -0.84
C THR B 167 21.77 -56.48 0.04
N PRO B 168 21.43 -56.30 1.32
CA PRO B 168 21.55 -57.41 2.28
C PRO B 168 20.70 -58.61 1.93
N SER B 169 21.22 -59.78 2.32
CA SER B 169 20.68 -61.10 2.00
C SER B 169 20.67 -61.92 3.27
N LYS B 170 19.64 -62.72 3.46
CA LYS B 170 19.58 -63.54 4.67
C LYS B 170 20.71 -64.58 4.66
N GLN B 171 21.36 -64.75 5.81
CA GLN B 171 22.37 -65.78 5.97
C GLN B 171 21.75 -66.98 6.69
N SER B 172 22.54 -68.03 6.89
CA SER B 172 22.00 -69.24 7.49
C SER B 172 21.56 -69.03 8.92
N ASN B 173 22.03 -67.93 9.55
CA ASN B 173 21.67 -67.49 10.90
C ASN B 173 20.23 -67.06 11.02
N ASN B 174 19.57 -66.80 9.91
CA ASN B 174 18.33 -66.06 9.74
C ASN B 174 18.54 -64.55 9.91
N LYS B 175 19.77 -64.10 10.22
CA LYS B 175 20.08 -62.68 10.22
C LYS B 175 20.53 -62.26 8.82
N TYR B 176 21.00 -61.03 8.67
CA TYR B 176 21.33 -60.50 7.36
C TYR B 176 22.81 -60.19 7.30
N ALA B 177 23.28 -59.94 6.10
CA ALA B 177 24.69 -59.66 5.91
C ALA B 177 24.81 -58.97 4.58
N ALA B 178 25.89 -58.22 4.42
CA ALA B 178 26.04 -57.44 3.21
C ALA B 178 27.51 -57.11 3.05
N SER B 179 27.86 -56.66 1.85
CA SER B 179 29.28 -56.56 1.52
C SER B 179 29.46 -55.36 0.61
N SER B 180 30.58 -54.65 0.79
CA SER B 180 30.87 -53.45 0.02
C SER B 180 32.34 -53.47 -0.36
N TYR B 181 32.64 -53.10 -1.60
CA TYR B 181 34.02 -53.07 -2.10
C TYR B 181 34.39 -51.67 -2.58
N LEU B 182 35.63 -51.23 -2.27
CA LEU B 182 36.24 -50.03 -2.85
C LEU B 182 37.43 -50.45 -3.72
N SER B 183 37.28 -50.34 -5.04
CA SER B 183 38.35 -50.71 -5.96
C SER B 183 39.36 -49.58 -6.10
N LEU B 184 40.64 -49.94 -6.09
CA LEU B 184 41.69 -48.93 -6.12
C LEU B 184 42.85 -49.38 -7.00
N THR B 185 43.51 -48.40 -7.59
CA THR B 185 44.82 -48.61 -8.17
C THR B 185 45.86 -48.71 -7.04
N PRO B 186 46.86 -49.58 -7.17
CA PRO B 186 47.84 -49.73 -6.08
C PRO B 186 48.67 -48.48 -5.84
N GLU B 187 48.72 -47.54 -6.79
CA GLU B 187 49.34 -46.25 -6.52
C GLU B 187 48.54 -45.47 -5.49
N GLN B 188 47.23 -45.36 -5.71
CA GLN B 188 46.38 -44.60 -4.77
C GLN B 188 46.29 -45.37 -3.44
N TRP B 189 46.37 -46.71 -3.49
CA TRP B 189 46.23 -47.46 -2.25
C TRP B 189 47.32 -47.10 -1.26
N LYS B 190 48.52 -46.76 -1.74
CA LYS B 190 49.60 -46.35 -0.86
C LYS B 190 49.75 -44.85 -0.75
N SER B 191 48.87 -44.09 -1.41
CA SER B 191 48.95 -42.63 -1.45
C SER B 191 48.15 -41.95 -0.34
N HIS B 192 47.47 -42.72 0.51
CA HIS B 192 46.72 -42.17 1.63
C HIS B 192 47.16 -42.87 2.91
N ARG B 193 46.94 -42.19 4.03
CA ARG B 193 47.40 -42.74 5.29
C ARG B 193 46.54 -43.91 5.74
N SER B 194 45.25 -43.88 5.44
CA SER B 194 44.36 -44.96 5.85
C SER B 194 43.06 -44.86 5.06
N TYR B 195 42.27 -45.91 5.15
CA TYR B 195 40.96 -46.00 4.52
C TYR B 195 39.98 -46.51 5.56
N SER B 196 38.73 -46.15 5.38
CA SER B 196 37.73 -46.42 6.40
C SER B 196 36.44 -46.86 5.73
N CYS B 197 35.72 -47.75 6.41
CA CYS B 197 34.44 -48.27 5.96
C CYS B 197 33.40 -47.89 7.01
N GLN B 198 32.43 -47.07 6.63
CA GLN B 198 31.43 -46.60 7.57
C GLN B 198 30.12 -47.31 7.29
N VAL B 199 29.57 -47.92 8.33
CA VAL B 199 28.35 -48.69 8.24
C VAL B 199 27.32 -48.03 9.13
N THR B 200 26.10 -47.95 8.62
CA THR B 200 25.05 -47.28 9.36
C THR B 200 23.88 -48.22 9.45
N HIS B 201 23.35 -48.39 10.65
CA HIS B 201 22.30 -49.36 10.87
C HIS B 201 21.50 -48.88 12.05
N GLU B 202 20.19 -48.76 11.87
CA GLU B 202 19.29 -48.33 12.93
C GLU B 202 19.66 -46.96 13.52
N GLY B 203 20.23 -46.07 12.70
CA GLY B 203 20.73 -44.79 13.16
C GLY B 203 21.97 -44.85 14.03
N SER B 204 22.88 -45.76 13.76
CA SER B 204 24.08 -45.93 14.55
C SER B 204 25.21 -46.26 13.58
N THR B 205 26.37 -45.61 13.72
CA THR B 205 27.42 -45.72 12.70
C THR B 205 28.69 -46.32 13.28
N VAL B 206 29.06 -47.50 12.79
CA VAL B 206 30.29 -48.20 13.09
C VAL B 206 31.24 -48.01 11.93
N GLU B 207 32.53 -47.81 12.22
CA GLU B 207 33.55 -47.74 11.18
C GLU B 207 34.70 -48.65 11.62
N LYS B 208 35.44 -49.11 10.60
CA LYS B 208 36.68 -49.89 10.83
C LYS B 208 37.68 -49.29 9.84
N THR B 209 38.97 -49.28 10.18
CA THR B 209 39.99 -48.62 9.36
C THR B 209 41.16 -49.55 9.06
N VAL B 210 41.66 -49.51 7.82
CA VAL B 210 42.85 -50.27 7.44
C VAL B 210 43.86 -49.34 6.76
N ALA B 211 45.11 -49.40 7.22
CA ALA B 211 46.20 -48.57 6.73
C ALA B 211 47.11 -49.35 5.79
N PRO B 212 47.64 -48.70 4.75
CA PRO B 212 48.42 -49.43 3.74
C PRO B 212 49.69 -50.02 4.28
N THR B 213 50.14 -49.60 5.45
CA THR B 213 51.44 -50.03 5.94
C THR B 213 51.42 -51.45 6.54
N ASN C 4 -22.43 -27.47 -28.74
CA ASN C 4 -21.59 -26.29 -28.54
C ASN C 4 -20.75 -26.40 -27.27
N LEU C 5 -19.47 -26.04 -27.36
CA LEU C 5 -18.54 -26.28 -26.27
C LEU C 5 -18.54 -25.12 -25.27
N CYS C 6 -18.05 -25.41 -24.06
CA CYS C 6 -18.15 -24.49 -22.93
C CYS C 6 -17.09 -23.40 -23.02
N PRO C 7 -17.36 -22.22 -22.40
CA PRO C 7 -16.43 -21.10 -22.48
C PRO C 7 -15.34 -21.12 -21.40
N PHE C 8 -14.68 -22.26 -21.26
CA PHE C 8 -13.53 -22.29 -20.36
C PHE C 8 -12.44 -21.36 -20.86
N GLY C 9 -12.24 -21.31 -22.17
CA GLY C 9 -11.22 -20.43 -22.71
C GLY C 9 -11.45 -18.99 -22.31
N GLU C 10 -12.71 -18.57 -22.28
CA GLU C 10 -13.04 -17.22 -21.81
C GLU C 10 -12.63 -17.03 -20.35
N VAL C 11 -12.59 -18.09 -19.56
CA VAL C 11 -12.18 -18.01 -18.17
C VAL C 11 -10.65 -18.08 -18.02
N PHE C 12 -10.01 -19.07 -18.64
CA PHE C 12 -8.56 -19.18 -18.41
C PHE C 12 -7.78 -18.15 -19.23
N ASN C 13 -8.19 -17.87 -20.46
CA ASN C 13 -7.43 -17.01 -21.34
C ASN C 13 -7.87 -15.55 -21.30
N ALA C 14 -8.71 -15.15 -20.34
CA ALA C 14 -9.08 -13.75 -20.23
C ALA C 14 -7.82 -12.91 -20.04
N THR C 15 -7.68 -11.86 -20.84
CA THR C 15 -6.44 -11.08 -20.78
C THR C 15 -6.40 -10.39 -19.43
N ARG C 16 -7.58 -10.08 -18.91
CA ARG C 16 -7.69 -9.45 -17.57
C ARG C 16 -8.24 -10.46 -16.57
N PHE C 17 -7.65 -10.49 -15.37
CA PHE C 17 -8.11 -11.36 -14.26
C PHE C 17 -8.26 -10.45 -13.05
N ALA C 18 -9.23 -10.69 -12.18
CA ALA C 18 -9.47 -9.77 -11.07
C ALA C 18 -8.45 -9.78 -9.93
N SER C 19 -8.62 -8.83 -9.01
CA SER C 19 -7.94 -8.85 -7.72
C SER C 19 -8.67 -9.79 -6.80
N VAL C 20 -7.92 -10.44 -5.91
CA VAL C 20 -8.52 -11.49 -5.09
C VAL C 20 -9.64 -10.92 -4.21
N TYR C 21 -9.47 -9.71 -3.66
CA TYR C 21 -10.54 -9.15 -2.85
C TYR C 21 -11.81 -8.91 -3.67
N ALA C 22 -11.65 -8.60 -4.97
CA ALA C 22 -12.75 -8.45 -5.92
C ALA C 22 -12.80 -9.58 -6.95
N TRP C 23 -12.55 -10.81 -6.52
CA TRP C 23 -12.59 -11.99 -7.38
C TRP C 23 -13.86 -12.07 -8.20
N ASN C 24 -13.74 -12.69 -9.38
CA ASN C 24 -14.84 -12.83 -10.33
C ASN C 24 -15.53 -14.19 -10.19
N ARG C 25 -16.66 -14.33 -10.85
CA ARG C 25 -17.42 -15.57 -10.88
C ARG C 25 -18.17 -15.62 -12.19
N LYS C 26 -17.90 -16.62 -13.01
CA LYS C 26 -18.71 -16.87 -14.21
C LYS C 26 -19.50 -18.15 -14.01
N ARG C 27 -20.78 -18.09 -14.37
CA ARG C 27 -21.63 -19.30 -14.30
C ARG C 27 -21.59 -19.96 -15.67
N ILE C 28 -21.29 -21.24 -15.71
CA ILE C 28 -21.17 -22.00 -16.95
C ILE C 28 -22.35 -22.95 -17.01
N SER C 29 -23.17 -22.85 -18.05
CA SER C 29 -24.27 -23.80 -18.20
C SER C 29 -24.71 -23.91 -19.66
N ASN C 30 -25.38 -25.04 -19.95
CA ASN C 30 -25.88 -25.41 -21.28
C ASN C 30 -24.75 -25.49 -22.32
N CYS C 31 -23.79 -26.37 -22.05
CA CYS C 31 -22.70 -26.64 -22.98
C CYS C 31 -22.01 -27.94 -22.60
N VAL C 32 -21.09 -28.40 -23.45
CA VAL C 32 -20.30 -29.60 -23.21
C VAL C 32 -18.89 -29.19 -22.83
N ALA C 33 -18.40 -29.74 -21.72
CA ALA C 33 -17.10 -29.40 -21.14
C ALA C 33 -16.14 -30.57 -21.31
N ASP C 34 -15.06 -30.35 -22.07
CA ASP C 34 -14.00 -31.39 -22.18
C ASP C 34 -12.95 -31.06 -21.12
N TYR C 35 -13.24 -31.38 -19.87
CA TYR C 35 -12.36 -31.05 -18.76
C TYR C 35 -10.94 -31.51 -19.02
N SER C 36 -10.78 -32.55 -19.84
CA SER C 36 -9.45 -33.10 -20.13
C SER C 36 -8.49 -32.07 -20.70
N VAL C 37 -9.02 -31.02 -21.36
CA VAL C 37 -8.17 -29.92 -21.80
C VAL C 37 -7.55 -29.23 -20.58
N LEU C 38 -8.19 -29.34 -19.44
CA LEU C 38 -7.63 -28.72 -18.26
C LEU C 38 -6.70 -29.69 -17.54
N TYR C 39 -7.24 -30.83 -17.08
CA TYR C 39 -6.43 -31.64 -16.17
C TYR C 39 -5.20 -32.25 -16.84
N ASN C 40 -5.23 -32.41 -18.15
CA ASN C 40 -4.05 -32.87 -18.85
C ASN C 40 -3.05 -31.78 -19.17
N SER C 41 -3.33 -30.52 -18.86
CA SER C 41 -2.39 -29.46 -19.23
C SER C 41 -1.20 -29.43 -18.28
N ALA C 42 0.01 -29.53 -18.84
CA ALA C 42 1.22 -29.53 -18.04
C ALA C 42 1.57 -28.15 -17.50
N SER C 43 0.84 -27.11 -17.91
CA SER C 43 1.18 -25.73 -17.62
C SER C 43 0.61 -25.20 -16.30
N PHE C 44 -0.45 -25.81 -15.76
CA PHE C 44 -0.90 -25.41 -14.43
C PHE C 44 0.15 -25.81 -13.41
N SER C 45 0.34 -24.99 -12.40
CA SER C 45 1.31 -25.34 -11.38
C SER C 45 0.69 -26.16 -10.27
N THR C 46 -0.64 -26.31 -10.27
CA THR C 46 -1.39 -26.82 -9.14
C THR C 46 -2.72 -27.27 -9.71
N PHE C 47 -3.16 -28.48 -9.35
CA PHE C 47 -4.43 -28.95 -9.88
C PHE C 47 -4.94 -30.05 -8.96
N LYS C 48 -5.90 -29.73 -8.12
CA LYS C 48 -6.52 -30.75 -7.30
C LYS C 48 -8.03 -30.61 -7.32
N CYS C 49 -8.73 -31.71 -7.47
CA CYS C 49 -10.16 -31.72 -7.22
C CYS C 49 -10.40 -32.24 -5.82
N TYR C 50 -11.53 -31.87 -5.24
CA TYR C 50 -11.94 -32.31 -3.92
C TYR C 50 -13.31 -32.93 -4.05
N GLY C 51 -13.55 -34.02 -3.34
CA GLY C 51 -14.81 -34.70 -3.50
C GLY C 51 -15.08 -35.33 -4.87
N VAL C 52 -14.18 -35.16 -5.85
CA VAL C 52 -14.30 -35.84 -7.12
C VAL C 52 -12.92 -36.28 -7.56
N SER C 53 -12.84 -37.45 -8.20
CA SER C 53 -11.55 -37.73 -8.82
C SER C 53 -11.52 -37.14 -10.24
N PRO C 54 -10.46 -36.39 -10.61
CA PRO C 54 -10.42 -35.75 -11.93
C PRO C 54 -10.74 -36.67 -13.11
N THR C 55 -10.52 -37.98 -12.97
CA THR C 55 -10.87 -38.90 -14.04
C THR C 55 -12.35 -38.76 -14.41
N LYS C 56 -13.21 -38.76 -13.39
CA LYS C 56 -14.64 -38.86 -13.58
C LYS C 56 -15.27 -37.59 -14.14
N LEU C 57 -14.52 -36.48 -14.24
CA LEU C 57 -15.12 -35.22 -14.67
C LEU C 57 -15.75 -35.33 -16.05
N ASN C 58 -15.04 -35.91 -17.01
CA ASN C 58 -15.57 -36.03 -18.37
C ASN C 58 -16.73 -37.02 -18.47
N ASP C 59 -16.99 -37.81 -17.44
CA ASP C 59 -18.10 -38.75 -17.46
C ASP C 59 -19.26 -38.28 -16.57
N LEU C 60 -19.30 -36.99 -16.22
CA LEU C 60 -20.21 -36.44 -15.22
C LEU C 60 -21.09 -35.31 -15.79
N CYS C 61 -22.20 -35.06 -15.10
CA CYS C 61 -23.21 -34.09 -15.53
C CYS C 61 -23.71 -33.26 -14.35
N PHE C 62 -23.42 -31.96 -14.34
CA PHE C 62 -23.86 -31.06 -13.27
C PHE C 62 -24.95 -30.08 -13.75
N THR C 63 -25.72 -29.58 -12.79
CA THR C 63 -26.68 -28.52 -13.08
C THR C 63 -26.01 -27.23 -13.50
N ASN C 64 -24.94 -26.83 -12.80
CA ASN C 64 -24.18 -25.63 -13.11
C ASN C 64 -22.71 -25.86 -12.73
N VAL C 65 -21.84 -25.02 -13.29
CA VAL C 65 -20.44 -24.99 -12.93
C VAL C 65 -20.04 -23.54 -12.76
N TYR C 66 -19.40 -23.20 -11.64
CA TYR C 66 -19.09 -21.83 -11.26
C TYR C 66 -17.58 -21.60 -11.21
N ALA C 67 -17.04 -20.92 -12.24
CA ALA C 67 -15.63 -20.53 -12.26
C ALA C 67 -15.43 -19.22 -11.51
N ASP C 68 -14.65 -19.25 -10.42
CA ASP C 68 -14.21 -18.06 -9.72
C ASP C 68 -12.75 -17.86 -10.08
N SER C 69 -12.35 -16.61 -10.31
CA SER C 69 -10.96 -16.38 -10.80
C SER C 69 -10.35 -15.17 -10.11
N PHE C 70 -9.08 -15.27 -9.73
CA PHE C 70 -8.37 -14.13 -9.14
C PHE C 70 -6.87 -14.36 -9.25
N VAL C 71 -6.11 -13.39 -8.74
CA VAL C 71 -4.65 -13.42 -8.73
C VAL C 71 -4.16 -13.28 -7.29
N ILE C 72 -3.33 -14.20 -6.85
CA ILE C 72 -2.72 -14.12 -5.54
C ILE C 72 -1.21 -14.29 -5.72
N ARG C 73 -0.46 -14.23 -4.63
CA ARG C 73 0.94 -14.49 -4.83
C ARG C 73 1.27 -15.98 -4.56
N GLY C 74 2.47 -16.38 -4.96
CA GLY C 74 2.85 -17.77 -4.92
C GLY C 74 2.51 -18.51 -3.64
N ASP C 75 3.09 -18.12 -2.52
CA ASP C 75 2.89 -18.89 -1.30
C ASP C 75 1.54 -18.67 -0.66
N GLU C 76 0.66 -17.89 -1.28
CA GLU C 76 -0.71 -17.82 -0.79
C GLU C 76 -1.59 -18.90 -1.39
N VAL C 77 -1.07 -19.64 -2.38
CA VAL C 77 -1.93 -20.56 -3.12
C VAL C 77 -2.31 -21.72 -2.21
N ARG C 78 -1.51 -21.95 -1.18
CA ARG C 78 -1.81 -23.04 -0.23
C ARG C 78 -3.04 -22.67 0.59
N GLN C 79 -3.54 -21.44 0.44
CA GLN C 79 -4.69 -20.99 1.28
C GLN C 79 -6.04 -21.14 0.58
N ILE C 80 -6.03 -21.29 -0.74
CA ILE C 80 -7.30 -21.39 -1.51
C ILE C 80 -8.04 -22.65 -1.03
N ALA C 81 -7.32 -23.73 -0.75
CA ALA C 81 -7.95 -25.03 -0.42
C ALA C 81 -8.78 -24.94 0.85
N PRO C 82 -9.90 -25.72 0.97
CA PRO C 82 -10.83 -25.61 2.10
C PRO C 82 -10.27 -25.98 3.48
N GLY C 83 -10.76 -25.29 4.53
CA GLY C 83 -10.28 -25.52 5.90
C GLY C 83 -9.01 -24.75 6.17
N GLN C 84 -8.61 -23.89 5.23
CA GLN C 84 -7.34 -23.14 5.38
C GLN C 84 -7.60 -21.79 6.04
N THR C 85 -6.58 -21.22 6.68
CA THR C 85 -6.67 -19.90 7.29
C THR C 85 -5.48 -19.05 6.85
N GLY C 86 -5.47 -17.80 7.30
CA GLY C 86 -4.52 -16.83 6.84
C GLY C 86 -5.19 -15.71 6.07
N LYS C 87 -4.34 -14.81 5.57
CA LYS C 87 -4.83 -13.54 5.04
C LYS C 87 -5.87 -13.75 3.95
N ILE C 88 -5.54 -14.56 2.96
CA ILE C 88 -6.41 -14.72 1.80
C ILE C 88 -7.66 -15.49 2.18
N ALA C 89 -7.53 -16.50 3.04
CA ALA C 89 -8.69 -17.32 3.39
C ALA C 89 -9.61 -16.57 4.34
N ASP C 90 -9.05 -15.81 5.27
CA ASP C 90 -9.89 -15.14 6.25
C ASP C 90 -10.59 -13.90 5.69
N TYR C 91 -9.91 -13.12 4.83
CA TYR C 91 -10.38 -11.79 4.47
C TYR C 91 -10.67 -11.57 2.98
N ASN C 92 -10.22 -12.43 2.08
CA ASN C 92 -10.39 -12.20 0.65
C ASN C 92 -11.26 -13.25 -0.04
N TYR C 93 -10.99 -14.52 0.20
CA TYR C 93 -11.69 -15.59 -0.52
C TYR C 93 -11.63 -16.83 0.36
N LYS C 94 -12.79 -17.43 0.66
CA LYS C 94 -12.88 -18.52 1.62
C LYS C 94 -13.66 -19.66 1.00
N LEU C 95 -12.96 -20.90 0.85
CA LEU C 95 -13.82 -21.98 0.41
C LEU C 95 -14.49 -22.64 1.60
N PRO C 96 -15.65 -23.24 1.38
CA PRO C 96 -16.35 -23.94 2.46
C PRO C 96 -15.72 -25.29 2.78
N ASP C 97 -16.09 -25.83 3.93
CA ASP C 97 -15.56 -27.11 4.35
C ASP C 97 -16.10 -28.27 3.54
N ASP C 98 -17.34 -28.16 3.05
CA ASP C 98 -17.96 -29.22 2.24
C ASP C 98 -17.65 -29.07 0.75
N PHE C 99 -16.56 -28.39 0.39
CA PHE C 99 -16.28 -28.04 -0.99
C PHE C 99 -15.98 -29.26 -1.87
N THR C 100 -16.67 -29.34 -3.01
CA THR C 100 -16.46 -30.32 -4.07
C THR C 100 -16.08 -29.57 -5.33
N GLY C 101 -14.96 -29.90 -5.91
CA GLY C 101 -14.54 -29.15 -7.06
C GLY C 101 -13.05 -29.02 -7.06
N CYS C 102 -12.55 -28.28 -8.05
CA CYS C 102 -11.12 -28.25 -8.30
C CYS C 102 -10.59 -26.86 -8.05
N VAL C 103 -9.31 -26.79 -7.71
CA VAL C 103 -8.62 -25.52 -7.55
C VAL C 103 -7.42 -25.55 -8.45
N ILE C 104 -7.36 -24.62 -9.40
CA ILE C 104 -6.39 -24.63 -10.49
C ILE C 104 -5.60 -23.34 -10.44
N ALA C 105 -4.28 -23.44 -10.53
CA ALA C 105 -3.41 -22.27 -10.42
C ALA C 105 -2.31 -22.35 -11.48
N TRP C 106 -1.71 -21.20 -11.77
CA TRP C 106 -0.58 -21.15 -12.70
C TRP C 106 0.11 -19.79 -12.59
N ASN C 107 1.44 -19.82 -12.72
CA ASN C 107 2.26 -18.62 -12.53
C ASN C 107 2.07 -17.67 -13.71
N SER C 108 1.69 -16.41 -13.41
CA SER C 108 1.44 -15.43 -14.46
C SER C 108 2.53 -14.37 -14.55
N ASN C 109 3.72 -14.64 -13.99
CA ASN C 109 4.75 -13.61 -13.89
C ASN C 109 4.99 -12.92 -15.23
N ASN C 110 5.04 -13.68 -16.34
CA ASN C 110 5.21 -13.05 -17.65
C ASN C 110 4.03 -12.12 -17.99
N LEU C 111 2.85 -12.38 -17.44
CA LEU C 111 1.64 -11.65 -17.80
C LEU C 111 1.33 -10.50 -16.83
N ASP C 112 1.40 -10.75 -15.53
CA ASP C 112 0.93 -9.79 -14.53
C ASP C 112 2.06 -9.08 -13.79
N SER C 113 3.29 -9.17 -14.26
CA SER C 113 4.40 -8.44 -13.67
C SER C 113 4.83 -7.34 -14.63
N LYS C 114 5.23 -6.21 -14.08
CA LYS C 114 5.85 -5.18 -14.90
C LYS C 114 7.14 -4.74 -14.24
N VAL C 115 8.10 -4.33 -15.07
CA VAL C 115 9.30 -3.71 -14.54
C VAL C 115 8.90 -2.43 -13.80
N GLY C 116 9.18 -2.41 -12.49
CA GLY C 116 8.72 -1.37 -11.59
C GLY C 116 7.78 -1.90 -10.53
N GLY C 117 7.05 -2.95 -10.82
CA GLY C 117 6.07 -3.53 -9.91
C GLY C 117 4.71 -3.27 -10.47
N ASN C 118 3.83 -4.27 -10.47
CA ASN C 118 2.45 -4.04 -10.89
C ASN C 118 1.59 -3.97 -9.65
N TYR C 119 1.00 -2.80 -9.42
CA TYR C 119 0.28 -2.52 -8.19
C TYR C 119 -1.22 -2.64 -8.35
N ASN C 120 -1.72 -2.90 -9.57
CA ASN C 120 -3.15 -3.05 -9.81
C ASN C 120 -3.76 -4.21 -9.03
N TYR C 121 -2.96 -5.16 -8.53
CA TYR C 121 -3.48 -6.29 -7.79
C TYR C 121 -3.36 -6.03 -6.31
N LEU C 122 -4.48 -6.20 -5.59
CA LEU C 122 -4.58 -5.83 -4.18
C LEU C 122 -5.18 -6.96 -3.38
N TYR C 123 -4.98 -6.89 -2.07
CA TYR C 123 -5.57 -7.84 -1.12
C TYR C 123 -6.01 -7.08 0.12
N ARG C 124 -6.98 -7.65 0.81
CA ARG C 124 -7.52 -7.01 2.00
C ARG C 124 -6.75 -7.49 3.22
N LEU C 125 -6.20 -6.54 3.97
CA LEU C 125 -5.32 -6.80 5.09
C LEU C 125 -6.05 -6.88 6.43
N PHE C 126 -7.15 -6.15 6.61
CA PHE C 126 -7.88 -6.11 7.88
C PHE C 126 -9.36 -6.30 7.66
N ARG C 127 -10.02 -6.96 8.61
CA ARG C 127 -11.47 -7.10 8.57
C ARG C 127 -11.97 -7.46 9.97
N LYS C 128 -13.12 -6.88 10.36
CA LYS C 128 -13.66 -7.05 11.71
C LYS C 128 -14.10 -8.47 12.00
N SER C 129 -14.38 -9.26 10.97
CA SER C 129 -14.65 -10.69 11.14
C SER C 129 -14.30 -11.40 9.84
N ASN C 130 -14.20 -12.74 9.92
CA ASN C 130 -13.84 -13.54 8.75
C ASN C 130 -14.99 -13.61 7.76
N LEU C 131 -14.65 -13.77 6.49
CA LEU C 131 -15.65 -14.02 5.47
C LEU C 131 -16.38 -15.32 5.72
N LYS C 132 -17.65 -15.36 5.33
CA LYS C 132 -18.28 -16.65 5.12
C LYS C 132 -17.85 -17.17 3.74
N PRO C 133 -17.99 -18.47 3.50
CA PRO C 133 -17.56 -19.00 2.20
C PRO C 133 -18.20 -18.22 1.06
N PHE C 134 -17.37 -17.80 0.11
CA PHE C 134 -17.76 -17.23 -1.16
C PHE C 134 -18.29 -15.82 -1.02
N GLU C 135 -18.29 -15.27 0.19
CA GLU C 135 -18.54 -13.84 0.37
C GLU C 135 -17.44 -13.06 -0.32
N ARG C 136 -17.79 -11.85 -0.76
CA ARG C 136 -16.87 -10.97 -1.44
C ARG C 136 -17.03 -9.58 -0.84
N ASP C 137 -15.92 -8.94 -0.51
CA ASP C 137 -15.93 -7.70 0.26
C ASP C 137 -15.10 -6.65 -0.46
N ILE C 138 -15.75 -5.60 -0.96
CA ILE C 138 -15.05 -4.55 -1.69
C ILE C 138 -15.16 -3.21 -0.99
N SER C 139 -15.36 -3.24 0.33
CA SER C 139 -15.42 -2.00 1.10
C SER C 139 -14.05 -1.30 1.09
N THR C 140 -14.07 0.02 1.23
CA THR C 140 -12.84 0.76 1.52
C THR C 140 -12.92 1.54 2.84
N GLU C 141 -13.82 1.17 3.74
CA GLU C 141 -13.90 1.82 5.04
C GLU C 141 -12.58 1.65 5.79
N ILE C 142 -12.24 2.64 6.60
CA ILE C 142 -11.00 2.61 7.35
C ILE C 142 -11.16 1.72 8.56
N TYR C 143 -10.25 0.76 8.71
CA TYR C 143 -10.34 -0.24 9.77
C TYR C 143 -9.92 0.36 11.10
N GLN C 144 -10.76 0.21 12.13
CA GLN C 144 -10.41 0.68 13.48
C GLN C 144 -9.70 -0.44 14.23
N ALA C 145 -8.38 -0.54 14.00
CA ALA C 145 -7.60 -1.49 14.77
C ALA C 145 -7.50 -1.10 16.24
N GLY C 146 -7.75 0.18 16.54
CA GLY C 146 -7.47 0.74 17.84
C GLY C 146 -8.73 1.20 18.56
N SER C 147 -8.55 1.50 19.84
CA SER C 147 -9.66 1.89 20.69
C SER C 147 -10.23 3.25 20.33
N THR C 148 -9.47 4.09 19.64
CA THR C 148 -9.92 5.45 19.33
C THR C 148 -10.87 5.43 18.13
N PRO C 149 -12.02 6.11 18.20
CA PRO C 149 -12.91 6.18 17.03
C PRO C 149 -12.23 6.89 15.88
N CYS C 150 -12.49 6.38 14.67
CA CYS C 150 -11.93 6.92 13.44
C CYS C 150 -13.01 7.71 12.71
N ASN C 151 -12.61 8.83 12.12
CA ASN C 151 -13.53 9.63 11.32
C ASN C 151 -13.42 9.29 9.84
N GLY C 152 -12.82 8.16 9.52
CA GLY C 152 -12.90 7.60 8.19
C GLY C 152 -12.05 8.37 7.22
N VAL C 153 -12.18 9.70 7.22
CA VAL C 153 -11.42 10.51 6.29
C VAL C 153 -9.93 10.19 6.39
N GLU C 154 -9.43 10.02 7.60
CA GLU C 154 -8.00 10.01 7.88
C GLU C 154 -7.48 8.60 8.14
N GLY C 155 -6.18 8.41 7.90
CA GLY C 155 -5.50 7.19 8.28
C GLY C 155 -5.28 7.06 9.77
N PHE C 156 -4.38 7.85 10.34
CA PHE C 156 -4.05 7.86 11.78
C PHE C 156 -3.55 6.46 12.18
N ASN C 157 -3.88 5.99 13.37
CA ASN C 157 -3.68 4.60 13.72
C ASN C 157 -4.67 3.68 13.01
N CYS C 158 -5.77 4.22 12.49
CA CYS C 158 -6.66 3.45 11.66
C CYS C 158 -6.02 3.21 10.29
N TYR C 159 -6.40 2.11 9.65
CA TYR C 159 -5.69 1.66 8.47
C TYR C 159 -6.62 1.52 7.28
N PHE C 160 -6.09 1.83 6.11
CA PHE C 160 -6.78 1.52 4.87
C PHE C 160 -6.83 0.00 4.70
N PRO C 161 -7.97 -0.57 4.29
CA PRO C 161 -8.10 -2.02 4.31
C PRO C 161 -7.36 -2.74 3.19
N LEU C 162 -7.14 -2.12 2.02
CA LEU C 162 -6.57 -2.81 0.87
C LEU C 162 -5.09 -2.48 0.74
N GLN C 163 -4.27 -3.51 0.60
CA GLN C 163 -2.85 -3.36 0.36
C GLN C 163 -2.53 -3.97 -1.00
N SER C 164 -1.45 -3.53 -1.63
CA SER C 164 -1.15 -3.99 -2.98
C SER C 164 -0.01 -5.00 -2.99
N TYR C 165 -0.16 -6.02 -3.83
CA TYR C 165 0.97 -6.84 -4.24
C TYR C 165 1.95 -6.00 -5.05
N GLY C 166 3.22 -6.00 -4.66
CA GLY C 166 4.26 -5.38 -5.47
C GLY C 166 4.88 -6.34 -6.46
N PHE C 167 4.15 -6.66 -7.53
CA PHE C 167 4.50 -7.75 -8.44
C PHE C 167 5.61 -7.32 -9.40
N GLN C 168 6.85 -7.75 -9.13
CA GLN C 168 8.00 -7.51 -10.01
C GLN C 168 8.49 -8.82 -10.64
N PRO C 169 9.10 -8.78 -11.83
CA PRO C 169 9.56 -10.05 -12.44
C PRO C 169 10.63 -10.75 -11.63
N THR C 170 11.50 -9.97 -11.01
CA THR C 170 12.66 -10.47 -10.28
C THR C 170 12.32 -10.95 -8.88
N ASN C 171 11.05 -10.97 -8.49
CA ASN C 171 10.70 -11.48 -7.17
C ASN C 171 10.97 -12.98 -7.09
N GLY C 172 11.12 -13.46 -5.87
CA GLY C 172 11.09 -14.89 -5.64
C GLY C 172 9.79 -15.50 -6.14
N VAL C 173 9.84 -16.81 -6.41
CA VAL C 173 8.67 -17.49 -6.92
C VAL C 173 7.50 -17.42 -5.94
N GLY C 174 7.79 -17.23 -4.64
CA GLY C 174 6.71 -17.02 -3.68
C GLY C 174 5.95 -15.71 -3.86
N TYR C 175 6.66 -14.64 -4.21
CA TYR C 175 6.04 -13.32 -4.34
C TYR C 175 5.74 -12.98 -5.80
N GLN C 176 5.48 -14.08 -6.69
CA GLN C 176 5.08 -13.82 -8.06
C GLN C 176 3.58 -14.01 -8.25
N PRO C 177 2.98 -13.33 -9.22
CA PRO C 177 1.53 -13.49 -9.44
C PRO C 177 1.17 -14.89 -9.86
N TYR C 178 0.02 -15.35 -9.40
CA TYR C 178 -0.49 -16.67 -9.76
C TYR C 178 -1.97 -16.56 -10.05
N ARG C 179 -2.35 -16.71 -11.31
CA ARG C 179 -3.77 -16.73 -11.60
C ARG C 179 -4.34 -18.05 -11.12
N VAL C 180 -5.50 -17.96 -10.49
CA VAL C 180 -6.17 -19.08 -9.85
C VAL C 180 -7.59 -19.14 -10.42
N VAL C 181 -8.05 -20.34 -10.75
CA VAL C 181 -9.45 -20.57 -11.09
C VAL C 181 -9.98 -21.63 -10.16
N VAL C 182 -11.17 -21.42 -9.63
CA VAL C 182 -11.83 -22.37 -8.74
C VAL C 182 -13.12 -22.81 -9.40
N LEU C 183 -13.17 -24.07 -9.80
CA LEU C 183 -14.39 -24.62 -10.36
C LEU C 183 -15.28 -25.11 -9.24
N SER C 184 -16.56 -24.82 -9.33
CA SER C 184 -17.50 -25.22 -8.29
C SER C 184 -18.66 -25.92 -8.96
N PHE C 185 -18.84 -27.19 -8.61
CA PHE C 185 -19.81 -28.04 -9.27
C PHE C 185 -21.02 -28.16 -8.37
N GLU C 186 -22.19 -27.85 -8.94
CA GLU C 186 -23.44 -27.76 -8.21
C GLU C 186 -24.37 -28.81 -8.82
N LEU C 187 -24.84 -29.72 -7.98
CA LEU C 187 -25.73 -30.78 -8.42
C LEU C 187 -27.01 -30.64 -7.60
N LEU C 188 -28.02 -30.01 -8.20
CA LEU C 188 -29.33 -29.90 -7.60
C LEU C 188 -30.29 -30.86 -8.28
N HIS C 189 -31.48 -31.03 -7.69
CA HIS C 189 -32.48 -31.94 -8.26
C HIS C 189 -33.20 -31.28 -9.43
N ALA C 190 -32.42 -30.81 -10.40
CA ALA C 190 -32.88 -30.29 -11.67
C ALA C 190 -32.09 -30.97 -12.77
N PRO C 191 -32.65 -31.04 -13.98
CA PRO C 191 -31.92 -31.68 -15.07
C PRO C 191 -30.56 -31.02 -15.31
N ALA C 192 -29.56 -31.85 -15.59
CA ALA C 192 -28.20 -31.38 -15.72
C ALA C 192 -28.05 -30.49 -16.97
N THR C 193 -27.05 -29.62 -16.95
CA THR C 193 -26.84 -28.71 -18.07
C THR C 193 -25.38 -28.57 -18.47
N VAL C 194 -24.43 -29.11 -17.71
CA VAL C 194 -23.02 -29.13 -18.08
C VAL C 194 -22.52 -30.57 -17.94
N CYS C 195 -22.26 -31.23 -19.06
CA CYS C 195 -21.76 -32.58 -19.10
C CYS C 195 -20.44 -32.65 -19.85
N GLY C 196 -19.67 -33.70 -19.56
CA GLY C 196 -18.43 -33.98 -20.25
C GLY C 196 -18.64 -34.91 -21.43
N PRO C 197 -17.63 -35.03 -22.29
CA PRO C 197 -17.84 -35.72 -23.58
C PRO C 197 -18.25 -37.16 -23.43
N GLY C 198 -17.80 -37.84 -22.38
CA GLY C 198 -18.13 -39.25 -22.20
C GLY C 198 -19.49 -39.50 -21.59
N SER C 199 -20.07 -38.52 -20.93
CA SER C 199 -21.35 -38.69 -20.26
C SER C 199 -22.48 -38.96 -21.26
N ILE D 2 11.62 31.16 -35.19
CA ILE D 2 10.89 29.89 -35.04
C ILE D 2 9.39 30.16 -35.10
N THR D 3 8.71 29.51 -36.04
CA THR D 3 7.31 29.82 -36.33
C THR D 3 6.31 28.94 -35.58
N ASN D 4 6.69 27.71 -35.24
CA ASN D 4 5.75 26.79 -34.61
C ASN D 4 5.39 27.26 -33.20
N LEU D 5 4.23 26.86 -32.73
CA LEU D 5 3.84 27.10 -31.36
C LEU D 5 4.46 26.04 -30.45
N CYS D 6 4.41 26.29 -29.11
CA CYS D 6 5.00 25.32 -28.22
C CYS D 6 4.01 24.21 -27.85
N PRO D 7 4.57 23.00 -27.57
CA PRO D 7 3.76 21.81 -27.28
C PRO D 7 3.33 21.70 -25.82
N PHE D 8 2.89 22.83 -25.25
CA PHE D 8 2.30 22.81 -23.92
C PHE D 8 1.03 21.98 -23.88
N GLY D 9 0.35 21.85 -25.01
CA GLY D 9 -0.80 20.96 -25.06
C GLY D 9 -0.43 19.56 -24.66
N GLU D 10 0.68 19.04 -25.21
CA GLU D 10 1.14 17.70 -24.88
C GLU D 10 1.33 17.54 -23.38
N VAL D 11 1.99 18.49 -22.74
CA VAL D 11 2.26 18.37 -21.31
C VAL D 11 0.95 18.37 -20.54
N PHE D 12 0.10 19.38 -20.77
CA PHE D 12 -1.07 19.61 -19.90
C PHE D 12 -2.24 18.70 -20.22
N ASN D 13 -2.42 18.31 -21.50
CA ASN D 13 -3.50 17.43 -21.91
C ASN D 13 -3.13 15.97 -21.97
N ALA D 14 -1.91 15.60 -21.59
CA ALA D 14 -1.51 14.19 -21.56
C ALA D 14 -2.56 13.36 -20.84
N THR D 15 -3.13 12.38 -21.54
CA THR D 15 -4.22 11.63 -20.94
C THR D 15 -3.76 10.80 -19.74
N ARG D 16 -2.50 10.33 -19.75
CA ARG D 16 -1.88 9.67 -18.59
C ARG D 16 -0.82 10.56 -17.96
N PHE D 17 -0.85 10.64 -16.63
CA PHE D 17 0.15 11.39 -15.86
C PHE D 17 0.99 10.40 -15.03
N ALA D 18 2.26 10.77 -14.80
CA ALA D 18 3.16 9.94 -14.03
C ALA D 18 2.75 9.88 -12.55
N SER D 19 3.22 8.84 -11.87
CA SER D 19 3.23 8.91 -10.43
C SER D 19 4.29 9.91 -10.00
N VAL D 20 4.07 10.52 -8.84
CA VAL D 20 4.95 11.59 -8.38
C VAL D 20 6.38 11.06 -8.13
N TYR D 21 6.53 9.89 -7.52
CA TYR D 21 7.89 9.36 -7.35
C TYR D 21 8.55 9.14 -8.70
N ALA D 22 7.75 8.86 -9.73
CA ALA D 22 8.21 8.54 -11.08
C ALA D 22 8.00 9.70 -12.05
N TRP D 23 7.98 10.93 -11.55
CA TRP D 23 7.58 12.10 -12.32
C TRP D 23 8.32 12.20 -13.66
N ASN D 24 7.62 12.74 -14.67
CA ASN D 24 8.14 12.90 -16.02
C ASN D 24 8.67 14.31 -16.23
N ARG D 25 9.45 14.47 -17.29
CA ARG D 25 9.98 15.77 -17.69
C ARG D 25 9.98 15.87 -19.20
N LYS D 26 9.53 17.00 -19.74
CA LYS D 26 9.65 17.27 -21.17
C LYS D 26 10.46 18.54 -21.38
N ARG D 27 11.48 18.46 -22.22
CA ARG D 27 12.26 19.65 -22.55
C ARG D 27 11.66 20.32 -23.78
N ILE D 28 11.32 21.61 -23.65
CA ILE D 28 10.70 22.42 -24.69
C ILE D 28 11.72 23.41 -25.20
N SER D 29 11.88 23.50 -26.53
CA SER D 29 12.73 24.52 -27.12
C SER D 29 12.31 24.81 -28.56
N ASN D 30 12.77 25.96 -29.06
CA ASN D 30 12.51 26.42 -30.42
C ASN D 30 11.01 26.42 -30.74
N CYS D 31 10.32 27.33 -30.07
CA CYS D 31 8.91 27.60 -30.34
C CYS D 31 8.53 28.91 -29.67
N VAL D 32 7.34 29.41 -30.01
CA VAL D 32 6.76 30.57 -29.35
C VAL D 32 5.73 30.06 -28.36
N ALA D 33 5.79 30.57 -27.12
CA ALA D 33 4.92 30.12 -26.05
C ALA D 33 4.01 31.26 -25.63
N ASP D 34 2.71 31.14 -25.93
CA ASP D 34 1.73 32.12 -25.45
C ASP D 34 1.35 31.72 -24.03
N TYR D 35 2.09 32.21 -23.05
CA TYR D 35 1.87 31.79 -21.68
C TYR D 35 0.50 32.20 -21.16
N SER D 36 -0.12 33.22 -21.78
CA SER D 36 -1.41 33.73 -21.31
C SER D 36 -2.50 32.65 -21.33
N VAL D 37 -2.41 31.71 -22.28
CA VAL D 37 -3.34 30.58 -22.34
C VAL D 37 -3.25 29.73 -21.08
N LEU D 38 -2.15 29.84 -20.34
CA LEU D 38 -2.08 29.23 -19.01
C LEU D 38 -2.59 30.18 -17.93
N TYR D 39 -1.95 31.35 -17.77
CA TYR D 39 -2.21 32.11 -16.55
C TYR D 39 -3.57 32.78 -16.52
N ASN D 40 -4.19 33.02 -17.67
CA ASN D 40 -5.58 33.49 -17.64
C ASN D 40 -6.59 32.36 -17.46
N SER D 41 -6.16 31.10 -17.35
CA SER D 41 -7.11 29.99 -17.24
C SER D 41 -7.57 29.82 -15.80
N ALA D 42 -8.90 29.82 -15.61
CA ALA D 42 -9.48 29.59 -14.31
C ALA D 42 -9.60 28.11 -13.99
N SER D 43 -9.22 27.22 -14.91
CA SER D 43 -9.28 25.80 -14.60
C SER D 43 -8.21 25.36 -13.62
N PHE D 44 -7.20 26.20 -13.36
CA PHE D 44 -6.09 25.84 -12.49
C PHE D 44 -6.41 26.17 -11.04
N SER D 45 -6.24 25.21 -10.14
CA SER D 45 -6.49 25.49 -8.73
C SER D 45 -5.38 26.34 -8.10
N THR D 46 -4.24 26.46 -8.78
CA THR D 46 -3.01 26.99 -8.21
C THR D 46 -2.24 27.55 -9.39
N PHE D 47 -1.74 28.76 -9.26
CA PHE D 47 -0.86 29.29 -10.29
C PHE D 47 0.05 30.33 -9.62
N LYS D 48 1.27 29.92 -9.29
CA LYS D 48 2.29 30.83 -8.83
C LYS D 48 3.50 30.73 -9.73
N CYS D 49 4.17 31.84 -9.96
CA CYS D 49 5.49 31.86 -10.55
C CYS D 49 6.46 32.35 -9.50
N TYR D 50 7.72 31.94 -9.64
CA TYR D 50 8.76 32.35 -8.71
C TYR D 50 9.86 32.97 -9.54
N GLY D 51 10.52 33.98 -8.99
CA GLY D 51 11.53 34.70 -9.73
C GLY D 51 11.04 35.48 -10.94
N VAL D 52 9.74 35.41 -11.28
CA VAL D 52 9.16 36.21 -12.35
C VAL D 52 7.74 36.63 -11.97
N SER D 53 7.33 37.77 -12.52
CA SER D 53 5.88 37.93 -12.47
C SER D 53 5.26 37.37 -13.74
N PRO D 54 4.15 36.63 -13.65
CA PRO D 54 3.57 36.02 -14.84
C PRO D 54 3.36 37.00 -15.99
N THR D 55 3.11 38.27 -15.68
CA THR D 55 2.88 39.24 -16.74
C THR D 55 4.00 39.23 -17.76
N LYS D 56 5.24 39.32 -17.27
CA LYS D 56 6.44 39.39 -18.10
C LYS D 56 6.66 38.14 -18.96
N LEU D 57 6.00 37.02 -18.65
CA LEU D 57 6.30 35.77 -19.34
C LEU D 57 6.16 35.91 -20.84
N ASN D 58 5.17 36.66 -21.31
CA ASN D 58 5.05 36.82 -22.74
C ASN D 58 6.09 37.73 -23.34
N ASP D 59 6.90 38.39 -22.52
CA ASP D 59 7.91 39.30 -23.04
C ASP D 59 9.32 38.75 -22.95
N LEU D 60 9.50 37.53 -22.46
CA LEU D 60 10.79 36.98 -22.09
C LEU D 60 11.24 35.90 -23.06
N CYS D 61 12.55 35.76 -23.20
CA CYS D 61 13.13 34.69 -24.02
C CYS D 61 14.10 33.86 -23.20
N PHE D 62 13.74 32.60 -22.95
CA PHE D 62 14.64 31.67 -22.27
C PHE D 62 15.29 30.71 -23.25
N THR D 63 16.44 30.17 -22.86
CA THR D 63 17.17 29.23 -23.68
C THR D 63 16.49 27.87 -23.76
N ASN D 64 15.86 27.44 -22.66
CA ASN D 64 15.10 26.20 -22.62
C ASN D 64 14.05 26.32 -21.53
N VAL D 65 13.01 25.49 -21.65
CA VAL D 65 11.93 25.39 -20.66
C VAL D 65 11.72 23.93 -20.33
N TYR D 66 11.53 23.61 -19.05
CA TYR D 66 11.49 22.22 -18.59
C TYR D 66 10.21 21.94 -17.81
N ALA D 67 9.24 21.28 -18.46
CA ALA D 67 7.97 20.90 -17.85
C ALA D 67 8.07 19.55 -17.15
N ASP D 68 7.99 19.56 -15.83
CA ASP D 68 7.88 18.36 -15.02
C ASP D 68 6.43 18.02 -14.72
N SER D 69 6.09 16.75 -14.90
CA SER D 69 4.71 16.29 -14.66
C SER D 69 4.43 15.19 -13.65
N PHE D 70 3.31 15.26 -12.94
CA PHE D 70 2.97 14.28 -11.91
C PHE D 70 1.65 14.53 -11.19
N VAL D 71 1.23 13.56 -10.39
CA VAL D 71 -0.01 13.59 -9.64
C VAL D 71 0.30 13.39 -8.16
N ILE D 72 -0.26 14.25 -7.32
CA ILE D 72 -0.23 14.13 -5.87
C ILE D 72 -1.65 14.33 -5.38
N ARG D 73 -1.83 14.22 -4.07
CA ARG D 73 -3.12 14.55 -3.51
C ARG D 73 -3.17 16.03 -3.16
N GLY D 74 -4.39 16.56 -2.99
CA GLY D 74 -4.61 18.00 -2.80
C GLY D 74 -3.82 18.55 -1.64
N ASP D 75 -3.81 17.86 -0.51
CA ASP D 75 -3.12 18.44 0.68
C ASP D 75 -1.67 18.83 0.30
N GLU D 76 -0.96 17.86 -0.27
CA GLU D 76 0.46 18.09 -0.66
C GLU D 76 0.82 19.18 -1.69
N VAL D 77 -0.14 19.86 -2.32
CA VAL D 77 0.31 20.80 -3.34
C VAL D 77 1.18 21.88 -2.71
N ARG D 78 0.94 22.20 -1.44
CA ARG D 78 1.75 23.19 -0.76
C ARG D 78 3.21 22.77 -0.64
N GLN D 79 3.50 21.48 -0.85
CA GLN D 79 4.89 21.04 -0.83
C GLN D 79 5.61 21.31 -2.13
N ILE D 80 4.89 21.51 -3.24
CA ILE D 80 5.54 21.73 -4.53
C ILE D 80 5.88 23.22 -4.65
N ALA D 81 7.01 23.62 -4.07
CA ALA D 81 7.48 24.98 -4.06
C ALA D 81 8.82 25.08 -3.32
N PRO D 82 9.68 26.03 -3.68
CA PRO D 82 11.01 26.11 -3.04
C PRO D 82 10.89 26.22 -1.55
N GLY D 83 11.80 25.54 -0.85
CA GLY D 83 11.86 25.64 0.59
C GLY D 83 10.84 24.80 1.33
N GLN D 84 10.00 24.07 0.62
CA GLN D 84 9.02 23.26 1.33
C GLN D 84 9.64 21.96 1.83
N THR D 85 9.10 21.47 2.95
CA THR D 85 9.44 20.15 3.44
C THR D 85 8.18 19.36 3.70
N GLY D 86 8.32 18.05 3.54
CA GLY D 86 7.22 17.13 3.73
C GLY D 86 7.56 15.81 3.07
N LYS D 87 6.55 14.94 3.03
CA LYS D 87 6.69 13.66 2.34
C LYS D 87 7.05 13.86 0.87
N ILE D 88 6.29 14.70 0.16
CA ILE D 88 6.51 14.88 -1.28
C ILE D 88 7.76 15.70 -1.55
N ALA D 89 8.09 16.66 -0.68
CA ALA D 89 9.24 17.52 -0.95
C ALA D 89 10.55 16.81 -0.66
N ASP D 90 10.60 16.02 0.40
CA ASP D 90 11.84 15.40 0.84
C ASP D 90 12.09 14.03 0.18
N TYR D 91 11.04 13.31 -0.23
CA TYR D 91 11.20 11.94 -0.71
C TYR D 91 10.74 11.69 -2.15
N ASN D 92 9.99 12.61 -2.77
CA ASN D 92 9.42 12.35 -4.08
C ASN D 92 9.85 13.36 -5.14
N TYR D 93 9.76 14.66 -4.84
CA TYR D 93 10.09 15.71 -5.79
C TYR D 93 10.54 16.92 -4.98
N LYS D 94 11.74 17.43 -5.26
CA LYS D 94 12.32 18.54 -4.51
C LYS D 94 12.61 19.68 -5.48
N LEU D 95 11.94 20.85 -5.29
CA LEU D 95 12.32 22.05 -6.00
C LEU D 95 13.56 22.66 -5.35
N PRO D 96 14.44 23.29 -6.13
CA PRO D 96 15.63 23.92 -5.53
C PRO D 96 15.26 25.22 -4.81
N ASP D 97 16.20 25.70 -4.01
CA ASP D 97 15.96 26.94 -3.28
C ASP D 97 15.96 28.14 -4.22
N ASP D 98 16.86 28.14 -5.21
CA ASP D 98 16.94 29.22 -6.18
C ASP D 98 16.01 28.98 -7.38
N PHE D 99 14.99 28.15 -7.22
CA PHE D 99 14.02 27.88 -8.28
C PHE D 99 13.39 29.15 -8.82
N THR D 100 13.44 29.28 -10.14
CA THR D 100 12.91 30.39 -10.92
C THR D 100 11.93 29.76 -11.92
N GLY D 101 10.68 29.60 -11.53
CA GLY D 101 9.75 28.95 -12.44
C GLY D 101 8.33 29.17 -12.02
N CYS D 102 7.42 28.44 -12.65
CA CYS D 102 6.02 28.50 -12.29
C CYS D 102 5.55 27.11 -11.88
N VAL D 103 4.63 27.07 -10.92
CA VAL D 103 3.97 25.84 -10.47
C VAL D 103 2.49 25.95 -10.82
N ILE D 104 2.00 24.99 -11.60
CA ILE D 104 0.61 24.99 -12.06
C ILE D 104 -0.03 23.68 -11.65
N ALA D 105 -1.12 23.74 -10.89
CA ALA D 105 -1.78 22.53 -10.41
C ALA D 105 -3.29 22.65 -10.61
N TRP D 106 -3.96 21.50 -10.80
CA TRP D 106 -5.41 21.50 -10.94
C TRP D 106 -6.02 20.17 -10.51
N ASN D 107 -7.28 20.24 -10.08
CA ASN D 107 -8.00 19.07 -9.59
C ASN D 107 -8.38 18.15 -10.74
N SER D 108 -8.02 16.86 -10.62
CA SER D 108 -8.33 15.87 -11.64
C SER D 108 -9.21 14.74 -11.09
N ASN D 109 -10.13 15.07 -10.16
CA ASN D 109 -11.00 14.06 -9.60
C ASN D 109 -11.81 13.34 -10.68
N ASN D 110 -12.19 14.04 -11.75
CA ASN D 110 -12.97 13.38 -12.81
C ASN D 110 -12.11 12.43 -13.64
N LEU D 111 -10.79 12.66 -13.68
CA LEU D 111 -9.87 11.87 -14.48
C LEU D 111 -9.23 10.72 -13.69
N ASP D 112 -8.63 11.03 -12.56
CA ASP D 112 -7.71 10.13 -11.87
C ASP D 112 -8.36 9.42 -10.67
N SER D 113 -9.67 9.39 -10.62
CA SER D 113 -10.39 8.69 -9.57
C SER D 113 -11.29 7.65 -10.19
N LYS D 114 -11.37 6.49 -9.56
CA LYS D 114 -12.35 5.49 -9.94
C LYS D 114 -13.05 5.01 -8.70
N VAL D 115 -14.27 4.52 -8.90
CA VAL D 115 -15.01 3.91 -7.80
C VAL D 115 -14.21 2.74 -7.27
N GLY D 116 -14.09 2.67 -5.95
CA GLY D 116 -13.25 1.67 -5.34
C GLY D 116 -11.78 2.02 -5.28
N GLY D 117 -11.40 3.21 -5.74
CA GLY D 117 -10.03 3.68 -5.66
C GLY D 117 -9.17 3.38 -6.88
N ASN D 118 -8.40 4.36 -7.34
CA ASN D 118 -7.40 4.16 -8.38
C ASN D 118 -6.03 4.05 -7.73
N TYR D 119 -5.48 2.85 -7.73
CA TYR D 119 -4.23 2.56 -7.03
C TYR D 119 -3.02 2.72 -7.93
N ASN D 120 -3.23 3.10 -9.19
CA ASN D 120 -2.15 3.26 -10.14
C ASN D 120 -1.21 4.40 -9.78
N TYR D 121 -1.60 5.27 -8.87
CA TYR D 121 -0.78 6.41 -8.50
C TYR D 121 -0.13 6.16 -7.15
N LEU D 122 1.21 6.27 -7.10
CA LEU D 122 1.97 5.97 -5.89
C LEU D 122 2.89 7.12 -5.49
N TYR D 123 3.27 7.10 -4.21
CA TYR D 123 4.26 8.02 -3.66
C TYR D 123 5.26 7.25 -2.81
N ARG D 124 6.48 7.79 -2.73
CA ARG D 124 7.49 7.26 -1.84
C ARG D 124 7.18 7.64 -0.41
N LEU D 125 7.36 6.69 0.49
CA LEU D 125 7.07 6.87 1.89
C LEU D 125 8.30 6.89 2.77
N PHE D 126 9.38 6.22 2.34
CA PHE D 126 10.63 6.14 3.09
C PHE D 126 11.82 6.35 2.16
N ARG D 127 12.82 7.08 2.66
CA ARG D 127 14.10 7.19 2.00
C ARG D 127 15.16 7.37 3.08
N LYS D 128 16.38 6.92 2.80
CA LYS D 128 17.47 7.05 3.76
C LYS D 128 17.92 8.49 3.91
N SER D 129 17.69 9.32 2.90
CA SER D 129 18.08 10.73 2.90
C SER D 129 17.13 11.49 1.97
N ASN D 130 17.13 12.81 2.09
CA ASN D 130 16.22 13.64 1.29
C ASN D 130 16.71 13.78 -0.15
N LEU D 131 15.78 13.72 -1.09
CA LEU D 131 16.15 13.89 -2.49
C LEU D 131 16.85 15.22 -2.69
N LYS D 132 17.91 15.22 -3.49
CA LYS D 132 18.43 16.49 -3.96
C LYS D 132 17.46 17.07 -4.99
N PRO D 133 17.44 18.41 -5.14
CA PRO D 133 16.58 19.01 -6.17
C PRO D 133 16.63 18.27 -7.49
N PHE D 134 15.49 17.81 -7.99
CA PHE D 134 15.30 17.22 -9.32
C PHE D 134 15.88 15.82 -9.42
N GLU D 135 16.35 15.26 -8.31
CA GLU D 135 16.61 13.83 -8.24
C GLU D 135 15.27 13.10 -8.32
N ARG D 136 15.31 11.99 -9.05
CA ARG D 136 14.14 11.09 -9.15
C ARG D 136 14.61 9.77 -8.56
N ASP D 137 13.73 9.01 -7.93
CA ASP D 137 14.13 7.80 -7.23
C ASP D 137 13.00 6.79 -7.38
N ILE D 138 13.26 5.72 -8.14
CA ILE D 138 12.25 4.70 -8.40
C ILE D 138 12.69 3.39 -7.77
N SER D 139 13.42 3.48 -6.67
CA SER D 139 13.86 2.28 -5.97
C SER D 139 12.68 1.52 -5.37
N THR D 140 12.78 0.19 -5.41
CA THR D 140 11.85 -0.69 -4.71
C THR D 140 12.56 -1.48 -3.60
N GLU D 141 13.81 -1.12 -3.28
CA GLU D 141 14.52 -1.74 -2.16
C GLU D 141 13.73 -1.56 -0.87
N ILE D 142 13.58 -2.64 -0.10
CA ILE D 142 12.83 -2.60 1.15
C ILE D 142 13.55 -1.69 2.13
N TYR D 143 12.81 -0.73 2.71
CA TYR D 143 13.40 0.24 3.61
C TYR D 143 13.72 -0.39 4.96
N GLN D 144 14.95 -0.18 5.46
CA GLN D 144 15.38 -0.70 6.76
C GLN D 144 15.13 0.37 7.81
N ALA D 145 14.00 0.28 8.51
CA ALA D 145 13.65 1.23 9.55
C ALA D 145 14.16 0.82 10.93
N GLY D 146 14.84 -0.33 11.05
CA GLY D 146 15.24 -0.83 12.34
C GLY D 146 16.73 -1.16 12.40
N SER D 147 17.17 -1.52 13.61
CA SER D 147 18.55 -1.96 13.86
C SER D 147 18.86 -3.32 13.26
N THR D 148 17.83 -4.06 12.84
CA THR D 148 17.91 -5.41 12.30
C THR D 148 17.98 -5.38 10.78
N PRO D 149 19.01 -5.97 10.19
CA PRO D 149 19.13 -5.96 8.73
C PRO D 149 17.99 -6.70 8.04
N CYS D 150 17.69 -6.28 6.81
CA CYS D 150 16.57 -6.78 6.03
C CYS D 150 17.08 -7.54 4.81
N ASN D 151 16.40 -8.62 4.46
CA ASN D 151 16.56 -9.24 3.17
C ASN D 151 15.37 -8.84 2.30
N GLY D 152 15.21 -9.55 1.17
CA GLY D 152 14.22 -9.15 0.20
C GLY D 152 12.82 -8.95 0.77
N VAL D 153 12.45 -9.78 1.76
CA VAL D 153 11.05 -9.80 2.24
C VAL D 153 10.78 -8.62 3.18
N GLU D 154 9.49 -8.29 3.34
CA GLU D 154 9.04 -7.29 4.31
C GLU D 154 8.69 -7.93 5.64
N GLY D 155 9.13 -7.30 6.73
CA GLY D 155 8.95 -7.91 8.04
C GLY D 155 8.42 -7.00 9.12
N PHE D 156 9.08 -6.96 10.28
CA PHE D 156 8.66 -6.02 11.32
C PHE D 156 9.32 -4.65 11.10
N ASN D 157 10.64 -4.61 11.02
CA ASN D 157 11.37 -3.36 10.84
C ASN D 157 11.62 -3.03 9.38
N CYS D 158 11.06 -3.81 8.44
CA CYS D 158 11.32 -3.66 7.02
C CYS D 158 10.02 -3.30 6.29
N TYR D 159 10.06 -2.22 5.51
CA TYR D 159 8.87 -1.66 4.89
C TYR D 159 9.14 -1.41 3.41
N PHE D 160 8.15 -1.71 2.60
CA PHE D 160 8.19 -1.37 1.19
C PHE D 160 8.12 0.14 1.01
N PRO D 161 8.99 0.73 0.18
CA PRO D 161 9.14 2.20 0.22
C PRO D 161 7.96 2.97 -0.34
N LEU D 162 7.15 2.39 -1.23
CA LEU D 162 6.09 3.14 -1.90
C LEU D 162 4.73 2.77 -1.33
N GLN D 163 3.83 3.75 -1.27
CA GLN D 163 2.45 3.50 -0.92
C GLN D 163 1.57 4.16 -1.98
N SER D 164 0.33 3.70 -2.05
CA SER D 164 -0.60 4.16 -3.08
C SER D 164 -1.63 5.14 -2.54
N TYR D 165 -1.89 6.19 -3.32
CA TYR D 165 -3.05 7.04 -3.06
C TYR D 165 -4.32 6.26 -3.37
N GLY D 166 -5.27 6.24 -2.45
CA GLY D 166 -6.56 5.63 -2.73
C GLY D 166 -7.52 6.63 -3.32
N PHE D 167 -7.29 7.04 -4.56
CA PHE D 167 -8.11 8.08 -5.19
C PHE D 167 -9.49 7.51 -5.51
N GLN D 168 -10.46 7.79 -4.65
CA GLN D 168 -11.88 7.61 -4.87
C GLN D 168 -12.53 8.97 -5.13
N PRO D 169 -13.60 9.03 -5.94
CA PRO D 169 -14.22 10.35 -6.22
C PRO D 169 -14.80 11.06 -4.99
N THR D 170 -15.36 10.33 -4.02
CA THR D 170 -16.04 10.80 -2.81
C THR D 170 -15.12 11.47 -1.81
N ASN D 171 -13.82 11.52 -2.05
CA ASN D 171 -12.90 11.97 -1.02
C ASN D 171 -13.05 13.46 -0.74
N GLY D 172 -12.70 13.82 0.49
CA GLY D 172 -12.40 15.20 0.75
C GLY D 172 -11.36 15.71 -0.21
N VAL D 173 -11.53 16.98 -0.60
CA VAL D 173 -10.69 17.60 -1.62
C VAL D 173 -9.21 17.53 -1.25
N GLY D 174 -8.90 17.52 0.04
CA GLY D 174 -7.52 17.31 0.43
C GLY D 174 -6.95 15.97 -0.03
N TYR D 175 -7.80 14.96 -0.17
CA TYR D 175 -7.39 13.60 -0.53
C TYR D 175 -7.78 13.25 -1.97
N GLN D 176 -8.01 14.29 -2.78
CA GLN D 176 -8.42 14.06 -4.18
C GLN D 176 -7.22 14.27 -5.11
N PRO D 177 -7.20 13.70 -6.32
CA PRO D 177 -6.05 13.83 -7.22
C PRO D 177 -5.91 15.24 -7.79
N TYR D 178 -4.67 15.72 -7.81
CA TYR D 178 -4.32 16.98 -8.47
C TYR D 178 -3.16 16.72 -9.39
N ARG D 179 -3.25 17.21 -10.62
CA ARG D 179 -2.16 17.10 -11.57
C ARG D 179 -1.34 18.37 -11.50
N VAL D 180 -0.02 18.22 -11.53
CA VAL D 180 0.87 19.34 -11.34
C VAL D 180 1.81 19.43 -12.55
N VAL D 181 2.08 20.65 -12.99
CA VAL D 181 3.08 20.91 -14.02
C VAL D 181 4.03 21.96 -13.47
N VAL D 182 5.32 21.68 -13.52
CA VAL D 182 6.33 22.57 -12.98
C VAL D 182 7.18 23.08 -14.13
N LEU D 183 7.00 24.34 -14.50
CA LEU D 183 7.81 24.95 -15.55
C LEU D 183 9.09 25.48 -14.93
N SER D 184 10.22 25.08 -15.45
CA SER D 184 11.50 25.60 -15.02
C SER D 184 12.09 26.37 -16.18
N PHE D 185 12.53 27.59 -15.90
CA PHE D 185 13.05 28.46 -16.93
C PHE D 185 14.55 28.50 -16.80
N GLU D 186 15.24 28.05 -17.83
CA GLU D 186 16.70 28.00 -17.84
C GLU D 186 17.20 29.17 -18.67
N LEU D 187 18.06 29.99 -18.09
CA LEU D 187 18.59 31.15 -18.79
C LEU D 187 20.09 31.04 -18.80
N LEU D 188 20.62 30.49 -19.87
CA LEU D 188 22.06 30.34 -20.03
C LEU D 188 22.60 31.48 -20.90
N HIS D 189 23.94 31.57 -20.95
CA HIS D 189 24.61 32.55 -21.80
C HIS D 189 24.69 32.03 -23.22
N ALA D 190 23.57 31.56 -23.73
CA ALA D 190 23.39 31.04 -25.08
C ALA D 190 22.18 31.73 -25.68
N PRO D 191 22.09 31.76 -27.01
CA PRO D 191 20.88 32.35 -27.63
C PRO D 191 19.64 31.62 -27.17
N ALA D 192 18.61 32.40 -26.84
CA ALA D 192 17.35 31.84 -26.37
C ALA D 192 16.59 31.18 -27.51
N THR D 193 15.75 30.21 -27.17
CA THR D 193 14.98 29.49 -28.16
C THR D 193 13.49 29.37 -27.84
N VAL D 194 13.04 29.75 -26.64
CA VAL D 194 11.62 29.72 -26.28
C VAL D 194 11.18 31.14 -25.89
N CYS D 195 10.34 31.73 -26.71
CA CYS D 195 9.96 33.13 -26.56
C CYS D 195 8.45 33.28 -26.57
N GLY D 196 7.96 34.20 -25.75
CA GLY D 196 6.56 34.57 -25.77
C GLY D 196 6.24 35.50 -26.91
N PRO D 197 4.95 35.72 -27.14
CA PRO D 197 4.54 36.59 -28.25
C PRO D 197 5.18 37.97 -28.23
N GLY D 198 5.49 38.50 -27.07
CA GLY D 198 6.06 39.84 -26.99
C GLY D 198 5.04 40.95 -27.14
N GLU E 1 42.95 22.07 -27.53
CA GLU E 1 42.82 20.77 -26.87
C GLU E 1 42.58 20.89 -25.36
N VAL E 2 41.57 20.15 -24.92
CA VAL E 2 41.11 20.20 -23.53
C VAL E 2 42.13 19.52 -22.62
N GLN E 3 42.49 20.17 -21.52
CA GLN E 3 43.37 19.57 -20.54
C GLN E 3 42.91 19.89 -19.11
N LEU E 4 43.13 18.94 -18.21
CA LEU E 4 42.93 19.08 -16.78
C LEU E 4 44.18 18.58 -16.08
N VAL E 5 44.73 19.39 -15.20
CA VAL E 5 46.06 19.15 -14.62
C VAL E 5 45.95 19.29 -13.11
N GLU E 6 45.77 18.17 -12.41
CA GLU E 6 45.77 18.24 -10.96
C GLU E 6 47.16 18.61 -10.45
N SER E 7 47.24 18.87 -9.14
CA SER E 7 48.48 19.20 -8.44
C SER E 7 48.14 19.34 -6.96
N GLY E 8 49.17 19.30 -6.13
CA GLY E 8 49.00 19.54 -4.72
C GLY E 8 49.01 18.32 -3.82
N GLY E 9 49.01 17.11 -4.39
CA GLY E 9 49.06 15.93 -3.56
C GLY E 9 50.40 15.78 -2.86
N GLY E 10 50.46 14.79 -1.99
CA GLY E 10 51.70 14.45 -1.30
C GLY E 10 51.39 13.55 -0.13
N VAL E 11 52.25 13.61 0.88
CA VAL E 11 52.08 12.84 2.09
C VAL E 11 51.56 13.75 3.20
N VAL E 12 50.44 13.36 3.80
CA VAL E 12 49.81 14.17 4.83
C VAL E 12 49.59 13.33 6.07
N GLN E 13 50.18 13.76 7.19
CA GLN E 13 49.90 13.11 8.45
C GLN E 13 48.41 13.18 8.74
N PRO E 14 47.83 12.16 9.36
CA PRO E 14 46.36 12.13 9.49
C PRO E 14 45.87 13.20 10.46
N GLY E 15 44.70 13.77 10.15
CA GLY E 15 44.14 14.86 10.90
C GLY E 15 44.53 16.24 10.43
N ARG E 16 45.49 16.35 9.53
CA ARG E 16 45.93 17.64 9.00
C ARG E 16 45.20 17.95 7.70
N SER E 17 45.69 18.92 6.93
CA SER E 17 44.91 19.49 5.84
C SER E 17 45.79 19.67 4.62
N LEU E 18 45.15 19.83 3.47
CA LEU E 18 45.83 19.91 2.18
C LEU E 18 44.84 20.35 1.13
N ARG E 19 45.35 21.07 0.13
CA ARG E 19 44.51 21.76 -0.85
C ARG E 19 44.99 21.42 -2.25
N LEU E 20 44.08 20.91 -3.08
CA LEU E 20 44.40 20.42 -4.41
C LEU E 20 43.93 21.39 -5.49
N SER E 21 44.70 21.50 -6.57
CA SER E 21 44.36 22.33 -7.72
C SER E 21 44.30 21.48 -8.97
N CYS E 22 43.20 21.59 -9.69
CA CYS E 22 43.08 21.05 -11.04
C CYS E 22 42.96 22.24 -11.97
N ALA E 23 43.82 22.29 -12.98
CA ALA E 23 43.98 23.48 -13.79
C ALA E 23 43.44 23.24 -15.20
N ALA E 24 42.24 23.75 -15.48
CA ALA E 24 41.60 23.52 -16.77
C ALA E 24 42.16 24.45 -17.81
N SER E 25 42.10 24.01 -19.06
CA SER E 25 42.47 24.82 -20.21
C SER E 25 41.75 24.31 -21.45
N GLY E 26 41.65 25.18 -22.45
CA GLY E 26 41.14 24.78 -23.75
C GLY E 26 39.65 24.56 -23.83
N PHE E 27 38.88 25.15 -22.91
CA PHE E 27 37.43 25.20 -22.99
C PHE E 27 36.94 26.25 -22.00
N THR E 28 35.72 26.73 -22.19
CA THR E 28 35.19 27.72 -21.27
C THR E 28 34.90 27.05 -19.92
N PHE E 29 35.86 27.16 -19.00
CA PHE E 29 35.73 26.56 -17.67
C PHE E 29 34.42 26.95 -16.99
N SER E 30 34.02 28.21 -17.14
CA SER E 30 32.85 28.76 -16.45
C SER E 30 31.53 28.17 -16.93
N SER E 31 31.52 27.45 -18.06
CA SER E 31 30.29 26.89 -18.59
C SER E 31 30.00 25.49 -18.06
N TYR E 32 30.99 24.82 -17.46
CA TYR E 32 30.85 23.43 -17.07
C TYR E 32 30.90 23.25 -15.56
N GLY E 33 30.18 22.26 -15.09
CA GLY E 33 30.42 21.78 -13.75
C GLY E 33 31.70 20.98 -13.70
N MET E 34 32.15 20.70 -12.48
CA MET E 34 33.35 19.91 -12.27
C MET E 34 33.13 18.95 -11.11
N HIS E 35 33.82 17.81 -11.19
CA HIS E 35 33.78 16.77 -10.19
C HIS E 35 35.20 16.49 -9.74
N TRP E 36 35.35 15.97 -8.53
CA TRP E 36 36.55 15.30 -8.10
C TRP E 36 36.20 13.85 -7.88
N VAL E 37 37.02 12.95 -8.41
CA VAL E 37 36.91 11.52 -8.19
C VAL E 37 38.23 11.02 -7.63
N ARG E 38 38.17 10.03 -6.75
CA ARG E 38 39.37 9.42 -6.21
C ARG E 38 39.36 7.92 -6.43
N GLN E 39 40.56 7.35 -6.43
CA GLN E 39 40.77 5.92 -6.58
C GLN E 39 41.73 5.49 -5.49
N ALA E 40 41.30 4.61 -4.57
CA ALA E 40 42.23 4.11 -3.57
C ALA E 40 43.18 3.07 -4.19
N PRO E 41 44.43 2.96 -3.68
CA PRO E 41 45.42 2.06 -4.34
C PRO E 41 44.89 0.65 -4.48
N GLY E 42 44.75 0.15 -5.72
CA GLY E 42 44.23 -1.18 -5.94
C GLY E 42 42.72 -1.30 -5.90
N LYS E 43 41.96 -0.22 -5.65
CA LYS E 43 40.52 -0.33 -5.61
C LYS E 43 39.89 0.45 -6.75
N GLY E 44 38.56 0.49 -6.77
CA GLY E 44 37.83 1.12 -7.85
C GLY E 44 37.81 2.64 -7.76
N LEU E 45 36.99 3.24 -8.64
CA LEU E 45 36.72 4.68 -8.61
C LEU E 45 35.69 5.01 -7.52
N GLU E 46 35.82 6.19 -6.92
CA GLU E 46 34.84 6.71 -5.95
C GLU E 46 34.65 8.19 -6.14
N TRP E 47 33.39 8.63 -6.30
CA TRP E 47 33.06 10.05 -6.53
C TRP E 47 33.21 10.88 -5.25
N VAL E 48 33.89 12.02 -5.35
CA VAL E 48 34.15 12.85 -4.17
C VAL E 48 33.18 14.01 -4.06
N ALA E 49 33.08 14.85 -5.10
CA ALA E 49 32.25 16.05 -5.02
C ALA E 49 31.95 16.60 -6.42
N VAL E 50 30.80 17.30 -6.55
CA VAL E 50 30.46 18.07 -7.74
C VAL E 50 30.21 19.54 -7.35
N ILE E 51 30.54 20.42 -8.27
CA ILE E 51 30.27 21.85 -8.16
C ILE E 51 29.60 22.30 -9.45
N TRP E 52 28.78 23.34 -9.33
CA TRP E 52 27.97 23.73 -10.50
C TRP E 52 28.72 24.74 -11.37
N TYR E 53 28.28 24.88 -12.61
CA TYR E 53 29.02 25.71 -13.57
C TYR E 53 29.26 27.08 -13.00
N ASP E 54 28.27 27.61 -12.27
CA ASP E 54 28.28 28.94 -11.72
C ASP E 54 28.58 28.95 -10.23
N GLY E 55 29.21 27.91 -9.72
CA GLY E 55 29.52 27.86 -8.30
C GLY E 55 28.32 27.68 -7.38
N SER E 56 27.11 27.62 -7.91
CA SER E 56 25.96 27.78 -7.01
C SER E 56 25.72 26.53 -6.15
N ASN E 57 26.16 25.34 -6.56
CA ASN E 57 25.85 24.15 -5.76
C ASN E 57 27.06 23.26 -5.55
N LYS E 58 27.05 22.52 -4.43
CA LYS E 58 28.15 21.63 -4.06
C LYS E 58 27.58 20.40 -3.37
N TYR E 59 27.65 19.23 -4.03
CA TYR E 59 27.26 17.98 -3.41
C TYR E 59 28.51 17.13 -3.14
N TYR E 60 28.49 16.40 -2.02
CA TYR E 60 29.62 15.57 -1.59
C TYR E 60 29.18 14.15 -1.28
N ALA E 61 30.13 13.23 -1.38
CA ALA E 61 29.94 11.88 -0.88
C ALA E 61 29.87 11.86 0.65
N ASP E 62 29.14 10.88 1.18
CA ASP E 62 28.99 10.74 2.63
C ASP E 62 30.34 10.59 3.32
N SER E 63 31.29 9.93 2.67
CA SER E 63 32.58 9.68 3.31
C SER E 63 33.37 10.95 3.58
N VAL E 64 33.14 12.00 2.81
CA VAL E 64 33.90 13.24 2.96
C VAL E 64 33.04 14.40 3.44
N LYS E 65 31.71 14.32 3.28
CA LYS E 65 30.80 15.42 3.60
C LYS E 65 31.09 15.96 4.97
N GLY E 66 31.37 17.26 5.04
CA GLY E 66 31.74 17.89 6.28
C GLY E 66 33.23 18.03 6.48
N ARG E 67 34.04 17.31 5.71
CA ARG E 67 35.48 17.46 5.81
C ARG E 67 36.12 17.98 4.53
N PHE E 68 35.50 17.82 3.38
CA PHE E 68 36.06 18.38 2.16
C PHE E 68 35.19 19.54 1.70
N THR E 69 35.82 20.56 1.12
CA THR E 69 35.11 21.67 0.50
C THR E 69 35.61 21.83 -0.93
N ILE E 70 34.72 21.60 -1.90
CA ILE E 70 35.01 21.85 -3.31
C ILE E 70 34.62 23.29 -3.64
N SER E 71 35.49 23.97 -4.38
CA SER E 71 35.36 25.36 -4.76
C SER E 71 36.02 25.57 -6.11
N ARG E 72 35.58 26.62 -6.80
CA ARG E 72 36.17 26.94 -8.12
C ARG E 72 36.51 28.42 -8.16
N ASP E 73 37.07 28.87 -9.28
CA ASP E 73 37.45 30.27 -9.48
C ASP E 73 37.43 30.52 -10.98
N ASN E 74 36.33 31.08 -11.49
CA ASN E 74 36.19 31.06 -12.94
C ASN E 74 37.04 32.13 -13.61
N SER E 75 37.74 32.93 -12.82
CA SER E 75 38.64 33.93 -13.35
C SER E 75 40.03 33.40 -13.59
N LYS E 76 40.40 32.33 -12.89
CA LYS E 76 41.69 31.66 -13.05
C LYS E 76 41.54 30.22 -13.59
N ASN E 77 40.34 29.80 -13.98
CA ASN E 77 40.10 28.50 -14.60
C ASN E 77 40.69 27.38 -13.75
N THR E 78 40.22 27.30 -12.52
CA THR E 78 40.86 26.42 -11.56
C THR E 78 39.83 25.81 -10.62
N LEU E 79 39.94 24.50 -10.40
CA LEU E 79 39.12 23.79 -9.42
C LEU E 79 39.96 23.55 -8.17
N TYR E 80 39.28 23.32 -7.05
CA TYR E 80 39.94 23.17 -5.78
C TYR E 80 39.26 22.12 -4.93
N LEU E 81 40.04 21.43 -4.11
CA LEU E 81 39.49 20.54 -3.09
C LEU E 81 40.25 20.79 -1.80
N GLN E 82 39.55 21.31 -0.79
CA GLN E 82 40.10 21.50 0.55
C GLN E 82 39.81 20.25 1.37
N MET E 83 40.86 19.60 1.88
CA MET E 83 40.67 18.34 2.59
C MET E 83 41.14 18.50 4.02
N ASN E 84 40.21 18.35 4.97
CA ASN E 84 40.52 18.55 6.38
C ASN E 84 40.22 17.29 7.17
N SER E 85 40.92 17.16 8.30
CA SER E 85 40.81 15.98 9.16
C SER E 85 41.05 14.71 8.36
N LEU E 86 42.07 14.75 7.49
CA LEU E 86 42.37 13.66 6.57
C LEU E 86 42.55 12.35 7.31
N ARG E 87 41.79 11.34 6.91
CA ARG E 87 41.94 10.01 7.46
C ARG E 87 42.84 9.17 6.55
N ALA E 88 43.22 8.00 7.06
CA ALA E 88 44.00 7.05 6.28
C ALA E 88 43.22 6.55 5.06
N GLU E 89 41.93 6.26 5.23
CA GLU E 89 41.07 5.82 4.12
C GLU E 89 40.93 6.87 3.03
N ASP E 90 41.49 8.07 3.20
CA ASP E 90 41.54 9.07 2.14
C ASP E 90 42.78 8.94 1.27
N THR E 91 43.72 8.07 1.64
CA THR E 91 44.84 7.74 0.76
C THR E 91 44.31 7.20 -0.55
N ALA E 92 44.50 7.97 -1.62
CA ALA E 92 43.96 7.68 -2.94
C ALA E 92 44.60 8.63 -3.94
N VAL E 93 44.24 8.46 -5.20
CA VAL E 93 44.63 9.35 -6.29
C VAL E 93 43.42 10.19 -6.62
N TYR E 94 43.59 11.50 -6.62
CA TYR E 94 42.46 12.39 -6.83
C TYR E 94 42.50 12.91 -8.26
N TYR E 95 41.44 12.63 -9.03
CA TYR E 95 41.26 13.13 -10.39
C TYR E 95 40.12 14.16 -10.42
N CYS E 96 40.35 15.29 -11.06
CA CYS E 96 39.22 16.09 -11.48
C CYS E 96 38.79 15.62 -12.86
N ALA E 97 37.50 15.81 -13.13
CA ALA E 97 36.87 15.42 -14.39
C ALA E 97 35.76 16.43 -14.70
N ARG E 98 35.65 16.80 -15.97
CA ARG E 98 34.66 17.80 -16.37
C ARG E 98 33.25 17.28 -16.11
N GLY E 99 32.39 18.18 -15.64
CA GLY E 99 31.00 17.89 -15.40
C GLY E 99 30.17 18.22 -16.61
N PRO E 100 28.87 18.35 -16.41
CA PRO E 100 27.97 18.66 -17.53
C PRO E 100 28.15 20.09 -18.02
N LEU E 101 27.75 20.33 -19.27
CA LEU E 101 27.68 21.68 -19.81
C LEU E 101 26.42 22.36 -19.31
N GLY E 102 26.57 23.43 -18.53
CA GLY E 102 25.41 24.08 -17.95
C GLY E 102 25.09 23.57 -16.55
N SER E 103 23.87 23.86 -16.12
CA SER E 103 23.48 23.45 -14.77
C SER E 103 23.21 21.94 -14.72
N ASN E 104 23.63 21.33 -13.61
CA ASN E 104 23.40 19.94 -13.26
C ASN E 104 21.95 19.66 -12.78
N TYR E 105 21.08 20.66 -12.85
CA TYR E 105 19.66 20.39 -12.67
C TYR E 105 19.07 19.76 -13.91
N PHE E 106 19.64 20.07 -15.08
CA PHE E 106 19.03 19.72 -16.36
C PHE E 106 19.92 18.90 -17.26
N ASN E 107 21.22 19.11 -17.22
CA ASN E 107 22.15 18.37 -18.05
C ASN E 107 22.91 17.41 -17.16
N TYR E 108 22.88 16.12 -17.51
CA TYR E 108 23.35 15.10 -16.60
C TYR E 108 24.53 14.27 -17.09
N ASP E 109 24.78 14.27 -18.39
CA ASP E 109 25.94 13.54 -18.95
C ASP E 109 27.23 14.30 -18.63
N ALA E 110 28.20 13.64 -18.00
CA ALA E 110 29.43 14.34 -17.64
C ALA E 110 30.59 13.36 -17.74
N PHE E 111 31.69 13.73 -17.08
CA PHE E 111 32.89 12.90 -17.01
C PHE E 111 33.44 12.55 -18.38
N ASP E 112 33.29 13.46 -19.32
CA ASP E 112 33.81 13.28 -20.66
C ASP E 112 35.31 13.49 -20.74
N ILE E 113 35.93 14.13 -19.76
CA ILE E 113 37.37 14.39 -19.80
C ILE E 113 37.90 14.34 -18.38
N TRP E 114 39.03 13.68 -18.20
CA TRP E 114 39.65 13.48 -16.89
C TRP E 114 41.01 14.15 -16.85
N GLY E 115 41.46 14.52 -15.65
CA GLY E 115 42.84 14.89 -15.41
C GLY E 115 43.72 13.65 -15.22
N GLN E 116 45.00 13.88 -15.00
CA GLN E 116 45.93 12.78 -14.83
C GLN E 116 46.07 12.32 -13.39
N GLY E 117 45.42 12.98 -12.46
CA GLY E 117 45.53 12.57 -11.07
C GLY E 117 46.65 13.20 -10.28
N THR E 118 46.39 13.51 -9.03
CA THR E 118 47.43 13.77 -8.04
C THR E 118 47.24 12.75 -6.92
N MET E 119 48.35 12.28 -6.37
CA MET E 119 48.34 11.18 -5.41
C MET E 119 48.43 11.74 -4.01
N VAL E 120 47.52 11.32 -3.14
CA VAL E 120 47.49 11.78 -1.74
C VAL E 120 47.68 10.58 -0.83
N THR E 121 48.61 10.69 0.11
CA THR E 121 49.01 9.60 0.97
C THR E 121 48.89 10.05 2.40
N VAL E 122 48.00 9.43 3.16
CA VAL E 122 47.76 9.88 4.53
C VAL E 122 48.29 8.80 5.46
N SER E 123 49.49 9.01 5.98
CA SER E 123 49.99 8.13 7.02
C SER E 123 50.97 8.90 7.88
N SER E 124 51.27 8.31 9.03
CA SER E 124 52.08 8.97 10.05
C SER E 124 53.51 8.46 10.07
N ALA E 125 53.98 7.90 8.99
CA ALA E 125 55.33 7.35 8.97
C ALA E 125 56.33 8.40 8.51
N SER E 126 57.51 8.40 9.12
CA SER E 126 58.58 9.29 8.70
C SER E 126 59.33 8.73 7.48
N THR E 127 59.62 9.63 6.52
CA THR E 127 60.33 9.29 5.29
C THR E 127 61.58 8.47 5.57
N LYS E 128 61.65 7.28 4.97
CA LYS E 128 62.79 6.38 5.12
C LYS E 128 63.31 5.98 3.76
N GLY E 129 64.64 5.87 3.62
CA GLY E 129 65.24 5.19 2.50
C GLY E 129 65.16 3.67 2.62
N PRO E 130 65.23 2.98 1.48
CA PRO E 130 65.14 1.50 1.49
C PRO E 130 66.42 0.79 1.93
N SER E 131 66.23 -0.36 2.60
CA SER E 131 67.29 -1.34 2.83
C SER E 131 67.27 -2.34 1.67
N VAL E 132 68.34 -2.40 0.91
CA VAL E 132 68.38 -3.20 -0.32
C VAL E 132 69.15 -4.49 -0.03
N PHE E 133 68.44 -5.62 0.07
CA PHE E 133 69.13 -6.88 0.37
C PHE E 133 69.18 -7.80 -0.84
N PRO E 134 70.28 -8.53 -1.05
CA PRO E 134 70.36 -9.45 -2.19
C PRO E 134 69.45 -10.64 -2.01
N LEU E 135 68.87 -11.11 -3.12
CA LEU E 135 68.23 -12.42 -3.21
C LEU E 135 69.20 -13.26 -4.03
N ALA E 136 70.16 -13.85 -3.32
CA ALA E 136 71.26 -14.57 -4.00
C ALA E 136 70.78 -15.88 -4.60
N PRO E 137 71.18 -16.19 -5.84
CA PRO E 137 70.80 -17.47 -6.41
C PRO E 137 71.44 -18.62 -5.63
N SER E 138 70.69 -19.67 -5.33
CA SER E 138 71.25 -20.89 -4.71
C SER E 138 71.05 -22.01 -5.70
N SER E 139 72.08 -22.78 -6.01
CA SER E 139 71.86 -23.74 -7.13
C SER E 139 70.70 -24.71 -6.85
N LYS E 140 70.68 -25.38 -5.70
CA LYS E 140 69.48 -26.24 -5.51
C LYS E 140 68.21 -25.40 -5.33
N SER E 141 68.30 -24.33 -4.55
CA SER E 141 67.10 -23.48 -4.27
C SER E 141 66.53 -22.78 -5.51
N THR E 142 67.36 -22.09 -6.28
CA THR E 142 66.76 -21.28 -7.37
C THR E 142 67.30 -21.54 -8.76
N SER E 143 68.14 -22.56 -8.96
CA SER E 143 68.59 -22.68 -10.37
C SER E 143 67.38 -22.96 -11.26
N GLY E 144 66.49 -23.89 -10.91
CA GLY E 144 65.22 -24.04 -11.65
C GLY E 144 65.51 -24.28 -13.13
N GLY E 145 66.70 -24.79 -13.45
CA GLY E 145 67.12 -24.99 -14.84
C GLY E 145 67.77 -23.78 -15.52
N THR E 146 67.82 -22.62 -14.85
CA THR E 146 68.59 -21.42 -15.27
C THR E 146 68.66 -20.46 -14.08
N ALA E 147 69.68 -19.60 -13.96
CA ALA E 147 69.79 -18.83 -12.70
C ALA E 147 68.67 -17.86 -12.36
N ALA E 148 68.32 -17.75 -11.07
CA ALA E 148 67.31 -16.76 -10.62
C ALA E 148 68.01 -15.80 -9.65
N LEU E 149 67.88 -14.49 -9.85
CA LEU E 149 68.61 -13.51 -9.02
C LEU E 149 67.63 -12.42 -8.57
N GLY E 150 67.81 -11.83 -7.39
CA GLY E 150 66.90 -10.78 -7.02
C GLY E 150 67.50 -9.69 -6.14
N CYS E 151 66.66 -8.69 -5.88
CA CYS E 151 66.91 -7.65 -4.86
C CYS E 151 65.68 -7.53 -3.99
N LEU E 152 65.86 -7.59 -2.69
CA LEU E 152 64.79 -7.26 -1.76
C LEU E 152 64.94 -5.79 -1.37
N VAL E 153 63.96 -4.96 -1.74
CA VAL E 153 63.95 -3.52 -1.46
C VAL E 153 63.00 -3.29 -0.32
N LYS E 154 63.53 -3.17 0.89
CA LYS E 154 62.71 -3.18 2.09
C LYS E 154 62.68 -1.83 2.80
N ASP E 155 61.50 -1.50 3.35
CA ASP E 155 61.37 -0.52 4.42
C ASP E 155 61.72 0.91 3.95
N TYR E 156 60.98 1.37 2.94
CA TYR E 156 61.07 2.74 2.44
C TYR E 156 59.67 3.36 2.50
N PHE E 157 59.55 4.59 3.02
CA PHE E 157 58.19 5.07 3.27
C PHE E 157 57.41 5.69 2.11
N PRO E 158 57.88 6.74 1.42
CA PRO E 158 57.06 7.28 0.33
C PRO E 158 57.23 6.49 -0.96
N GLU E 159 56.11 6.24 -1.64
CA GLU E 159 55.97 5.09 -2.52
C GLU E 159 56.92 5.00 -3.72
N PRO E 160 57.19 6.04 -4.49
CA PRO E 160 57.92 5.78 -5.75
C PRO E 160 59.37 5.38 -5.55
N VAL E 161 59.67 4.08 -5.70
CA VAL E 161 61.03 3.57 -5.77
C VAL E 161 61.23 2.95 -7.15
N THR E 162 62.41 3.11 -7.74
CA THR E 162 62.69 2.56 -9.06
C THR E 162 63.93 1.66 -9.05
N VAL E 163 63.81 0.52 -9.72
CA VAL E 163 64.84 -0.51 -9.75
C VAL E 163 65.27 -0.73 -11.19
N SER E 164 66.57 -0.67 -11.45
CA SER E 164 67.09 -1.19 -12.70
C SER E 164 68.19 -2.21 -12.41
N TRP E 165 68.62 -2.92 -13.45
CA TRP E 165 69.67 -3.92 -13.30
C TRP E 165 70.87 -3.53 -14.15
N ASN E 166 72.04 -3.56 -13.54
CA ASN E 166 73.29 -3.19 -14.21
C ASN E 166 73.14 -1.88 -14.97
N SER E 167 72.49 -0.91 -14.32
CA SER E 167 72.30 0.44 -14.87
C SER E 167 71.57 0.39 -16.22
N GLY E 168 70.47 -0.36 -16.27
CA GLY E 168 69.68 -0.49 -17.48
C GLY E 168 70.25 -1.39 -18.55
N ALA E 169 71.37 -2.08 -18.31
CA ALA E 169 71.92 -2.96 -19.32
C ALA E 169 71.22 -4.33 -19.36
N LEU E 170 70.77 -4.82 -18.21
CA LEU E 170 69.95 -6.03 -18.13
C LEU E 170 68.49 -5.61 -18.00
N THR E 171 67.71 -5.85 -19.06
CA THR E 171 66.30 -5.51 -19.09
C THR E 171 65.41 -6.70 -19.39
N SER E 172 65.83 -7.58 -20.28
CA SER E 172 65.04 -8.76 -20.59
C SER E 172 64.92 -9.64 -19.37
N GLY E 173 63.72 -10.16 -19.12
CA GLY E 173 63.55 -11.08 -18.00
C GLY E 173 63.60 -10.47 -16.62
N VAL E 174 63.43 -9.17 -16.47
CA VAL E 174 63.38 -8.53 -15.15
C VAL E 174 61.92 -8.45 -14.73
N HIS E 175 61.64 -8.74 -13.46
CA HIS E 175 60.31 -8.53 -12.91
C HIS E 175 60.45 -7.75 -11.62
N THR E 176 59.99 -6.50 -11.64
CA THR E 176 59.89 -5.69 -10.44
C THR E 176 58.44 -5.76 -9.96
N PHE E 177 58.26 -6.23 -8.78
CA PHE E 177 56.89 -6.40 -8.30
C PHE E 177 56.33 -5.13 -7.67
N PRO E 178 55.01 -4.93 -7.81
CA PRO E 178 54.31 -3.91 -7.04
C PRO E 178 54.73 -3.91 -5.58
N ALA E 179 54.89 -2.71 -5.02
CA ALA E 179 55.20 -2.63 -3.60
C ALA E 179 54.02 -3.17 -2.78
N VAL E 180 54.28 -3.45 -1.51
CA VAL E 180 53.23 -3.77 -0.57
C VAL E 180 53.43 -2.92 0.68
N LEU E 181 52.33 -2.62 1.37
CA LEU E 181 52.41 -1.81 2.56
C LEU E 181 52.50 -2.73 3.76
N GLN E 182 53.62 -2.67 4.45
CA GLN E 182 53.83 -3.56 5.57
C GLN E 182 53.06 -3.04 6.78
N SER E 183 52.91 -3.90 7.78
CA SER E 183 52.15 -3.54 8.97
C SER E 183 52.69 -2.27 9.61
N SER E 184 54.01 -2.06 9.48
CA SER E 184 54.71 -0.90 10.01
C SER E 184 54.40 0.40 9.29
N GLY E 185 53.67 0.35 8.17
CA GLY E 185 53.49 1.54 7.37
C GLY E 185 54.64 1.88 6.46
N LEU E 186 55.56 0.95 6.21
CA LEU E 186 56.64 1.11 5.23
C LEU E 186 56.41 0.16 4.06
N TYR E 187 56.87 0.56 2.89
CA TYR E 187 56.66 -0.24 1.69
C TYR E 187 57.84 -1.19 1.48
N SER E 188 57.52 -2.37 0.94
CA SER E 188 58.51 -3.37 0.60
C SER E 188 58.23 -3.91 -0.80
N LEU E 189 59.31 -4.23 -1.50
CA LEU E 189 59.25 -4.63 -2.90
C LEU E 189 60.38 -5.61 -3.26
N SER E 190 60.11 -6.54 -4.16
CA SER E 190 61.18 -7.34 -4.74
C SER E 190 61.39 -7.27 -6.24
N SER E 191 62.63 -7.06 -6.66
CA SER E 191 62.98 -7.05 -8.07
C SER E 191 63.80 -8.30 -8.37
N VAL E 192 63.35 -9.05 -9.36
CA VAL E 192 63.91 -10.36 -9.59
C VAL E 192 64.24 -10.48 -11.08
N VAL E 193 65.23 -11.31 -11.40
CA VAL E 193 65.66 -11.48 -12.79
C VAL E 193 66.17 -12.91 -12.99
N THR E 194 65.84 -13.51 -14.13
CA THR E 194 66.34 -14.82 -14.48
C THR E 194 67.42 -14.71 -15.56
N VAL E 195 68.57 -15.31 -15.29
CA VAL E 195 69.71 -15.28 -16.19
C VAL E 195 70.12 -16.72 -16.47
N PRO E 196 70.87 -16.94 -17.57
CA PRO E 196 71.53 -18.24 -17.76
C PRO E 196 72.38 -18.64 -16.56
N SER E 197 72.07 -19.78 -15.93
CA SER E 197 72.86 -20.26 -14.79
C SER E 197 74.31 -20.42 -15.17
N SER E 198 74.58 -20.59 -16.46
CA SER E 198 75.94 -20.58 -16.97
C SER E 198 76.65 -19.28 -16.65
N SER E 199 75.92 -18.16 -16.63
CA SER E 199 76.54 -16.84 -16.59
C SER E 199 76.91 -16.35 -15.20
N LEU E 200 76.61 -17.12 -14.14
CA LEU E 200 76.75 -16.58 -12.78
C LEU E 200 78.20 -16.25 -12.43
N GLY E 201 79.12 -17.14 -12.76
CA GLY E 201 80.50 -16.84 -12.44
C GLY E 201 81.21 -15.94 -13.43
N THR E 202 80.64 -15.68 -14.59
CA THR E 202 81.26 -14.74 -15.53
C THR E 202 80.70 -13.33 -15.36
N GLN E 203 79.39 -13.18 -15.57
CA GLN E 203 78.75 -11.88 -15.65
C GLN E 203 78.34 -11.40 -14.26
N THR E 204 78.65 -10.14 -13.95
CA THR E 204 78.38 -9.58 -12.64
C THR E 204 77.08 -8.77 -12.67
N TYR E 205 76.25 -8.92 -11.63
CA TYR E 205 74.89 -8.42 -11.63
C TYR E 205 74.69 -7.48 -10.44
N ILE E 206 74.29 -6.24 -10.72
CA ILE E 206 74.06 -5.22 -9.72
C ILE E 206 72.70 -4.60 -9.97
N CYS E 207 71.85 -4.59 -8.95
CA CYS E 207 70.59 -3.88 -9.04
C CYS E 207 70.78 -2.46 -8.51
N ASN E 208 70.16 -1.49 -9.19
CA ASN E 208 70.26 -0.08 -8.82
C ASN E 208 68.92 0.34 -8.23
N VAL E 209 68.92 0.84 -6.99
CA VAL E 209 67.69 1.21 -6.32
C VAL E 209 67.66 2.73 -6.16
N ASN E 210 66.56 3.34 -6.58
CA ASN E 210 66.42 4.79 -6.61
C ASN E 210 65.15 5.18 -5.85
N HIS E 211 65.30 6.03 -4.83
CA HIS E 211 64.15 6.44 -4.03
C HIS E 211 64.14 7.98 -3.94
N LYS E 212 63.49 8.61 -4.93
CA LYS E 212 63.56 10.07 -5.06
C LYS E 212 63.10 10.82 -3.81
N PRO E 213 61.99 10.44 -3.15
CA PRO E 213 61.52 11.24 -1.99
C PRO E 213 62.53 11.37 -0.86
N SER E 214 63.35 10.35 -0.60
CA SER E 214 64.36 10.43 0.45
C SER E 214 65.75 10.71 -0.11
N ASN E 215 65.83 11.05 -1.40
CA ASN E 215 67.09 11.42 -2.05
C ASN E 215 68.15 10.32 -1.94
N THR E 216 67.76 9.08 -2.21
CA THR E 216 68.59 7.89 -1.99
C THR E 216 68.81 7.11 -3.28
N LYS E 217 70.07 6.73 -3.52
CA LYS E 217 70.44 5.81 -4.59
C LYS E 217 71.38 4.77 -4.01
N VAL E 218 71.09 3.50 -4.27
CA VAL E 218 71.85 2.37 -3.73
C VAL E 218 72.17 1.42 -4.86
N ASP E 219 73.42 0.95 -4.91
CA ASP E 219 73.84 -0.11 -5.83
C ASP E 219 74.25 -1.35 -5.03
N LYS E 220 73.66 -2.50 -5.35
CA LYS E 220 73.85 -3.73 -4.59
C LYS E 220 74.22 -4.87 -5.52
N LYS E 221 75.44 -5.40 -5.35
CA LYS E 221 75.87 -6.58 -6.11
C LYS E 221 75.14 -7.82 -5.61
N VAL E 222 74.67 -8.66 -6.53
CA VAL E 222 74.10 -9.94 -6.18
C VAL E 222 75.11 -11.03 -6.54
N GLU E 223 75.49 -11.82 -5.57
CA GLU E 223 76.43 -12.90 -5.75
C GLU E 223 75.79 -14.18 -5.26
N PRO E 224 76.25 -15.33 -5.74
CA PRO E 224 75.66 -16.61 -5.30
C PRO E 224 76.28 -17.13 -4.02
N LYS E 225 75.44 -17.78 -3.20
CA LYS E 225 75.86 -18.20 -1.87
C LYS E 225 76.96 -19.27 -1.95
N SER E 226 77.83 -19.29 -0.94
CA SER E 226 78.78 -20.37 -0.77
C SER E 226 78.47 -21.19 0.47
N GLN F 1 -0.90 54.41 -19.57
CA GLN F 1 -1.55 54.99 -18.41
C GLN F 1 -3.07 55.00 -18.60
N VAL F 2 -3.80 54.31 -17.72
CA VAL F 2 -5.23 54.04 -17.91
C VAL F 2 -6.04 54.79 -16.85
N GLN F 3 -7.11 55.45 -17.30
CA GLN F 3 -8.02 56.18 -16.44
C GLN F 3 -9.43 55.61 -16.57
N LEU F 4 -10.12 55.44 -15.43
CA LEU F 4 -11.47 54.89 -15.40
C LEU F 4 -12.42 55.90 -14.76
N GLN F 5 -13.66 55.94 -15.24
CA GLN F 5 -14.62 56.95 -14.80
C GLN F 5 -16.01 56.36 -14.73
N GLU F 6 -16.56 56.31 -13.51
CA GLU F 6 -17.92 55.84 -13.28
C GLU F 6 -18.91 56.90 -13.69
N SER F 7 -20.14 56.47 -14.00
CA SER F 7 -21.18 57.38 -14.42
C SER F 7 -22.54 56.72 -14.21
N GLY F 8 -23.50 57.49 -13.70
CA GLY F 8 -24.85 56.99 -13.48
C GLY F 8 -25.64 57.76 -12.43
N PRO F 9 -26.86 57.31 -12.17
CA PRO F 9 -27.86 58.15 -11.48
C PRO F 9 -27.50 58.67 -10.10
N ARG F 10 -26.78 57.91 -9.27
CA ARG F 10 -26.44 58.31 -7.89
C ARG F 10 -27.66 58.23 -6.97
N LEU F 11 -28.84 58.00 -7.53
CA LEU F 11 -30.08 57.81 -6.75
C LEU F 11 -31.06 57.03 -7.62
N VAL F 12 -31.48 55.86 -7.15
CA VAL F 12 -32.32 54.96 -7.91
C VAL F 12 -33.41 54.42 -7.01
N LYS F 13 -34.66 54.46 -7.49
CA LYS F 13 -35.79 54.00 -6.67
C LYS F 13 -35.72 52.48 -6.51
N PRO F 14 -35.93 51.95 -5.28
CA PRO F 14 -35.81 50.51 -5.04
C PRO F 14 -36.67 49.64 -5.94
N SER F 15 -36.26 48.37 -6.06
CA SER F 15 -36.85 47.33 -6.90
C SER F 15 -36.88 47.70 -8.38
N GLU F 16 -36.17 48.75 -8.78
CA GLU F 16 -35.86 49.01 -10.16
C GLU F 16 -34.45 48.55 -10.42
N THR F 17 -33.94 48.87 -11.59
CA THR F 17 -32.60 48.46 -11.98
C THR F 17 -31.61 49.61 -11.79
N LEU F 18 -30.42 49.27 -11.31
CA LEU F 18 -29.29 50.19 -11.22
C LEU F 18 -28.48 50.05 -12.49
N SER F 19 -28.04 51.17 -13.05
CA SER F 19 -27.28 51.11 -14.29
C SER F 19 -26.11 52.09 -14.25
N LEU F 20 -24.90 51.56 -14.42
CA LEU F 20 -23.68 52.35 -14.44
C LEU F 20 -22.88 52.02 -15.69
N THR F 21 -22.01 52.96 -16.09
CA THR F 21 -21.03 52.72 -17.14
C THR F 21 -19.70 53.33 -16.74
N CYS F 22 -18.63 52.66 -17.13
CA CYS F 22 -17.26 53.02 -16.79
C CYS F 22 -16.54 53.30 -18.10
N THR F 23 -16.36 54.56 -18.43
CA THR F 23 -15.67 54.89 -19.67
C THR F 23 -14.18 55.00 -19.38
N VAL F 24 -13.38 54.57 -20.36
CA VAL F 24 -11.98 54.23 -20.15
C VAL F 24 -11.15 54.99 -21.18
N SER F 25 -10.21 55.82 -20.72
CA SER F 25 -9.34 56.54 -21.63
C SER F 25 -7.89 56.29 -21.21
N GLY F 26 -7.00 56.27 -22.20
CA GLY F 26 -5.62 55.89 -22.00
C GLY F 26 -5.29 54.48 -22.41
N GLY F 27 -6.30 53.65 -22.68
CA GLY F 27 -6.07 52.33 -23.25
C GLY F 27 -7.36 51.82 -23.86
N SER F 28 -7.21 50.97 -24.88
CA SER F 28 -8.34 50.41 -25.62
C SER F 28 -8.83 49.13 -24.94
N ILE F 29 -10.15 49.04 -24.69
CA ILE F 29 -10.70 47.84 -24.06
C ILE F 29 -10.51 46.62 -24.95
N SER F 30 -10.82 46.76 -26.24
CA SER F 30 -10.61 45.70 -27.22
C SER F 30 -9.15 45.71 -27.66
N GLY F 31 -8.41 44.68 -27.28
CA GLY F 31 -7.00 44.67 -27.52
C GLY F 31 -6.15 45.14 -26.36
N SER F 32 -6.74 45.37 -25.19
CA SER F 32 -5.91 45.56 -24.01
C SER F 32 -5.53 44.24 -23.38
N ASN F 33 -6.38 43.22 -23.55
CA ASN F 33 -6.22 41.91 -22.90
C ASN F 33 -6.30 42.02 -21.39
N TYR F 34 -6.84 43.10 -20.87
CA TYR F 34 -7.01 43.25 -19.43
C TYR F 34 -8.33 42.63 -18.99
N PHE F 35 -8.47 42.57 -17.66
CA PHE F 35 -9.74 42.13 -17.05
C PHE F 35 -10.33 43.38 -16.39
N TRP F 36 -11.61 43.67 -16.62
CA TRP F 36 -12.27 44.86 -16.11
C TRP F 36 -13.36 44.46 -15.14
N GLY F 37 -13.32 44.98 -13.93
CA GLY F 37 -14.23 44.54 -12.90
C GLY F 37 -14.98 45.69 -12.26
N TRP F 38 -16.03 45.32 -11.53
CA TRP F 38 -16.80 46.20 -10.65
C TRP F 38 -16.65 45.72 -9.21
N ILE F 39 -16.44 46.68 -8.31
CA ILE F 39 -16.39 46.47 -6.87
C ILE F 39 -17.26 47.54 -6.21
N ARG F 40 -17.94 47.18 -5.11
CA ARG F 40 -18.80 48.12 -4.41
C ARG F 40 -18.48 48.09 -2.92
N GLN F 41 -18.77 49.19 -2.21
CA GLN F 41 -18.78 49.06 -0.74
C GLN F 41 -19.82 49.97 -0.09
N PRO F 42 -20.71 49.39 0.70
CA PRO F 42 -21.62 50.21 1.48
C PRO F 42 -20.83 51.03 2.48
N PRO F 43 -21.30 52.23 2.79
CA PRO F 43 -20.53 53.12 3.67
C PRO F 43 -20.36 52.49 5.04
N GLY F 44 -19.14 52.59 5.57
CA GLY F 44 -18.79 51.93 6.82
C GLY F 44 -18.58 50.45 6.71
N LYS F 45 -18.54 49.91 5.49
CA LYS F 45 -18.41 48.47 5.31
C LYS F 45 -17.20 48.19 4.41
N GLY F 46 -17.02 46.95 4.02
CA GLY F 46 -15.86 46.58 3.25
C GLY F 46 -16.12 46.41 1.76
N LEU F 47 -15.01 46.37 1.01
CA LEU F 47 -15.06 46.05 -0.41
C LEU F 47 -15.72 44.70 -0.62
N GLU F 48 -16.57 44.62 -1.65
CA GLU F 48 -17.21 43.40 -2.12
C GLU F 48 -17.12 43.39 -3.63
N TRP F 49 -16.50 42.34 -4.20
CA TRP F 49 -16.35 42.24 -5.63
C TRP F 49 -17.69 41.91 -6.26
N ILE F 50 -17.98 42.53 -7.41
CA ILE F 50 -19.27 42.33 -8.09
C ILE F 50 -19.09 41.41 -9.28
N GLY F 51 -18.18 41.77 -10.19
CA GLY F 51 -17.91 40.92 -11.34
C GLY F 51 -16.72 41.44 -12.12
N THR F 52 -16.17 40.56 -12.97
CA THR F 52 -15.16 40.96 -13.94
C THR F 52 -15.52 40.42 -15.31
N ILE F 53 -14.95 41.07 -16.31
CA ILE F 53 -15.24 40.79 -17.71
C ILE F 53 -13.94 40.86 -18.48
N TYR F 54 -13.76 39.91 -19.39
CA TYR F 54 -12.69 39.92 -20.37
C TYR F 54 -13.36 40.15 -21.72
N TYR F 55 -12.69 40.93 -22.59
CA TYR F 55 -13.35 41.24 -23.86
C TYR F 55 -13.46 40.01 -24.78
N GLY F 56 -12.60 39.02 -24.59
CA GLY F 56 -12.75 37.75 -25.30
C GLY F 56 -14.10 37.08 -25.10
N GLY F 57 -14.78 37.37 -24.01
CA GLY F 57 -16.14 36.90 -23.85
C GLY F 57 -16.48 36.40 -22.47
N SER F 58 -15.52 35.75 -21.83
CA SER F 58 -15.75 35.18 -20.51
C SER F 58 -16.03 36.27 -19.46
N THR F 59 -17.24 36.26 -18.89
CA THR F 59 -17.54 37.10 -17.74
C THR F 59 -17.67 36.28 -16.46
N TYR F 60 -17.21 36.85 -15.36
CA TYR F 60 -17.22 36.23 -14.04
C TYR F 60 -18.12 37.08 -13.14
N TYR F 61 -18.84 36.41 -12.24
CA TYR F 61 -19.81 37.08 -11.39
C TYR F 61 -19.76 36.55 -9.96
N ASN F 62 -19.87 37.49 -9.02
CA ASN F 62 -19.94 37.13 -7.59
C ASN F 62 -21.21 36.33 -7.39
N PRO F 63 -21.15 35.13 -6.77
CA PRO F 63 -22.33 34.26 -6.66
C PRO F 63 -23.48 34.91 -5.91
N SER F 64 -23.20 35.77 -4.92
CA SER F 64 -24.28 36.44 -4.18
C SER F 64 -25.18 37.26 -5.09
N LEU F 65 -24.62 37.87 -6.13
CA LEU F 65 -25.35 38.82 -6.95
C LEU F 65 -25.69 38.27 -8.33
N LYS F 66 -25.58 36.96 -8.54
CA LYS F 66 -25.56 36.40 -9.90
C LYS F 66 -26.86 36.67 -10.64
N SER F 67 -28.00 36.40 -10.00
CA SER F 67 -29.26 36.51 -10.74
C SER F 67 -29.57 37.95 -11.12
N ARG F 68 -29.01 38.94 -10.42
CA ARG F 68 -29.35 40.34 -10.64
C ARG F 68 -28.32 41.10 -11.46
N VAL F 69 -27.15 40.52 -11.75
CA VAL F 69 -26.02 41.25 -12.31
C VAL F 69 -25.78 40.85 -13.76
N THR F 70 -25.61 41.85 -14.62
CA THR F 70 -25.02 41.65 -15.95
C THR F 70 -23.94 42.69 -16.17
N ILE F 71 -22.93 42.30 -16.92
CA ILE F 71 -21.82 43.17 -17.31
C ILE F 71 -21.61 43.00 -18.80
N SER F 72 -21.47 44.11 -19.51
CA SER F 72 -21.35 44.11 -20.95
C SER F 72 -20.27 45.11 -21.34
N VAL F 73 -19.97 45.15 -22.63
CA VAL F 73 -19.03 46.13 -23.16
C VAL F 73 -19.36 46.36 -24.63
N ASP F 74 -19.26 47.61 -25.06
CA ASP F 74 -19.20 47.93 -26.48
C ASP F 74 -17.91 48.70 -26.73
N THR F 75 -17.08 48.17 -27.62
CA THR F 75 -15.87 48.86 -28.02
C THR F 75 -16.15 50.19 -28.68
N SER F 76 -17.35 50.36 -29.24
CA SER F 76 -17.69 51.57 -29.98
C SER F 76 -17.44 52.81 -29.13
N GLU F 77 -17.88 52.78 -27.88
CA GLU F 77 -17.67 53.89 -26.96
C GLU F 77 -16.60 53.58 -25.92
N ASN F 78 -15.78 52.55 -26.18
CA ASN F 78 -14.66 52.19 -25.26
C ASN F 78 -15.12 52.30 -23.81
N GLN F 79 -16.16 51.55 -23.45
CA GLN F 79 -16.67 51.62 -22.06
C GLN F 79 -17.44 50.35 -21.71
N PHE F 80 -17.29 49.86 -20.49
CA PHE F 80 -18.05 48.71 -20.01
C PHE F 80 -19.04 49.11 -18.93
N SER F 81 -20.02 48.26 -18.73
CA SER F 81 -21.22 48.62 -18.00
C SER F 81 -21.63 47.60 -16.95
N LEU F 82 -22.56 48.03 -16.10
CA LEU F 82 -23.02 47.24 -14.97
C LEU F 82 -24.51 47.50 -14.83
N LYS F 83 -25.29 46.42 -14.79
CA LYS F 83 -26.68 46.46 -14.41
C LYS F 83 -26.84 45.60 -13.16
N LEU F 84 -27.68 46.07 -12.23
CA LEU F 84 -28.02 45.33 -11.01
C LEU F 84 -29.53 45.47 -10.85
N SER F 85 -30.27 44.47 -11.31
CA SER F 85 -31.73 44.51 -11.30
C SER F 85 -32.29 44.24 -9.91
N SER F 86 -33.57 44.57 -9.75
CA SER F 86 -34.31 44.34 -8.52
C SER F 86 -33.50 44.79 -7.30
N VAL F 87 -33.24 46.09 -7.26
CA VAL F 87 -32.29 46.68 -6.31
C VAL F 87 -33.04 47.02 -5.02
N THR F 88 -32.40 46.79 -3.88
CA THR F 88 -33.08 47.09 -2.61
C THR F 88 -32.23 47.95 -1.69
N ALA F 89 -32.70 48.13 -0.46
CA ALA F 89 -32.05 49.04 0.48
C ALA F 89 -30.58 48.72 0.63
N ALA F 90 -30.22 47.44 0.62
CA ALA F 90 -28.85 47.06 0.94
C ALA F 90 -27.87 47.26 -0.21
N ASP F 91 -28.32 47.71 -1.38
CA ASP F 91 -27.40 47.93 -2.49
C ASP F 91 -26.83 49.34 -2.48
N THR F 92 -27.16 50.15 -1.48
CA THR F 92 -26.55 51.47 -1.35
C THR F 92 -25.06 51.35 -1.11
N ALA F 93 -24.27 51.97 -1.98
CA ALA F 93 -22.81 51.87 -1.88
C ALA F 93 -22.09 52.73 -2.91
N VAL F 94 -20.85 53.12 -2.59
CA VAL F 94 -19.92 53.50 -3.64
C VAL F 94 -19.70 52.30 -4.54
N TYR F 95 -19.79 52.51 -5.85
CA TYR F 95 -19.48 51.47 -6.84
C TYR F 95 -18.20 51.89 -7.58
N TYR F 96 -17.21 51.01 -7.57
CA TYR F 96 -15.95 51.24 -8.27
C TYR F 96 -15.84 50.35 -9.49
N CYS F 97 -15.14 50.84 -10.51
CA CYS F 97 -14.69 50.01 -11.60
C CYS F 97 -13.16 50.05 -11.60
N ALA F 98 -12.54 48.89 -11.85
CA ALA F 98 -11.09 48.75 -11.81
C ALA F 98 -10.65 47.77 -12.90
N ASN F 99 -9.41 47.89 -13.30
CA ASN F 99 -8.87 46.96 -14.26
C ASN F 99 -7.93 45.95 -13.58
N LEU F 100 -7.52 44.96 -14.36
CA LEU F 100 -6.80 43.78 -13.84
C LEU F 100 -5.99 43.25 -15.01
N ALA F 101 -4.66 43.35 -14.94
CA ALA F 101 -3.85 42.61 -15.93
C ALA F 101 -3.94 41.23 -15.30
N TRP F 102 -4.31 40.19 -16.03
CA TRP F 102 -4.56 38.91 -15.32
C TRP F 102 -3.31 38.05 -15.07
N LEU F 103 -2.70 38.20 -13.90
CA LEU F 103 -1.62 37.28 -13.50
C LEU F 103 -2.22 36.64 -12.26
N ARG F 104 -3.57 36.62 -12.19
CA ARG F 104 -4.24 36.20 -10.93
C ARG F 104 -3.75 37.27 -9.96
N GLY F 105 -3.64 38.51 -10.46
CA GLY F 105 -3.00 39.57 -9.66
C GLY F 105 -3.81 40.63 -8.95
N TYR F 106 -3.62 41.91 -9.31
CA TYR F 106 -4.13 42.99 -8.49
C TYR F 106 -4.83 44.04 -9.32
N PHE F 107 -5.89 44.60 -8.74
CA PHE F 107 -6.67 45.68 -9.34
C PHE F 107 -5.86 46.96 -9.31
N ASP F 108 -5.36 47.37 -10.47
CA ASP F 108 -4.33 48.41 -10.54
C ASP F 108 -4.94 49.81 -10.51
N TYR F 109 -5.70 50.15 -11.56
CA TYR F 109 -6.28 51.48 -11.73
C TYR F 109 -7.76 51.42 -11.42
N TRP F 110 -8.19 52.27 -10.50
CA TRP F 110 -9.60 52.34 -10.14
C TRP F 110 -10.20 53.65 -10.63
N GLY F 111 -11.52 53.70 -10.58
CA GLY F 111 -12.24 54.95 -10.70
C GLY F 111 -12.12 55.76 -9.43
N GLN F 112 -12.90 56.83 -9.39
CA GLN F 112 -12.98 57.60 -8.16
C GLN F 112 -14.09 57.08 -7.25
N GLY F 113 -14.98 56.27 -7.79
CA GLY F 113 -16.15 55.82 -7.08
C GLY F 113 -17.38 56.63 -7.45
N THR F 114 -18.54 56.05 -7.20
CA THR F 114 -19.81 56.77 -7.33
C THR F 114 -20.76 56.22 -6.28
N LEU F 115 -21.23 57.09 -5.39
CA LEU F 115 -22.17 56.70 -4.35
C LEU F 115 -23.57 56.79 -4.93
N VAL F 116 -24.27 55.67 -4.96
CA VAL F 116 -25.67 55.63 -5.35
C VAL F 116 -26.52 55.24 -4.14
N THR F 117 -27.54 56.03 -3.88
CA THR F 117 -28.50 55.78 -2.82
C THR F 117 -29.73 55.11 -3.41
N VAL F 118 -30.38 54.23 -2.65
CA VAL F 118 -31.67 53.69 -3.06
C VAL F 118 -32.68 54.12 -2.01
N SER F 119 -33.66 54.89 -2.46
CA SER F 119 -34.70 55.43 -1.59
C SER F 119 -35.77 55.96 -2.52
N SER F 120 -36.99 55.47 -2.33
CA SER F 120 -38.13 56.02 -3.06
C SER F 120 -38.76 57.15 -2.25
N ALA F 121 -37.92 58.10 -1.87
CA ALA F 121 -38.29 59.15 -0.94
C ALA F 121 -38.21 60.51 -1.62
N SER F 122 -39.25 61.31 -1.45
CA SER F 122 -39.28 62.69 -1.93
C SER F 122 -38.82 63.63 -0.83
N THR F 123 -38.64 64.90 -1.21
CA THR F 123 -38.23 65.93 -0.25
C THR F 123 -39.14 65.91 0.97
N LYS F 124 -38.60 65.54 2.13
CA LYS F 124 -39.39 65.46 3.35
C LYS F 124 -38.65 66.14 4.50
N GLY F 125 -39.40 66.86 5.32
CA GLY F 125 -38.88 67.49 6.52
C GLY F 125 -38.75 66.52 7.68
N PRO F 126 -37.88 66.84 8.62
CA PRO F 126 -37.67 65.96 9.78
C PRO F 126 -38.72 66.12 10.85
N SER F 127 -38.95 65.03 11.60
CA SER F 127 -39.72 65.04 12.84
C SER F 127 -38.76 64.95 14.02
N VAL F 128 -38.85 65.91 14.95
CA VAL F 128 -37.88 66.06 16.02
C VAL F 128 -38.45 65.51 17.32
N PHE F 129 -37.70 64.61 17.96
CA PHE F 129 -38.13 63.92 19.17
C PHE F 129 -37.16 64.15 20.30
N PRO F 130 -37.63 64.53 21.48
CA PRO F 130 -36.73 64.78 22.60
C PRO F 130 -36.13 63.49 23.13
N LEU F 131 -34.87 63.54 23.49
CA LEU F 131 -34.25 62.43 24.15
C LEU F 131 -34.38 62.59 25.66
N ALA F 132 -34.06 61.53 26.39
CA ALA F 132 -34.26 61.52 27.81
C ALA F 132 -33.31 62.50 28.50
N PRO F 133 -33.62 62.87 29.71
CA PRO F 133 -32.62 63.49 30.58
C PRO F 133 -31.98 62.48 31.53
N SER F 134 -31.03 62.96 32.34
CA SER F 134 -30.45 62.25 33.49
C SER F 134 -29.57 61.07 33.09
N SER F 135 -28.88 61.17 31.94
CA SER F 135 -27.87 60.21 31.51
C SER F 135 -28.32 58.76 31.64
N GLY F 140 -23.63 59.23 39.24
CA GLY F 140 -23.79 60.64 38.95
C GLY F 140 -22.89 61.22 37.87
N GLY F 141 -21.98 62.10 38.28
CA GLY F 141 -21.20 62.85 37.33
C GLY F 141 -22.01 64.03 36.81
N THR F 142 -22.53 63.90 35.60
CA THR F 142 -23.37 64.91 34.98
C THR F 142 -24.50 64.17 34.24
N ALA F 143 -25.22 64.86 33.36
CA ALA F 143 -26.37 64.27 32.69
C ALA F 143 -26.33 64.54 31.19
N ALA F 144 -26.99 63.67 30.45
CA ALA F 144 -27.03 63.74 28.99
C ALA F 144 -28.45 63.99 28.52
N LEU F 145 -28.57 64.59 27.34
CA LEU F 145 -29.81 65.22 26.92
C LEU F 145 -29.73 65.48 25.42
N GLY F 146 -30.83 65.24 24.72
CA GLY F 146 -30.68 65.48 23.29
C GLY F 146 -31.96 65.57 22.50
N CYS F 147 -31.78 65.83 21.21
CA CYS F 147 -32.81 65.76 20.18
C CYS F 147 -32.51 64.62 19.21
N LEU F 148 -33.57 64.03 18.68
CA LEU F 148 -33.49 63.03 17.63
C LEU F 148 -34.25 63.55 16.42
N VAL F 149 -33.55 63.74 15.30
CA VAL F 149 -34.11 64.34 14.10
C VAL F 149 -34.39 63.21 13.11
N LYS F 150 -35.65 62.84 12.92
CA LYS F 150 -36.02 61.59 12.26
C LYS F 150 -36.66 61.81 10.91
N ASP F 151 -36.40 60.89 9.99
CA ASP F 151 -37.20 60.69 8.78
C ASP F 151 -37.27 61.97 7.94
N TYR F 152 -36.09 62.40 7.47
CA TYR F 152 -35.99 63.51 6.53
C TYR F 152 -35.19 63.04 5.31
N PHE F 153 -35.76 63.21 4.12
CA PHE F 153 -35.11 62.66 2.90
C PHE F 153 -33.91 63.49 2.45
N PRO F 154 -34.01 64.80 2.21
CA PRO F 154 -32.86 65.54 1.70
C PRO F 154 -31.77 65.45 2.77
N GLU F 155 -30.53 65.19 2.37
CA GLU F 155 -29.44 64.92 3.35
C GLU F 155 -29.07 66.07 4.30
N PRO F 156 -28.97 67.36 3.88
CA PRO F 156 -28.44 68.40 4.78
C PRO F 156 -29.34 68.76 5.98
N VAL F 157 -28.81 68.67 7.20
CA VAL F 157 -29.63 69.15 8.32
C VAL F 157 -28.71 69.73 9.38
N THR F 158 -29.10 70.87 9.94
CA THR F 158 -28.21 71.58 10.87
C THR F 158 -28.89 71.76 12.22
N VAL F 159 -28.14 71.53 13.30
CA VAL F 159 -28.68 71.57 14.65
C VAL F 159 -27.84 72.49 15.54
N SER F 160 -28.48 73.47 16.18
CA SER F 160 -27.87 74.30 17.21
C SER F 160 -28.71 74.23 18.48
N TRP F 161 -28.15 74.69 19.59
CA TRP F 161 -28.80 74.54 20.88
C TRP F 161 -28.94 75.89 21.55
N ASN F 162 -30.15 76.17 22.03
CA ASN F 162 -30.48 77.47 22.62
C ASN F 162 -30.06 78.59 21.68
N SER F 163 -30.30 78.39 20.38
CA SER F 163 -30.14 79.44 19.37
C SER F 163 -28.72 80.00 19.38
N GLY F 164 -27.75 79.11 19.63
CA GLY F 164 -26.34 79.47 19.64
C GLY F 164 -25.74 79.71 21.02
N ALA F 165 -26.56 79.74 22.07
CA ALA F 165 -26.08 80.08 23.40
C ALA F 165 -25.36 78.91 24.06
N LEU F 166 -25.70 77.69 23.67
CA LEU F 166 -25.16 76.50 24.28
C LEU F 166 -24.29 75.78 23.25
N THR F 167 -22.98 75.78 23.46
CA THR F 167 -22.07 75.01 22.61
C THR F 167 -21.16 74.06 23.36
N SER F 168 -20.90 74.30 24.63
CA SER F 168 -20.05 73.43 25.42
C SER F 168 -20.77 72.10 25.67
N GLY F 169 -20.07 71.01 25.35
CA GLY F 169 -20.63 69.69 25.52
C GLY F 169 -21.67 69.30 24.51
N VAL F 170 -21.65 69.91 23.34
CA VAL F 170 -22.60 69.60 22.28
C VAL F 170 -21.91 68.71 21.27
N HIS F 171 -22.62 67.70 20.77
CA HIS F 171 -22.12 66.92 19.65
C HIS F 171 -23.28 66.51 18.75
N THR F 172 -23.19 66.83 17.46
CA THR F 172 -24.18 66.45 16.46
C THR F 172 -23.61 65.33 15.59
N PHE F 173 -24.24 64.16 15.66
CA PHE F 173 -23.66 62.99 15.02
C PHE F 173 -23.91 63.02 13.51
N PRO F 174 -23.21 62.17 12.76
CA PRO F 174 -23.52 61.99 11.35
C PRO F 174 -24.91 61.39 11.17
N ALA F 175 -25.53 61.70 10.04
CA ALA F 175 -26.78 61.04 9.71
C ALA F 175 -26.54 59.58 9.35
N VAL F 176 -27.61 58.78 9.47
CA VAL F 176 -27.63 57.40 8.98
C VAL F 176 -28.87 57.27 8.09
N LEU F 177 -28.84 56.29 7.18
CA LEU F 177 -29.93 56.09 6.23
C LEU F 177 -30.69 54.84 6.63
N GLN F 178 -31.90 55.02 7.17
CA GLN F 178 -32.70 53.89 7.60
C GLN F 178 -33.17 53.08 6.39
N SER F 179 -33.80 51.95 6.69
CA SER F 179 -34.30 51.07 5.62
C SER F 179 -35.46 51.69 4.88
N SER F 180 -36.11 52.68 5.47
CA SER F 180 -37.15 53.43 4.80
C SER F 180 -36.59 54.41 3.76
N GLY F 181 -35.28 54.50 3.60
CA GLY F 181 -34.73 55.46 2.66
C GLY F 181 -34.72 56.89 3.14
N LEU F 182 -34.88 57.08 4.44
CA LEU F 182 -34.92 58.40 5.05
C LEU F 182 -33.74 58.55 6.00
N TYR F 183 -33.14 59.73 6.03
CA TYR F 183 -32.06 60.00 6.96
C TYR F 183 -32.59 60.29 8.37
N SER F 184 -31.72 60.06 9.35
CA SER F 184 -31.96 60.38 10.75
C SER F 184 -30.61 60.72 11.36
N LEU F 185 -30.67 61.40 12.50
CA LEU F 185 -29.51 62.08 13.06
C LEU F 185 -29.81 62.52 14.49
N SER F 186 -28.83 62.39 15.38
CA SER F 186 -29.01 62.83 16.75
C SER F 186 -28.02 63.87 17.21
N SER F 187 -28.50 64.81 18.04
CA SER F 187 -27.67 65.82 18.68
C SER F 187 -27.82 65.67 20.18
N VAL F 188 -26.69 65.56 20.87
CA VAL F 188 -26.66 65.38 22.32
C VAL F 188 -25.82 66.51 22.91
N VAL F 189 -26.23 66.96 24.09
CA VAL F 189 -25.41 67.85 24.90
C VAL F 189 -25.35 67.25 26.29
N THR F 190 -24.18 67.28 26.92
CA THR F 190 -24.02 66.79 28.28
C THR F 190 -23.91 68.00 29.21
N VAL F 191 -24.82 68.06 30.19
CA VAL F 191 -25.04 69.24 31.02
C VAL F 191 -24.95 68.84 32.48
N PRO F 192 -24.55 69.74 33.38
CA PRO F 192 -24.52 69.39 34.81
C PRO F 192 -25.91 69.00 35.30
N SER F 193 -25.97 67.93 36.10
CA SER F 193 -27.26 67.46 36.59
C SER F 193 -28.04 68.42 37.48
N SER F 194 -27.33 69.24 38.26
CA SER F 194 -28.00 70.30 39.01
C SER F 194 -28.64 71.40 38.14
N SER F 195 -28.20 71.47 36.89
CA SER F 195 -28.63 72.53 35.99
C SER F 195 -29.94 72.10 35.35
N LEU F 196 -30.47 70.92 35.67
CA LEU F 196 -31.67 70.46 34.96
C LEU F 196 -32.93 71.16 35.45
N GLY F 197 -32.94 71.63 36.70
CA GLY F 197 -34.10 72.33 37.20
C GLY F 197 -34.29 73.69 36.55
N THR F 198 -33.23 74.49 36.51
CA THR F 198 -33.35 75.89 36.12
C THR F 198 -33.23 76.08 34.60
N GLN F 199 -32.14 75.59 34.02
CA GLN F 199 -31.90 75.88 32.61
C GLN F 199 -32.87 75.16 31.69
N THR F 200 -33.53 75.92 30.82
CA THR F 200 -34.31 75.32 29.74
C THR F 200 -33.41 74.94 28.57
N TYR F 201 -33.67 73.77 27.98
CA TYR F 201 -32.83 73.23 26.92
C TYR F 201 -33.66 73.10 25.65
N ILE F 202 -33.36 73.95 24.67
CA ILE F 202 -34.08 73.99 23.41
C ILE F 202 -33.11 73.73 22.28
N CYS F 203 -33.40 72.71 21.48
CA CYS F 203 -32.60 72.45 20.30
C CYS F 203 -33.19 73.05 19.03
N ASN F 204 -32.32 73.57 18.18
CA ASN F 204 -32.68 74.15 16.89
C ASN F 204 -32.36 73.29 15.67
N VAL F 205 -33.38 73.04 14.85
CA VAL F 205 -33.28 72.09 13.76
C VAL F 205 -33.71 72.83 12.50
N ASN F 206 -32.84 72.87 11.51
CA ASN F 206 -33.18 73.47 10.23
C ASN F 206 -32.92 72.44 9.15
N HIS F 207 -33.76 72.45 8.11
CA HIS F 207 -33.61 71.58 6.95
C HIS F 207 -34.00 72.41 5.72
N LYS F 208 -33.01 73.01 5.07
CA LYS F 208 -33.27 73.91 3.94
C LYS F 208 -34.11 73.30 2.83
N PRO F 209 -33.82 72.09 2.32
CA PRO F 209 -34.59 71.59 1.16
C PRO F 209 -36.10 71.58 1.33
N SER F 210 -36.60 71.31 2.55
CA SER F 210 -38.02 71.32 2.81
C SER F 210 -38.48 72.59 3.53
N ASN F 211 -37.61 73.59 3.63
CA ASN F 211 -37.91 74.89 4.25
C ASN F 211 -38.45 74.75 5.67
N THR F 212 -37.98 73.72 6.38
CA THR F 212 -38.45 73.42 7.72
C THR F 212 -37.49 74.01 8.72
N LYS F 213 -38.02 74.39 9.87
CA LYS F 213 -37.22 74.74 11.03
C LYS F 213 -38.08 74.37 12.23
N VAL F 214 -37.50 73.68 13.19
CA VAL F 214 -38.21 73.36 14.42
C VAL F 214 -37.32 73.77 15.58
N ASP F 215 -37.93 74.05 16.72
CA ASP F 215 -37.24 74.50 17.93
C ASP F 215 -37.67 73.65 19.13
N LYS F 216 -37.69 72.34 18.96
CA LYS F 216 -38.19 71.45 20.01
C LYS F 216 -37.47 71.64 21.35
N LYS F 217 -38.26 71.78 22.41
CA LYS F 217 -37.76 71.82 23.78
C LYS F 217 -37.55 70.39 24.30
N VAL F 218 -36.62 70.24 25.24
CA VAL F 218 -36.41 68.96 25.91
C VAL F 218 -36.48 69.17 27.41
N GLU F 219 -37.25 68.34 28.10
CA GLU F 219 -37.47 68.41 29.53
C GLU F 219 -37.30 67.05 30.18
N PRO F 220 -37.03 67.01 31.48
CA PRO F 220 -37.05 65.75 32.20
C PRO F 220 -38.44 65.12 32.27
N LYS F 221 -38.45 63.80 32.37
CA LYS F 221 -39.69 63.01 32.28
C LYS F 221 -40.65 63.17 33.45
N GLU G 1 -51.29 -21.99 -3.55
CA GLU G 1 -50.85 -20.77 -2.88
C GLU G 1 -49.74 -21.04 -1.86
N VAL G 2 -48.66 -20.28 -1.94
CA VAL G 2 -47.59 -20.39 -0.95
C VAL G 2 -48.05 -19.77 0.36
N GLN G 3 -47.67 -20.41 1.48
CA GLN G 3 -48.09 -19.96 2.81
C GLN G 3 -46.98 -20.20 3.80
N LEU G 4 -46.78 -19.22 4.68
CA LEU G 4 -45.84 -19.36 5.80
C LEU G 4 -46.54 -18.83 7.05
N VAL G 5 -46.75 -19.69 8.03
CA VAL G 5 -47.64 -19.39 9.15
C VAL G 5 -46.87 -19.61 10.44
N GLU G 6 -46.29 -18.53 10.98
CA GLU G 6 -45.54 -18.57 12.22
C GLU G 6 -46.46 -18.71 13.43
N SER G 7 -45.94 -19.28 14.51
CA SER G 7 -46.64 -19.29 15.78
C SER G 7 -45.64 -19.40 16.91
N GLY G 8 -46.15 -19.42 18.13
CA GLY G 8 -45.30 -19.58 19.29
C GLY G 8 -44.83 -18.33 20.02
N GLY G 9 -45.23 -17.12 19.59
CA GLY G 9 -44.82 -15.92 20.30
C GLY G 9 -45.69 -15.60 21.51
N GLY G 10 -45.27 -14.59 22.26
CA GLY G 10 -46.05 -14.16 23.42
C GLY G 10 -45.15 -13.45 24.44
N VAL G 11 -45.64 -13.44 25.68
CA VAL G 11 -44.99 -12.74 26.77
C VAL G 11 -43.98 -13.67 27.43
N VAL G 12 -42.69 -13.34 27.33
CA VAL G 12 -41.63 -14.12 27.96
C VAL G 12 -40.86 -13.24 28.92
N GLN G 13 -40.69 -13.72 30.14
CA GLN G 13 -39.86 -12.99 31.09
C GLN G 13 -38.39 -13.00 30.64
N PRO G 14 -37.62 -11.97 30.99
CA PRO G 14 -36.24 -11.90 30.52
C PRO G 14 -35.46 -13.09 31.07
N GLY G 15 -34.43 -13.49 30.31
CA GLY G 15 -33.61 -14.61 30.70
C GLY G 15 -34.18 -15.96 30.35
N ARG G 16 -35.47 -16.03 30.03
CA ARG G 16 -36.09 -17.30 29.72
C ARG G 16 -36.08 -17.57 28.22
N SER G 17 -36.71 -18.68 27.84
CA SER G 17 -36.57 -19.23 26.50
C SER G 17 -37.94 -19.32 25.83
N LEU G 18 -37.92 -19.28 24.51
CA LEU G 18 -39.12 -19.45 23.73
C LEU G 18 -38.73 -20.03 22.37
N ARG G 19 -39.62 -20.87 21.83
CA ARG G 19 -39.37 -21.58 20.57
C ARG G 19 -40.47 -21.23 19.56
N LEU G 20 -40.07 -20.75 18.38
CA LEU G 20 -41.01 -20.33 17.35
C LEU G 20 -40.97 -21.28 16.16
N SER G 21 -42.15 -21.47 15.55
CA SER G 21 -42.40 -22.41 14.46
C SER G 21 -42.96 -21.68 13.27
N CYS G 22 -42.50 -22.05 12.08
CA CYS G 22 -43.01 -21.47 10.83
C CYS G 22 -43.46 -22.62 9.94
N ALA G 23 -44.75 -22.75 9.73
CA ALA G 23 -45.30 -23.89 8.98
C ALA G 23 -45.55 -23.50 7.52
N ALA G 24 -44.70 -24.01 6.63
CA ALA G 24 -44.76 -23.69 5.21
C ALA G 24 -45.67 -24.64 4.43
N SER G 25 -46.35 -24.08 3.44
CA SER G 25 -47.21 -24.80 2.52
C SER G 25 -47.09 -24.25 1.11
N GLY G 26 -47.70 -24.94 0.14
CA GLY G 26 -47.67 -24.51 -1.24
C GLY G 26 -46.38 -24.57 -2.02
N PHE G 27 -45.25 -24.86 -1.38
CA PHE G 27 -44.02 -25.03 -2.12
C PHE G 27 -43.22 -26.16 -1.49
N THR G 28 -42.27 -26.68 -2.28
CA THR G 28 -41.36 -27.71 -1.83
C THR G 28 -40.36 -27.12 -0.84
N PHE G 29 -40.77 -27.09 0.43
CA PHE G 29 -39.94 -26.56 1.51
C PHE G 29 -38.49 -27.01 1.38
N SER G 30 -38.27 -28.30 1.07
CA SER G 30 -36.92 -28.88 1.05
C SER G 30 -35.98 -28.18 0.09
N SER G 31 -36.52 -27.55 -0.97
CA SER G 31 -35.72 -26.96 -2.04
C SER G 31 -35.16 -25.57 -1.77
N TYR G 32 -35.70 -24.84 -0.79
CA TYR G 32 -35.30 -23.46 -0.52
C TYR G 32 -34.65 -23.32 0.84
N GLY G 33 -33.81 -22.30 0.96
CA GLY G 33 -33.34 -21.85 2.26
C GLY G 33 -34.45 -21.13 3.00
N MET G 34 -34.16 -20.74 4.24
CA MET G 34 -35.13 -20.00 5.05
C MET G 34 -34.41 -18.97 5.93
N HIS G 35 -35.18 -17.96 6.36
CA HIS G 35 -34.68 -16.81 7.12
C HIS G 35 -35.67 -16.43 8.21
N TRP G 36 -35.14 -15.96 9.33
CA TRP G 36 -35.93 -15.29 10.36
C TRP G 36 -35.58 -13.81 10.39
N VAL G 37 -36.58 -12.95 10.23
CA VAL G 37 -36.40 -11.50 10.30
C VAL G 37 -37.29 -10.95 11.40
N ARG G 38 -36.78 -9.98 12.16
CA ARG G 38 -37.58 -9.38 13.22
C ARG G 38 -37.77 -7.87 13.01
N GLN G 39 -38.92 -7.38 13.47
CA GLN G 39 -39.24 -5.97 13.47
C GLN G 39 -39.66 -5.60 14.87
N ALA G 40 -38.93 -4.69 15.51
CA ALA G 40 -39.33 -4.17 16.81
C ALA G 40 -40.39 -3.09 16.63
N PRO G 41 -41.32 -2.95 17.60
CA PRO G 41 -42.40 -1.95 17.45
C PRO G 41 -41.88 -0.59 17.03
N GLY G 42 -42.39 -0.07 15.92
CA GLY G 42 -41.98 1.25 15.48
C GLY G 42 -40.67 1.32 14.75
N LYS G 43 -39.86 0.26 14.75
CA LYS G 43 -38.54 0.34 14.14
C LYS G 43 -38.53 -0.38 12.79
N GLY G 44 -37.36 -0.43 12.17
CA GLY G 44 -37.18 -1.11 10.90
C GLY G 44 -36.90 -2.60 11.06
N LEU G 45 -36.58 -3.23 9.92
CA LEU G 45 -36.41 -4.67 9.83
C LEU G 45 -34.97 -5.06 10.14
N GLU G 46 -34.81 -6.11 10.94
CA GLU G 46 -33.49 -6.65 11.29
C GLU G 46 -33.44 -8.15 11.03
N TRP G 47 -32.46 -8.60 10.24
CA TRP G 47 -32.31 -10.02 9.91
C TRP G 47 -31.74 -10.80 11.10
N VAL G 48 -32.35 -11.93 11.43
CA VAL G 48 -31.98 -12.70 12.61
C VAL G 48 -31.08 -13.88 12.27
N ALA G 49 -31.49 -14.72 11.32
CA ALA G 49 -30.76 -15.96 11.05
C ALA G 49 -31.00 -16.41 9.62
N VAL G 50 -30.22 -17.42 9.18
CA VAL G 50 -30.43 -18.10 7.91
C VAL G 50 -30.11 -19.56 8.07
N ILE G 51 -30.88 -20.40 7.39
CA ILE G 51 -30.59 -21.83 7.31
C ILE G 51 -30.55 -22.27 5.86
N TRP G 52 -29.75 -23.31 5.60
CA TRP G 52 -29.57 -23.69 4.18
C TRP G 52 -30.64 -24.69 3.75
N TYR G 53 -30.89 -24.76 2.45
CA TYR G 53 -31.99 -25.58 1.94
C TYR G 53 -31.95 -26.97 2.54
N ASP G 54 -30.74 -27.53 2.69
CA ASP G 54 -30.50 -28.86 3.24
C ASP G 54 -30.12 -28.84 4.71
N GLY G 55 -30.16 -27.69 5.37
CA GLY G 55 -29.79 -27.62 6.77
C GLY G 55 -28.31 -27.51 7.04
N SER G 56 -27.49 -27.51 6.00
CA SER G 56 -26.06 -27.66 6.22
C SER G 56 -25.46 -26.44 6.93
N ASN G 57 -25.93 -25.23 6.63
CA ASN G 57 -25.35 -24.03 7.21
C ASN G 57 -26.38 -23.19 7.97
N LYS G 58 -25.88 -22.50 9.00
CA LYS G 58 -26.69 -21.58 9.81
C LYS G 58 -25.86 -20.35 10.14
N TYR G 59 -26.31 -19.19 9.68
CA TYR G 59 -25.61 -17.93 9.94
C TYR G 59 -26.51 -17.02 10.75
N TYR G 60 -25.90 -16.30 11.71
CA TYR G 60 -26.65 -15.48 12.65
C TYR G 60 -26.18 -14.04 12.67
N ALA G 61 -27.14 -13.16 12.93
CA ALA G 61 -26.84 -11.80 13.34
C ALA G 61 -26.12 -11.80 14.69
N ASP G 62 -25.05 -11.01 14.78
CA ASP G 62 -24.22 -11.01 15.99
C ASP G 62 -25.02 -10.68 17.24
N SER G 63 -26.14 -9.96 17.11
CA SER G 63 -26.93 -9.61 18.28
C SER G 63 -27.59 -10.84 18.93
N VAL G 64 -27.86 -11.88 18.14
CA VAL G 64 -28.45 -13.10 18.67
C VAL G 64 -27.50 -14.29 18.60
N LYS G 65 -26.32 -14.10 18.01
CA LYS G 65 -25.34 -15.18 17.90
C LYS G 65 -24.98 -15.68 19.28
N GLY G 66 -25.02 -17.00 19.44
CA GLY G 66 -24.76 -17.61 20.72
C GLY G 66 -25.99 -17.84 21.57
N ARG G 67 -27.07 -17.07 21.33
CA ARG G 67 -28.33 -17.20 22.07
C ARG G 67 -29.47 -17.78 21.25
N PHE G 68 -29.46 -17.61 19.93
CA PHE G 68 -30.48 -18.12 19.05
C PHE G 68 -29.96 -19.31 18.21
N THR G 69 -30.88 -20.17 17.78
CA THR G 69 -30.52 -21.43 17.11
C THR G 69 -31.58 -21.75 16.07
N ILE G 70 -31.29 -21.52 14.78
CA ILE G 70 -32.22 -21.84 13.70
C ILE G 70 -32.10 -23.31 13.30
N SER G 71 -33.21 -23.89 12.84
CA SER G 71 -33.28 -25.30 12.52
C SER G 71 -34.55 -25.55 11.70
N ARG G 72 -34.48 -26.52 10.79
CA ARG G 72 -35.63 -26.89 9.98
C ARG G 72 -35.90 -28.37 10.11
N ASP G 73 -37.10 -28.78 9.72
CA ASP G 73 -37.51 -30.17 9.70
C ASP G 73 -38.09 -30.42 8.31
N ASN G 74 -37.27 -30.92 7.38
CA ASN G 74 -37.75 -31.09 6.01
C ASN G 74 -38.79 -32.18 5.84
N SER G 75 -38.95 -33.04 6.83
CA SER G 75 -40.02 -34.02 6.78
C SER G 75 -41.38 -33.40 7.12
N LYS G 76 -41.41 -32.40 7.99
CA LYS G 76 -42.67 -31.80 8.40
C LYS G 76 -42.79 -30.36 7.91
N ASN G 77 -41.87 -29.92 7.05
CA ASN G 77 -41.95 -28.62 6.38
C ASN G 77 -42.08 -27.49 7.39
N THR G 78 -41.10 -27.40 8.28
CA THR G 78 -41.21 -26.49 9.41
C THR G 78 -39.86 -25.90 9.75
N LEU G 79 -39.80 -24.58 9.78
CA LEU G 79 -38.65 -23.84 10.27
C LEU G 79 -38.86 -23.53 11.74
N TYR G 80 -37.76 -23.47 12.50
CA TYR G 80 -37.82 -23.23 13.93
C TYR G 80 -36.83 -22.13 14.30
N LEU G 81 -37.17 -21.37 15.34
CA LEU G 81 -36.21 -20.44 15.94
C LEU G 81 -36.23 -20.67 17.45
N GLN G 82 -35.09 -21.07 17.99
CA GLN G 82 -34.95 -21.32 19.41
C GLN G 82 -34.28 -20.11 20.03
N MET G 83 -34.99 -19.44 20.92
CA MET G 83 -34.51 -18.22 21.52
C MET G 83 -34.20 -18.50 22.98
N ASN G 84 -32.97 -18.20 23.41
CA ASN G 84 -32.56 -18.43 24.78
C ASN G 84 -31.98 -17.16 25.38
N SER G 85 -32.04 -17.08 26.71
CA SER G 85 -31.51 -15.93 27.42
C SER G 85 -32.06 -14.64 26.81
N LEU G 86 -33.38 -14.58 26.73
CA LEU G 86 -34.01 -13.47 26.03
C LEU G 86 -33.82 -12.18 26.80
N ARG G 87 -33.36 -11.15 26.09
CA ARG G 87 -33.21 -9.81 26.63
C ARG G 87 -34.41 -8.96 26.20
N ALA G 88 -34.46 -7.73 26.73
CA ALA G 88 -35.54 -6.81 26.35
C ALA G 88 -35.37 -6.33 24.91
N GLU G 89 -34.13 -6.10 24.46
CA GLU G 89 -33.87 -5.70 23.09
C GLU G 89 -34.35 -6.71 22.05
N ASP G 90 -34.79 -7.90 22.46
CA ASP G 90 -35.30 -8.92 21.55
C ASP G 90 -36.79 -8.83 21.31
N THR G 91 -37.49 -7.93 22.00
CA THR G 91 -38.92 -7.74 21.80
C THR G 91 -39.18 -7.30 20.37
N ALA G 92 -39.84 -8.13 19.59
CA ALA G 92 -40.16 -7.76 18.22
C ALA G 92 -41.23 -8.69 17.69
N VAL G 93 -41.63 -8.41 16.46
CA VAL G 93 -42.38 -9.34 15.65
C VAL G 93 -41.38 -10.18 14.85
N TYR G 94 -41.55 -11.49 14.86
CA TYR G 94 -40.63 -12.38 14.17
C TYR G 94 -41.30 -12.96 12.93
N TYR G 95 -40.69 -12.74 11.77
CA TYR G 95 -41.16 -13.25 10.50
C TYR G 95 -40.27 -14.39 10.03
N CYS G 96 -40.84 -15.33 9.28
CA CYS G 96 -40.03 -16.18 8.42
C CYS G 96 -40.25 -15.74 6.99
N ALA G 97 -39.17 -15.66 6.24
CA ALA G 97 -39.22 -15.32 4.83
C ALA G 97 -38.51 -16.41 4.07
N ARG G 98 -39.05 -16.80 2.92
CA ARG G 98 -38.38 -17.80 2.12
C ARG G 98 -36.99 -17.34 1.70
N GLY G 99 -36.04 -18.28 1.71
CA GLY G 99 -34.69 -18.07 1.28
C GLY G 99 -34.56 -18.32 -0.22
N PRO G 100 -33.32 -18.43 -0.71
CA PRO G 100 -33.12 -18.78 -2.12
C PRO G 100 -33.43 -20.25 -2.39
N LEU G 101 -33.83 -20.50 -3.64
CA LEU G 101 -33.89 -21.86 -4.17
C LEU G 101 -32.49 -22.40 -4.38
N GLY G 102 -32.18 -23.51 -3.72
CA GLY G 102 -30.87 -24.10 -3.86
C GLY G 102 -29.86 -23.58 -2.86
N SER G 103 -28.60 -23.80 -3.19
CA SER G 103 -27.57 -23.44 -2.25
C SER G 103 -27.30 -21.95 -2.21
N ASN G 104 -27.32 -21.38 -1.00
CA ASN G 104 -26.96 -19.99 -0.73
C ASN G 104 -25.47 -19.76 -0.98
N TYR G 105 -24.74 -20.79 -1.41
CA TYR G 105 -23.42 -20.54 -1.96
C TYR G 105 -23.52 -19.86 -3.31
N PHE G 106 -24.61 -20.10 -4.04
CA PHE G 106 -24.61 -19.77 -5.45
C PHE G 106 -25.83 -18.99 -5.87
N ASN G 107 -26.92 -19.15 -5.14
CA ASN G 107 -28.16 -18.45 -5.44
C ASN G 107 -28.48 -17.51 -4.29
N TYR G 108 -28.60 -16.22 -4.61
CA TYR G 108 -28.66 -15.26 -3.53
C TYR G 108 -29.96 -14.50 -3.31
N ASP G 109 -30.66 -14.11 -4.38
CA ASP G 109 -31.94 -13.35 -4.23
C ASP G 109 -32.90 -14.20 -3.39
N ALA G 110 -33.63 -13.60 -2.44
CA ALA G 110 -34.49 -14.40 -1.58
C ALA G 110 -35.47 -13.41 -0.96
N PHE G 111 -36.13 -13.81 0.13
CA PHE G 111 -37.15 -12.97 0.77
C PHE G 111 -38.23 -12.59 -0.24
N ASP G 112 -38.64 -13.56 -1.03
CA ASP G 112 -39.72 -13.40 -1.99
C ASP G 112 -41.10 -13.66 -1.39
N ILE G 113 -41.17 -14.19 -0.18
CA ILE G 113 -42.45 -14.55 0.42
C ILE G 113 -42.29 -14.46 1.92
N TRP G 114 -43.25 -13.87 2.61
CA TRP G 114 -43.12 -13.67 4.05
C TRP G 114 -44.35 -14.20 4.78
N GLY G 115 -44.15 -14.58 6.03
CA GLY G 115 -45.24 -15.01 6.88
C GLY G 115 -45.93 -13.82 7.53
N GLN G 116 -46.92 -14.11 8.35
CA GLN G 116 -47.62 -13.01 8.99
C GLN G 116 -46.98 -12.56 10.29
N GLY G 117 -45.90 -13.18 10.71
CA GLY G 117 -45.33 -12.67 11.95
C GLY G 117 -45.94 -13.31 13.18
N THR G 118 -45.14 -13.35 14.24
CA THR G 118 -45.61 -13.76 15.56
C THR G 118 -44.97 -12.78 16.54
N MET G 119 -45.73 -12.34 17.54
CA MET G 119 -45.27 -11.27 18.41
C MET G 119 -44.51 -11.86 19.58
N VAL G 120 -43.32 -11.34 19.86
CA VAL G 120 -42.56 -11.78 21.02
C VAL G 120 -42.27 -10.57 21.88
N THR G 121 -42.74 -10.62 23.11
CA THR G 121 -42.67 -9.51 24.07
C THR G 121 -41.91 -10.00 25.30
N VAL G 122 -40.75 -9.42 25.56
CA VAL G 122 -39.89 -9.86 26.65
C VAL G 122 -40.00 -8.83 27.76
N SER G 123 -40.78 -9.13 28.79
CA SER G 123 -40.93 -8.26 29.92
C SER G 123 -41.26 -9.00 31.21
N SER G 124 -41.08 -8.32 32.33
CA SER G 124 -41.19 -8.93 33.65
C SER G 124 -42.41 -8.36 34.37
N ALA G 125 -43.48 -8.07 33.63
CA ALA G 125 -44.62 -7.34 34.17
C ALA G 125 -45.86 -8.23 34.26
N SER G 126 -46.33 -8.47 35.48
CA SER G 126 -47.48 -9.35 35.69
C SER G 126 -48.69 -8.87 34.91
N THR G 127 -49.38 -9.81 34.26
CA THR G 127 -50.57 -9.49 33.48
C THR G 127 -51.57 -8.70 34.31
N LYS G 128 -52.00 -7.53 33.80
CA LYS G 128 -52.87 -6.61 34.53
C LYS G 128 -53.91 -6.02 33.60
N GLY G 129 -55.16 -5.95 34.08
CA GLY G 129 -56.26 -5.33 33.35
C GLY G 129 -56.34 -3.82 33.55
N PRO G 130 -56.78 -3.10 32.52
CA PRO G 130 -56.72 -1.63 32.56
C PRO G 130 -57.74 -1.01 33.50
N SER G 131 -57.36 0.13 34.09
CA SER G 131 -58.30 1.04 34.73
C SER G 131 -58.84 1.98 33.65
N VAL G 132 -60.15 2.20 33.66
CA VAL G 132 -60.81 2.99 32.62
C VAL G 132 -61.42 4.24 33.24
N PHE G 133 -60.93 5.40 32.81
CA PHE G 133 -61.31 6.70 33.33
C PHE G 133 -62.00 7.54 32.26
N PRO G 134 -63.07 8.25 32.63
CA PRO G 134 -63.78 9.13 31.69
C PRO G 134 -62.98 10.38 31.38
N LEU G 135 -62.89 10.71 30.09
CA LEU G 135 -62.44 12.03 29.64
C LEU G 135 -63.70 12.82 29.32
N ALA G 136 -64.22 13.49 30.35
CA ALA G 136 -65.50 14.16 30.25
C ALA G 136 -65.39 15.40 29.37
N PRO G 137 -66.33 15.60 28.43
CA PRO G 137 -66.28 16.82 27.61
C PRO G 137 -66.66 18.04 28.44
N SER G 138 -65.85 19.09 28.33
CA SER G 138 -66.12 20.36 28.97
C SER G 138 -66.24 21.47 27.94
N SER G 139 -66.47 22.69 28.43
CA SER G 139 -66.33 23.88 27.61
C SER G 139 -64.92 24.02 27.04
N LYS G 140 -63.93 23.37 27.65
CA LYS G 140 -62.58 23.28 27.12
C LYS G 140 -62.35 22.13 26.13
N SER G 141 -63.45 21.52 25.65
CA SER G 141 -63.34 20.49 24.60
C SER G 141 -64.47 20.72 23.57
N THR G 142 -65.38 21.63 23.89
CA THR G 142 -66.52 21.94 22.99
C THR G 142 -65.98 22.68 21.75
N SER G 143 -65.09 23.66 21.92
CA SER G 143 -64.69 24.43 20.72
C SER G 143 -65.95 25.00 20.04
N GLY G 144 -66.14 24.76 18.74
CA GLY G 144 -67.38 25.20 18.07
C GLY G 144 -68.26 24.11 17.48
N GLY G 145 -69.54 24.09 17.82
CA GLY G 145 -70.46 23.03 17.33
C GLY G 145 -69.89 21.62 17.31
N THR G 146 -69.17 21.24 18.36
CA THR G 146 -68.55 19.91 18.51
C THR G 146 -68.24 19.65 19.97
N ALA G 147 -68.03 18.39 20.36
CA ALA G 147 -67.65 18.11 21.77
C ALA G 147 -66.68 16.93 21.78
N ALA G 148 -65.39 17.19 22.03
CA ALA G 148 -64.48 16.05 22.13
C ALA G 148 -64.66 15.35 23.47
N LEU G 149 -64.60 14.04 23.44
CA LEU G 149 -65.01 13.18 24.53
C LEU G 149 -64.26 11.86 24.40
N GLY G 150 -63.87 11.26 25.53
CA GLY G 150 -62.94 10.15 25.43
C GLY G 150 -62.92 9.21 26.62
N CYS G 151 -62.09 8.18 26.47
CA CYS G 151 -61.80 7.22 27.53
C CYS G 151 -60.29 7.14 27.68
N LEU G 152 -59.81 7.15 28.91
CA LEU G 152 -58.38 7.00 29.20
C LEU G 152 -58.15 5.62 29.81
N VAL G 153 -57.50 4.73 29.04
CA VAL G 153 -57.29 3.33 29.41
C VAL G 153 -55.83 3.20 29.84
N LYS G 154 -55.60 2.94 31.13
CA LYS G 154 -54.20 2.93 31.62
C LYS G 154 -53.86 1.66 32.40
N ASP G 155 -52.56 1.41 32.64
CA ASP G 155 -52.11 0.29 33.51
C ASP G 155 -52.56 -1.12 33.07
N TYR G 156 -52.33 -1.51 31.81
CA TYR G 156 -52.61 -2.89 31.33
C TYR G 156 -51.37 -3.48 30.64
N PHE G 157 -50.66 -4.42 31.29
CA PHE G 157 -49.37 -4.94 30.74
C PHE G 157 -49.40 -5.71 29.40
N PRO G 158 -50.32 -6.64 29.11
CA PRO G 158 -50.26 -7.39 27.83
C PRO G 158 -50.59 -6.34 26.79
N GLU G 159 -50.10 -6.50 25.54
CA GLU G 159 -50.39 -5.32 24.70
C GLU G 159 -51.82 -5.21 24.16
N PRO G 160 -52.43 -6.25 23.57
CA PRO G 160 -53.68 -6.00 22.82
C PRO G 160 -54.82 -5.53 23.71
N VAL G 161 -55.34 -4.34 23.44
CA VAL G 161 -56.55 -3.83 24.08
C VAL G 161 -57.46 -3.28 22.98
N THR G 162 -58.75 -3.51 23.11
CA THR G 162 -59.68 -3.02 22.09
C THR G 162 -60.76 -2.15 22.72
N VAL G 163 -61.05 -1.04 22.07
CA VAL G 163 -62.05 -0.08 22.52
C VAL G 163 -63.06 0.12 21.39
N SER G 164 -64.32 -0.09 21.70
CA SER G 164 -65.37 0.44 20.83
C SER G 164 -66.19 1.46 21.60
N TRP G 165 -66.93 2.29 20.85
CA TRP G 165 -67.86 3.27 21.40
C TRP G 165 -69.30 2.86 21.13
N ASN G 166 -70.10 2.81 22.19
CA ASN G 166 -71.52 2.43 22.11
C ASN G 166 -71.72 1.09 21.42
N SER G 167 -70.86 0.12 21.75
CA SER G 167 -70.99 -1.26 21.28
C SER G 167 -70.86 -1.34 19.76
N GLY G 168 -69.99 -0.51 19.20
CA GLY G 168 -69.77 -0.49 17.78
C GLY G 168 -70.70 0.44 17.04
N ALA G 169 -71.74 0.95 17.70
CA ALA G 169 -72.73 1.79 17.01
C ALA G 169 -72.12 3.13 16.59
N LEU G 170 -71.23 3.67 17.42
CA LEU G 170 -70.54 4.92 17.11
C LEU G 170 -69.17 4.60 16.53
N THR G 171 -68.91 5.07 15.31
CA THR G 171 -67.62 4.84 14.66
C THR G 171 -67.08 6.15 14.12
N SER G 172 -67.98 7.04 13.71
CA SER G 172 -67.60 8.23 12.97
C SER G 172 -66.77 9.17 13.85
N GLY G 173 -65.65 9.64 13.31
CA GLY G 173 -64.81 10.57 14.03
C GLY G 173 -64.28 10.04 15.34
N VAL G 174 -63.86 8.77 15.35
CA VAL G 174 -63.29 8.12 16.53
C VAL G 174 -61.79 7.95 16.31
N HIS G 175 -60.99 8.29 17.32
CA HIS G 175 -59.55 8.06 17.33
C HIS G 175 -59.16 7.26 18.57
N THR G 176 -58.66 6.05 18.38
CA THR G 176 -57.97 5.36 19.46
C THR G 176 -56.47 5.46 19.23
N PHE G 177 -55.78 6.03 20.17
CA PHE G 177 -54.38 6.29 19.93
C PHE G 177 -53.59 5.03 20.16
N PRO G 178 -52.44 4.89 19.51
CA PRO G 178 -51.57 3.74 19.78
C PRO G 178 -51.16 3.75 21.25
N ALA G 179 -51.06 2.55 21.83
CA ALA G 179 -50.59 2.50 23.20
C ALA G 179 -49.21 3.14 23.27
N VAL G 180 -48.80 3.52 24.48
CA VAL G 180 -47.40 3.80 24.73
C VAL G 180 -47.01 3.03 25.98
N LEU G 181 -45.72 2.90 26.16
CA LEU G 181 -45.20 2.08 27.24
C LEU G 181 -44.69 2.98 28.34
N GLN G 182 -45.25 2.82 29.52
CA GLN G 182 -44.94 3.74 30.60
C GLN G 182 -43.70 3.34 31.37
N SER G 183 -43.34 4.20 32.33
CA SER G 183 -42.17 3.93 33.16
C SER G 183 -42.34 2.62 33.91
N SER G 184 -43.55 2.34 34.39
CA SER G 184 -43.77 1.15 35.20
C SER G 184 -43.75 -0.17 34.42
N GLY G 185 -43.71 -0.14 33.09
CA GLY G 185 -43.86 -1.35 32.32
C GLY G 185 -45.24 -1.57 31.73
N LEU G 186 -46.21 -0.75 32.10
CA LEU G 186 -47.58 -0.93 31.66
C LEU G 186 -47.91 -0.02 30.47
N TYR G 187 -49.01 -0.33 29.82
CA TYR G 187 -49.40 0.36 28.60
C TYR G 187 -50.59 1.27 28.89
N SER G 188 -50.51 2.48 28.38
CA SER G 188 -51.53 3.49 28.56
C SER G 188 -52.00 3.96 27.21
N LEU G 189 -53.28 4.23 27.11
CA LEU G 189 -53.92 4.53 25.84
C LEU G 189 -55.11 5.44 26.13
N SER G 190 -55.52 6.24 25.16
CA SER G 190 -56.81 6.90 25.29
C SER G 190 -57.55 6.88 23.96
N SER G 191 -58.86 6.64 24.05
CA SER G 191 -59.74 6.66 22.89
C SER G 191 -60.67 7.85 23.04
N VAL G 192 -60.99 8.46 21.92
CA VAL G 192 -61.55 9.78 21.94
C VAL G 192 -62.41 9.91 20.69
N VAL G 193 -63.44 10.74 20.78
CA VAL G 193 -64.43 10.89 19.72
C VAL G 193 -65.11 12.25 19.85
N THR G 194 -65.30 12.93 18.73
CA THR G 194 -66.03 14.18 18.74
C THR G 194 -67.49 13.89 18.41
N VAL G 195 -68.38 14.65 19.05
CA VAL G 195 -69.82 14.52 18.88
C VAL G 195 -70.42 15.91 18.78
N PRO G 196 -71.63 16.01 18.20
CA PRO G 196 -72.33 17.31 18.19
C PRO G 196 -72.57 17.80 19.61
N SER G 197 -72.10 19.02 19.90
CA SER G 197 -72.21 19.55 21.26
C SER G 197 -73.65 19.60 21.78
N SER G 198 -74.63 19.70 20.88
CA SER G 198 -76.04 19.69 21.29
C SER G 198 -76.46 18.37 21.94
N SER G 199 -75.85 17.26 21.51
CA SER G 199 -76.30 15.91 21.86
C SER G 199 -75.95 15.57 23.30
N LEU G 200 -74.98 16.26 23.89
CA LEU G 200 -74.44 15.84 25.19
C LEU G 200 -75.54 15.70 26.23
N GLY G 201 -76.60 16.49 26.13
CA GLY G 201 -77.70 16.37 27.06
C GLY G 201 -78.69 15.28 26.72
N THR G 202 -78.79 14.89 25.45
CA THR G 202 -79.79 13.92 25.04
C THR G 202 -79.22 12.52 24.82
N GLN G 203 -78.12 12.39 24.07
CA GLN G 203 -77.54 11.08 23.78
C GLN G 203 -76.46 10.75 24.81
N THR G 204 -76.36 9.46 25.15
CA THR G 204 -75.45 8.96 26.17
C THR G 204 -74.31 8.18 25.52
N TYR G 205 -73.07 8.49 25.91
CA TYR G 205 -71.87 7.96 25.26
C TYR G 205 -71.14 7.02 26.20
N ILE G 206 -70.90 5.79 25.75
CA ILE G 206 -70.23 4.77 26.55
C ILE G 206 -69.11 4.13 25.73
N CYS G 207 -67.91 4.10 26.29
CA CYS G 207 -66.83 3.35 25.68
C CYS G 207 -66.77 1.95 26.26
N ASN G 208 -66.37 1.00 25.43
CA ASN G 208 -66.27 -0.42 25.79
C ASN G 208 -64.84 -0.88 25.55
N VAL G 209 -64.17 -1.24 26.65
CA VAL G 209 -62.78 -1.71 26.58
C VAL G 209 -62.74 -3.22 26.82
N ASN G 210 -62.03 -3.93 25.95
CA ASN G 210 -61.82 -5.38 26.07
C ASN G 210 -60.32 -5.68 26.13
N HIS G 211 -59.92 -6.47 27.13
CA HIS G 211 -58.50 -6.87 27.29
C HIS G 211 -58.44 -8.39 27.42
N LYS G 212 -58.40 -9.09 26.28
CA LYS G 212 -58.44 -10.55 26.29
C LYS G 212 -57.36 -11.20 27.16
N PRO G 213 -56.10 -10.72 27.22
CA PRO G 213 -55.09 -11.48 27.99
C PRO G 213 -55.43 -11.63 29.47
N SER G 214 -56.01 -10.61 30.11
CA SER G 214 -56.41 -10.70 31.51
C SER G 214 -57.89 -11.02 31.69
N ASN G 215 -58.61 -11.18 30.58
CA ASN G 215 -60.04 -11.53 30.59
C ASN G 215 -60.89 -10.46 31.29
N THR G 216 -60.67 -9.20 30.92
CA THR G 216 -61.28 -8.07 31.62
C THR G 216 -62.09 -7.23 30.65
N LYS G 217 -63.38 -7.02 30.96
CA LYS G 217 -64.23 -6.13 30.20
C LYS G 217 -64.75 -5.03 31.11
N VAL G 218 -64.49 -3.80 30.75
CA VAL G 218 -64.99 -2.65 31.51
C VAL G 218 -65.73 -1.72 30.56
N ASP G 219 -66.95 -1.37 30.91
CA ASP G 219 -67.69 -0.31 30.24
C ASP G 219 -67.65 0.93 31.10
N LYS G 220 -67.45 2.08 30.46
CA LYS G 220 -67.41 3.34 31.18
C LYS G 220 -68.28 4.35 30.45
N LYS G 221 -69.33 4.81 31.12
CA LYS G 221 -70.08 5.96 30.64
C LYS G 221 -69.22 7.22 30.78
N VAL G 222 -69.35 8.13 29.83
CA VAL G 222 -68.65 9.43 29.87
C VAL G 222 -69.70 10.52 29.93
N GLU G 223 -69.69 11.30 31.01
CA GLU G 223 -70.68 12.33 31.26
C GLU G 223 -70.05 13.71 31.40
N PRO G 224 -70.71 14.75 30.91
CA PRO G 224 -70.19 16.12 31.09
C PRO G 224 -70.14 16.54 32.56
N LYS G 225 -69.20 17.45 32.85
CA LYS G 225 -68.95 17.93 34.21
C LYS G 225 -69.83 19.13 34.58
N SER G 226 -70.29 19.17 35.83
CA SER G 226 -71.22 20.20 36.30
C SER G 226 -70.50 21.41 36.92
N ASP H 1 22.24 4.08 -1.54
CA ASP H 1 22.86 4.57 -2.76
C ASP H 1 22.45 3.64 -3.87
N VAL H 2 22.72 4.02 -5.11
CA VAL H 2 22.49 3.14 -6.25
C VAL H 2 23.74 2.28 -6.45
N VAL H 3 23.60 0.96 -6.27
CA VAL H 3 24.71 0.02 -6.36
C VAL H 3 24.83 -0.48 -7.78
N MET H 4 26.03 -0.39 -8.35
CA MET H 4 26.29 -0.83 -9.72
C MET H 4 27.13 -2.09 -9.69
N THR H 5 26.62 -3.17 -10.29
CA THR H 5 27.35 -4.46 -10.25
C THR H 5 27.87 -4.82 -11.64
N GLN H 6 29.18 -5.06 -11.75
CA GLN H 6 29.78 -5.50 -13.04
C GLN H 6 29.90 -7.03 -13.00
N SER H 7 29.10 -7.75 -13.79
CA SER H 7 29.06 -9.23 -13.71
C SER H 7 30.42 -9.91 -13.98
N PRO H 8 31.18 -9.57 -15.04
CA PRO H 8 32.41 -10.31 -15.36
C PRO H 8 33.58 -10.23 -14.37
N LEU H 9 33.90 -9.05 -13.82
CA LEU H 9 35.11 -8.95 -12.96
C LEU H 9 36.33 -9.42 -13.74
N SER H 10 37.08 -10.40 -13.26
CA SER H 10 38.16 -10.92 -14.13
C SER H 10 37.51 -11.51 -15.39
N LEU H 11 38.03 -11.18 -16.57
CA LEU H 11 37.39 -11.65 -17.83
C LEU H 11 38.46 -11.89 -18.88
N PRO H 12 39.06 -13.10 -18.95
CA PRO H 12 40.06 -13.40 -19.98
C PRO H 12 39.39 -13.67 -21.32
N VAL H 13 40.02 -13.20 -22.39
CA VAL H 13 39.49 -13.37 -23.73
C VAL H 13 40.61 -13.75 -24.68
N THR H 14 40.28 -14.54 -25.68
CA THR H 14 41.20 -14.78 -26.78
C THR H 14 41.24 -13.55 -27.68
N LEU H 15 42.45 -13.19 -28.12
CA LEU H 15 42.61 -12.08 -29.06
C LEU H 15 41.76 -12.30 -30.30
N GLY H 16 40.93 -11.29 -30.62
CA GLY H 16 40.05 -11.32 -31.78
C GLY H 16 38.67 -11.85 -31.51
N GLN H 17 38.44 -12.45 -30.38
CA GLN H 17 37.14 -12.95 -29.95
C GLN H 17 36.43 -11.90 -29.11
N PRO H 18 35.11 -11.86 -29.17
CA PRO H 18 34.36 -10.78 -28.54
C PRO H 18 34.37 -10.87 -27.02
N ALA H 19 34.26 -9.72 -26.39
CA ALA H 19 34.08 -9.63 -24.95
C ALA H 19 32.75 -8.98 -24.61
N SER H 20 32.26 -9.33 -23.43
CA SER H 20 31.01 -8.79 -22.96
C SER H 20 30.99 -8.53 -21.46
N ILE H 21 30.69 -7.30 -21.07
CA ILE H 21 30.78 -6.86 -19.68
C ILE H 21 29.38 -6.38 -19.30
N SER H 22 28.81 -7.01 -18.27
CA SER H 22 27.48 -6.64 -17.81
C SER H 22 27.60 -5.67 -16.63
N CYS H 23 26.70 -4.69 -16.62
CA CYS H 23 26.51 -3.76 -15.51
C CYS H 23 25.06 -3.89 -15.08
N ARG H 24 24.81 -4.02 -13.77
CA ARG H 24 23.46 -4.13 -13.25
C ARG H 24 23.30 -3.25 -12.00
N SER H 25 22.13 -2.63 -11.89
CA SER H 25 21.90 -1.55 -10.93
C SER H 25 20.69 -1.83 -10.06
N SER H 26 20.76 -1.35 -8.81
CA SER H 26 19.77 -1.70 -7.79
C SER H 26 18.36 -1.23 -8.16
N GLN H 27 18.25 -0.12 -8.89
CA GLN H 27 16.97 0.33 -9.41
C GLN H 27 17.17 0.64 -10.90
N SER H 28 16.05 0.90 -11.60
CA SER H 28 16.16 1.36 -12.98
C SER H 28 16.83 2.72 -13.04
N LEU H 29 17.66 2.90 -14.07
CA LEU H 29 18.44 4.12 -14.20
C LEU H 29 17.81 5.14 -15.13
N GLU H 30 16.57 4.94 -15.54
CA GLU H 30 15.93 5.92 -16.41
C GLU H 30 15.50 7.16 -15.63
N TYR H 31 15.86 8.33 -16.16
CA TYR H 31 15.52 9.62 -15.58
C TYR H 31 14.18 10.14 -16.09
N SER H 32 13.78 11.32 -15.61
CA SER H 32 12.45 11.84 -15.92
C SER H 32 12.29 12.26 -17.39
N ASP H 33 13.34 12.78 -18.01
CA ASP H 33 13.28 13.05 -19.44
C ASP H 33 13.40 11.83 -20.34
N GLY H 34 13.30 10.62 -19.79
CA GLY H 34 13.34 9.43 -20.60
C GLY H 34 14.70 9.01 -21.07
N ASN H 35 15.76 9.73 -20.70
CA ASN H 35 17.13 9.35 -21.00
C ASN H 35 17.72 8.55 -19.84
N THR H 36 18.84 7.86 -20.14
CA THR H 36 19.51 7.01 -19.17
C THR H 36 20.98 7.41 -19.20
N TYR H 37 21.48 7.94 -18.07
CA TYR H 37 22.83 8.54 -18.05
C TYR H 37 23.79 7.54 -17.43
N LEU H 38 24.24 6.60 -18.28
CA LEU H 38 25.14 5.51 -17.95
C LEU H 38 26.40 5.60 -18.80
N ASN H 39 27.57 5.50 -18.16
CA ASN H 39 28.84 5.71 -18.82
C ASN H 39 29.78 4.53 -18.62
N TRP H 40 30.55 4.21 -19.66
CA TRP H 40 31.59 3.17 -19.65
C TRP H 40 32.96 3.85 -19.75
N PHE H 41 33.80 3.65 -18.74
CA PHE H 41 35.15 4.18 -18.76
C PHE H 41 36.15 3.05 -18.97
N GLN H 42 37.26 3.37 -19.62
CA GLN H 42 38.36 2.44 -19.81
C GLN H 42 39.60 2.95 -19.09
N GLN H 43 40.22 2.09 -18.30
CA GLN H 43 41.41 2.49 -17.58
C GLN H 43 42.52 1.55 -18.01
N ARG H 44 43.25 1.93 -19.05
CA ARG H 44 44.44 1.20 -19.42
C ARG H 44 45.48 1.34 -18.30
N PRO H 45 46.33 0.33 -18.09
CA PRO H 45 47.23 0.35 -16.92
C PRO H 45 48.12 1.58 -16.94
N GLY H 46 48.27 2.19 -15.76
CA GLY H 46 49.07 3.38 -15.61
C GLY H 46 48.45 4.63 -16.18
N GLN H 47 47.13 4.66 -16.31
CA GLN H 47 46.49 5.81 -16.92
C GLN H 47 45.23 6.19 -16.17
N SER H 48 44.87 7.45 -16.26
CA SER H 48 43.60 7.86 -15.73
C SER H 48 42.49 7.33 -16.62
N PRO H 49 41.26 7.23 -16.12
CA PRO H 49 40.18 6.70 -16.95
C PRO H 49 39.93 7.57 -18.18
N ARG H 50 39.32 6.95 -19.18
CA ARG H 50 38.82 7.60 -20.38
C ARG H 50 37.38 7.18 -20.55
N ARG H 51 36.52 8.13 -20.94
CA ARG H 51 35.15 7.76 -21.24
C ARG H 51 35.08 7.20 -22.64
N LEU H 52 34.29 6.13 -22.80
CA LEU H 52 34.12 5.46 -24.08
C LEU H 52 32.68 5.47 -24.55
N ILE H 53 31.74 5.20 -23.65
CA ILE H 53 30.32 5.30 -23.94
C ILE H 53 29.70 6.28 -22.95
N TYR H 54 28.67 6.98 -23.43
CA TYR H 54 27.87 7.88 -22.56
C TYR H 54 26.43 7.68 -23.01
N LYS H 55 25.47 7.81 -22.11
CA LYS H 55 24.03 7.59 -22.45
C LYS H 55 23.85 6.14 -22.92
N VAL H 56 24.63 5.21 -22.39
CA VAL H 56 24.47 3.75 -22.69
C VAL H 56 24.90 3.38 -24.11
N SER H 57 24.29 3.97 -25.14
CA SER H 57 24.59 3.56 -26.54
C SER H 57 25.47 4.54 -27.33
N LYS H 58 25.97 5.61 -26.71
CA LYS H 58 26.69 6.62 -27.54
C LYS H 58 28.21 6.46 -27.47
N ARG H 59 28.87 6.35 -28.61
CA ARG H 59 30.34 6.17 -28.63
C ARG H 59 31.02 7.53 -28.53
N ASP H 60 31.97 7.67 -27.61
CA ASP H 60 32.72 8.94 -27.44
C ASP H 60 33.61 9.16 -28.67
N SER H 61 33.85 10.42 -29.04
CA SER H 61 34.70 10.72 -30.22
C SER H 61 35.97 9.87 -30.21
N GLY H 62 36.35 9.34 -31.37
CA GLY H 62 37.57 8.58 -31.50
C GLY H 62 37.53 7.20 -30.87
N VAL H 63 36.40 6.79 -30.31
CA VAL H 63 36.28 5.42 -29.78
C VAL H 63 36.09 4.47 -30.95
N PRO H 64 36.87 3.39 -31.02
CA PRO H 64 36.70 2.41 -32.10
C PRO H 64 35.29 1.81 -32.14
N ASP H 65 34.80 1.57 -33.36
CA ASP H 65 33.42 1.11 -33.55
C ASP H 65 33.16 -0.26 -32.95
N ARG H 66 34.23 -1.02 -32.67
CA ARG H 66 34.07 -2.35 -32.02
C ARG H 66 33.40 -2.14 -30.67
N PHE H 67 33.82 -1.08 -29.95
CA PHE H 67 33.19 -0.76 -28.68
C PHE H 67 31.76 -0.31 -28.92
N SER H 68 30.86 -0.77 -28.04
CA SER H 68 29.46 -0.48 -28.22
C SER H 68 28.75 -0.66 -26.90
N GLY H 69 27.68 0.12 -26.72
CA GLY H 69 26.83 0.04 -25.53
C GLY H 69 25.46 -0.45 -25.90
N SER H 70 24.81 -1.14 -24.95
CA SER H 70 23.42 -1.57 -25.09
C SER H 70 22.83 -1.77 -23.70
N GLY H 71 21.51 -1.91 -23.65
CA GLY H 71 20.79 -2.07 -22.40
C GLY H 71 19.75 -0.98 -22.19
N SER H 72 19.03 -1.16 -21.08
CA SER H 72 17.82 -0.43 -20.71
C SER H 72 17.35 -1.02 -19.40
N GLY H 73 16.54 -0.23 -18.67
CA GLY H 73 16.11 -0.61 -17.34
C GLY H 73 17.28 -0.58 -16.38
N SER H 74 17.68 -1.75 -15.87
CA SER H 74 18.77 -1.88 -14.91
C SER H 74 19.85 -2.86 -15.36
N ASP H 75 19.78 -3.34 -16.60
CA ASP H 75 20.68 -4.33 -17.13
C ASP H 75 21.41 -3.70 -18.31
N PHE H 76 22.72 -3.56 -18.21
CA PHE H 76 23.50 -2.92 -19.27
C PHE H 76 24.72 -3.76 -19.63
N THR H 77 25.15 -3.63 -20.88
CA THR H 77 26.23 -4.46 -21.42
C THR H 77 27.12 -3.64 -22.33
N LEU H 78 28.40 -3.55 -21.97
CA LEU H 78 29.46 -3.12 -22.87
C LEU H 78 29.95 -4.32 -23.66
N LYS H 79 29.97 -4.22 -24.98
CA LYS H 79 30.48 -5.27 -25.83
C LYS H 79 31.70 -4.78 -26.58
N ILE H 80 32.67 -5.67 -26.77
CA ILE H 80 33.80 -5.47 -27.67
C ILE H 80 33.72 -6.58 -28.70
N SER H 81 33.73 -6.23 -29.98
CA SER H 81 33.46 -7.27 -30.96
C SER H 81 34.73 -8.08 -31.30
N ARG H 82 35.86 -7.39 -31.46
CA ARG H 82 37.14 -8.03 -31.80
C ARG H 82 38.16 -7.45 -30.83
N VAL H 83 38.31 -8.10 -29.66
CA VAL H 83 39.19 -7.56 -28.63
C VAL H 83 40.62 -7.50 -29.17
N GLU H 84 41.23 -6.33 -29.09
CA GLU H 84 42.60 -6.14 -29.52
C GLU H 84 43.52 -6.02 -28.31
N ALA H 85 44.82 -6.14 -28.60
CA ALA H 85 45.83 -6.09 -27.55
C ALA H 85 45.78 -4.79 -26.77
N GLU H 86 45.45 -3.67 -27.44
CA GLU H 86 45.39 -2.40 -26.75
C GLU H 86 44.20 -2.27 -25.81
N ASP H 87 43.25 -3.20 -25.81
CA ASP H 87 42.03 -3.11 -25.03
C ASP H 87 42.18 -3.64 -23.61
N VAL H 88 43.40 -3.83 -23.14
CA VAL H 88 43.59 -4.36 -21.80
C VAL H 88 43.41 -3.24 -20.77
N GLY H 89 42.56 -3.48 -19.78
CA GLY H 89 42.55 -2.65 -18.61
C GLY H 89 41.31 -2.96 -17.80
N VAL H 90 41.00 -2.05 -16.88
CA VAL H 90 39.76 -2.12 -16.12
C VAL H 90 38.71 -1.25 -16.81
N TYR H 91 37.46 -1.73 -16.80
CA TYR H 91 36.33 -1.05 -17.39
C TYR H 91 35.32 -0.83 -16.29
N TYR H 92 34.91 0.43 -16.12
CA TYR H 92 33.99 0.86 -15.07
C TYR H 92 32.71 1.36 -15.73
N CYS H 93 31.57 0.92 -15.24
CA CYS H 93 30.34 1.62 -15.57
C CYS H 93 30.01 2.65 -14.49
N MET H 94 29.15 3.61 -14.87
CA MET H 94 28.79 4.71 -13.98
C MET H 94 27.39 5.20 -14.28
N GLN H 95 26.64 5.54 -13.23
CA GLN H 95 25.36 6.22 -13.37
C GLN H 95 25.49 7.68 -12.91
N GLY H 96 24.80 8.60 -13.57
CA GLY H 96 25.06 9.99 -13.29
C GLY H 96 23.88 10.86 -12.87
N THR H 97 22.76 10.22 -12.53
CA THR H 97 21.53 10.97 -12.18
C THR H 97 21.27 10.82 -10.69
N HIS H 98 21.42 9.61 -10.16
CA HIS H 98 21.29 9.43 -8.69
C HIS H 98 22.44 10.22 -8.06
N TRP H 99 22.16 10.95 -6.97
CA TRP H 99 23.17 11.86 -6.35
C TRP H 99 24.40 11.13 -5.80
N PRO H 100 24.33 9.87 -5.31
CA PRO H 100 25.53 9.15 -4.90
C PRO H 100 26.41 9.10 -6.15
N LEU H 101 25.83 8.95 -7.35
CA LEU H 101 26.66 8.99 -8.59
C LEU H 101 27.70 7.87 -8.53
N THR H 102 27.29 6.69 -8.07
CA THR H 102 28.23 5.55 -7.87
C THR H 102 28.75 4.88 -9.13
N PHE H 103 30.02 4.46 -9.12
CA PHE H 103 30.67 3.66 -10.16
C PHE H 103 30.45 2.16 -9.93
N GLY H 104 30.74 1.39 -10.98
CA GLY H 104 30.79 -0.05 -10.85
C GLY H 104 32.09 -0.50 -10.21
N GLY H 105 32.15 -1.78 -9.81
CA GLY H 105 33.36 -2.26 -9.18
C GLY H 105 34.55 -2.39 -10.13
N GLY H 106 34.30 -2.56 -11.41
CA GLY H 106 35.34 -2.73 -12.40
C GLY H 106 35.38 -4.16 -12.93
N THR H 107 35.77 -4.28 -14.19
CA THR H 107 35.99 -5.59 -14.79
C THR H 107 37.34 -5.58 -15.48
N LYS H 108 38.19 -6.55 -15.11
CA LYS H 108 39.54 -6.63 -15.65
C LYS H 108 39.56 -7.53 -16.87
N VAL H 109 40.08 -7.00 -17.97
CA VAL H 109 40.18 -7.71 -19.22
C VAL H 109 41.64 -8.02 -19.46
N GLU H 110 41.93 -9.29 -19.73
CA GLU H 110 43.26 -9.84 -19.94
C GLU H 110 43.24 -10.74 -21.16
N ILE H 111 44.43 -11.06 -21.69
CA ILE H 111 44.56 -11.94 -22.84
C ILE H 111 44.58 -13.40 -22.38
N LYS H 112 43.76 -14.23 -23.02
CA LYS H 112 43.76 -15.66 -22.74
C LYS H 112 44.91 -16.35 -23.45
N ARG H 113 45.55 -17.26 -22.73
CA ARG H 113 46.79 -17.89 -23.10
C ARG H 113 46.63 -19.40 -22.88
N THR H 114 47.54 -20.20 -23.46
CA THR H 114 47.62 -21.58 -23.04
C THR H 114 48.11 -21.66 -21.60
N VAL H 115 47.70 -22.73 -20.90
CA VAL H 115 48.15 -22.92 -19.53
C VAL H 115 49.67 -23.06 -19.53
N ALA H 116 50.31 -22.52 -18.49
CA ALA H 116 51.75 -22.60 -18.30
C ALA H 116 52.04 -22.72 -16.81
N ALA H 117 52.76 -23.78 -16.43
CA ALA H 117 53.16 -23.95 -15.04
C ALA H 117 54.22 -22.92 -14.63
N PRO H 118 54.18 -22.41 -13.41
CA PRO H 118 55.27 -21.57 -12.93
C PRO H 118 56.50 -22.45 -12.84
N SER H 119 57.63 -21.78 -12.68
CA SER H 119 58.86 -22.40 -12.21
C SER H 119 59.15 -21.69 -10.91
N VAL H 120 59.28 -22.44 -9.82
CA VAL H 120 59.40 -21.87 -8.49
C VAL H 120 60.87 -21.71 -8.11
N PHE H 121 61.15 -20.64 -7.37
CA PHE H 121 62.48 -20.35 -6.85
C PHE H 121 62.33 -19.91 -5.41
N ILE H 122 63.34 -20.15 -4.58
CA ILE H 122 63.21 -19.78 -3.17
C ILE H 122 64.52 -19.18 -2.67
N PHE H 123 64.39 -18.08 -1.93
CA PHE H 123 65.53 -17.29 -1.49
C PHE H 123 65.58 -17.22 0.03
N PRO H 124 66.71 -17.52 0.63
CA PRO H 124 66.82 -17.40 2.07
C PRO H 124 67.29 -16.02 2.47
N PRO H 125 67.14 -15.66 3.74
CA PRO H 125 67.53 -14.31 4.18
C PRO H 125 69.01 -14.07 3.95
N SER H 126 69.32 -12.89 3.39
CA SER H 126 70.69 -12.47 3.26
C SER H 126 71.33 -12.36 4.64
N ASP H 127 72.65 -12.52 4.70
CA ASP H 127 73.28 -12.40 6.00
C ASP H 127 73.20 -10.96 6.49
N GLU H 128 73.16 -10.00 5.57
CA GLU H 128 73.04 -8.60 5.96
C GLU H 128 71.71 -8.32 6.64
N GLN H 129 70.62 -8.81 6.07
CA GLN H 129 69.32 -8.67 6.73
C GLN H 129 69.32 -9.32 8.09
N LEU H 130 70.02 -10.44 8.26
CA LEU H 130 70.00 -11.13 9.53
C LEU H 130 70.67 -10.31 10.61
N LYS H 131 71.71 -9.56 10.27
CA LYS H 131 72.35 -8.69 11.25
C LYS H 131 71.45 -7.55 11.71
N SER H 132 70.52 -7.10 10.87
CA SER H 132 69.55 -6.09 11.25
C SER H 132 68.51 -6.63 12.24
N GLY H 133 68.34 -7.94 12.33
CA GLY H 133 67.38 -8.54 13.25
C GLY H 133 66.04 -9.03 12.72
N THR H 134 65.84 -9.05 11.41
CA THR H 134 64.66 -9.66 10.81
C THR H 134 65.09 -10.56 9.65
N ALA H 135 64.19 -11.46 9.26
CA ALA H 135 64.48 -12.41 8.20
C ALA H 135 63.33 -12.47 7.21
N SER H 136 63.64 -12.34 5.93
CA SER H 136 62.64 -12.40 4.86
C SER H 136 62.97 -13.57 3.95
N VAL H 137 62.04 -14.51 3.83
CA VAL H 137 62.15 -15.64 2.92
C VAL H 137 61.24 -15.39 1.73
N VAL H 138 61.81 -15.40 0.54
CA VAL H 138 61.08 -15.09 -0.68
C VAL H 138 60.87 -16.35 -1.50
N CYS H 139 59.65 -16.52 -2.01
CA CYS H 139 59.29 -17.60 -2.94
C CYS H 139 58.89 -16.95 -4.24
N LEU H 140 59.52 -17.34 -5.35
CA LEU H 140 59.23 -16.74 -6.65
C LEU H 140 58.51 -17.75 -7.52
N LEU H 141 57.46 -17.32 -8.21
CA LEU H 141 56.77 -18.14 -9.19
C LEU H 141 56.81 -17.38 -10.51
N ASN H 142 57.33 -17.99 -11.56
CA ASN H 142 57.72 -17.22 -12.72
C ASN H 142 56.99 -17.68 -13.99
N ASN H 143 56.31 -16.74 -14.64
CA ASN H 143 55.78 -16.88 -16.01
C ASN H 143 54.81 -18.05 -16.17
N PHE H 144 53.86 -18.15 -15.23
CA PHE H 144 52.70 -19.02 -15.35
C PHE H 144 51.53 -18.23 -15.94
N TYR H 145 50.71 -18.86 -16.79
CA TYR H 145 49.59 -18.04 -17.25
C TYR H 145 48.41 -18.05 -16.29
N PRO H 146 47.71 -19.18 -16.03
CA PRO H 146 46.42 -19.04 -15.31
C PRO H 146 46.69 -18.38 -13.97
N ARG H 147 46.21 -17.15 -13.78
CA ARG H 147 46.72 -16.35 -12.68
C ARG H 147 46.39 -16.89 -11.30
N GLU H 148 45.31 -17.65 -11.18
CA GLU H 148 44.93 -18.24 -9.90
C GLU H 148 45.98 -19.28 -9.53
N ALA H 149 46.54 -19.15 -8.33
CA ALA H 149 47.61 -20.02 -7.86
C ALA H 149 47.56 -20.03 -6.34
N LYS H 150 48.09 -21.09 -5.74
CA LYS H 150 48.02 -21.30 -4.30
C LYS H 150 49.42 -21.55 -3.79
N VAL H 151 49.91 -20.71 -2.88
CA VAL H 151 51.22 -20.90 -2.26
C VAL H 151 51.05 -21.03 -0.76
N GLN H 152 51.65 -22.06 -0.20
CA GLN H 152 51.60 -22.30 1.23
C GLN H 152 53.01 -22.36 1.77
N TRP H 153 53.19 -21.92 3.01
CA TRP H 153 54.48 -22.00 3.68
C TRP H 153 54.43 -23.10 4.72
N LYS H 154 55.44 -23.95 4.71
CA LYS H 154 55.64 -24.94 5.76
C LYS H 154 57.03 -24.70 6.34
N VAL H 155 57.11 -24.62 7.66
CA VAL H 155 58.37 -24.43 8.35
C VAL H 155 58.53 -25.58 9.32
N ASP H 156 59.49 -26.46 9.05
CA ASP H 156 59.55 -27.76 9.70
C ASP H 156 58.22 -28.49 9.51
N ASN H 157 57.63 -28.32 8.33
CA ASN H 157 56.41 -28.96 7.87
C ASN H 157 55.14 -28.42 8.54
N ALA H 158 55.20 -27.29 9.24
CA ALA H 158 54.03 -26.71 9.87
C ALA H 158 53.53 -25.53 9.04
N LEU H 159 52.22 -25.46 8.84
CA LEU H 159 51.66 -24.45 7.96
C LEU H 159 51.73 -23.06 8.59
N GLN H 160 51.82 -22.05 7.71
CA GLN H 160 52.02 -20.65 8.11
C GLN H 160 50.86 -19.81 7.59
N SER H 161 50.23 -19.05 8.49
CA SER H 161 49.14 -18.17 8.14
C SER H 161 49.39 -16.80 8.73
N GLY H 162 49.00 -15.77 7.99
CA GLY H 162 49.14 -14.41 8.48
C GLY H 162 50.57 -13.97 8.71
N ASN H 163 51.48 -14.47 7.89
CA ASN H 163 52.90 -14.29 8.07
C ASN H 163 53.59 -13.77 6.82
N SER H 164 52.94 -13.89 5.68
CA SER H 164 53.52 -13.73 4.37
C SER H 164 52.67 -12.75 3.58
N GLN H 165 53.23 -12.26 2.47
CA GLN H 165 52.55 -11.29 1.62
C GLN H 165 52.87 -11.59 0.17
N GLU H 166 51.85 -11.57 -0.68
CA GLU H 166 52.05 -11.84 -2.09
C GLU H 166 51.99 -10.56 -2.93
N SER H 167 52.72 -10.58 -4.03
CA SER H 167 52.69 -9.54 -5.04
C SER H 167 52.63 -10.22 -6.40
N VAL H 168 51.77 -9.74 -7.29
CA VAL H 168 51.62 -10.31 -8.62
C VAL H 168 51.91 -9.23 -9.65
N THR H 169 52.65 -9.56 -10.69
CA THR H 169 52.88 -8.55 -11.71
C THR H 169 51.65 -8.38 -12.59
N GLU H 170 51.73 -7.42 -13.51
CA GLU H 170 50.71 -7.29 -14.53
C GLU H 170 51.05 -8.18 -15.72
N GLN H 171 50.02 -8.61 -16.43
CA GLN H 171 50.21 -9.61 -17.49
C GLN H 171 51.25 -9.08 -18.46
N ASP H 172 52.24 -9.91 -18.77
CA ASP H 172 53.36 -9.48 -19.59
C ASP H 172 52.87 -9.11 -20.99
N SER H 173 53.34 -7.98 -21.50
CA SER H 173 52.86 -7.50 -22.79
C SER H 173 53.11 -8.54 -23.88
N LYS H 174 54.19 -9.30 -23.75
CA LYS H 174 54.72 -10.14 -24.83
C LYS H 174 54.25 -11.59 -24.73
N ASP H 175 54.50 -12.25 -23.61
CA ASP H 175 54.16 -13.66 -23.49
C ASP H 175 52.92 -13.93 -22.66
N SER H 176 52.20 -12.87 -22.24
CA SER H 176 50.89 -12.92 -21.58
C SER H 176 50.89 -13.71 -20.29
N THR H 177 52.01 -13.74 -19.57
CA THR H 177 52.08 -14.56 -18.38
C THR H 177 52.05 -13.68 -17.13
N TYR H 178 52.04 -14.33 -15.98
CA TYR H 178 52.17 -13.66 -14.72
C TYR H 178 53.39 -14.18 -13.98
N SER H 179 53.88 -13.36 -13.06
CA SER H 179 54.78 -13.81 -12.01
C SER H 179 54.30 -13.40 -10.63
N LEU H 180 54.52 -14.27 -9.66
CA LEU H 180 54.13 -13.99 -8.26
C LEU H 180 55.25 -14.16 -7.24
N SER H 181 55.33 -13.26 -6.27
CA SER H 181 56.36 -13.33 -5.24
C SER H 181 55.67 -13.32 -3.90
N SER H 182 55.89 -14.38 -3.11
CA SER H 182 55.39 -14.48 -1.75
C SER H 182 56.55 -14.36 -0.77
N THR H 183 56.50 -13.36 0.10
CA THR H 183 57.59 -13.06 1.03
C THR H 183 57.15 -13.43 2.44
N LEU H 184 57.81 -14.42 3.04
CA LEU H 184 57.61 -14.79 4.43
C LEU H 184 58.57 -14.00 5.31
N THR H 185 58.04 -13.40 6.37
CA THR H 185 58.79 -12.44 7.16
C THR H 185 58.80 -12.83 8.63
N LEU H 186 59.98 -13.21 9.13
CA LEU H 186 60.14 -13.67 10.51
C LEU H 186 61.14 -12.82 11.27
N SER H 187 60.94 -12.74 12.58
CA SER H 187 61.97 -12.18 13.45
C SER H 187 63.15 -13.14 13.37
N LYS H 188 64.37 -12.58 13.42
CA LYS H 188 65.57 -13.40 13.40
C LYS H 188 65.56 -14.40 14.54
N ALA H 189 65.02 -14.00 15.70
CA ALA H 189 64.86 -14.92 16.81
C ALA H 189 64.00 -16.11 16.47
N ASP H 190 62.84 -15.87 15.86
CA ASP H 190 61.98 -16.97 15.46
C ASP H 190 62.57 -17.75 14.31
N TYR H 191 63.36 -17.08 13.47
CA TYR H 191 63.85 -17.69 12.25
C TYR H 191 64.82 -18.81 12.60
N GLU H 192 65.73 -18.56 13.53
CA GLU H 192 66.77 -19.54 13.81
C GLU H 192 66.25 -20.73 14.60
N LYS H 193 65.05 -20.65 15.16
CA LYS H 193 64.46 -21.75 15.90
C LYS H 193 64.07 -22.93 15.01
N HIS H 194 64.09 -22.78 13.69
CA HIS H 194 63.69 -23.82 12.75
C HIS H 194 64.75 -24.00 11.69
N LYS H 195 64.73 -25.14 10.99
CA LYS H 195 65.85 -25.41 10.05
C LYS H 195 65.40 -25.47 8.58
N VAL H 196 64.23 -26.03 8.31
CA VAL H 196 63.83 -26.21 6.91
C VAL H 196 62.63 -25.33 6.57
N TYR H 197 62.73 -24.61 5.45
CA TYR H 197 61.70 -23.71 4.96
C TYR H 197 61.26 -24.12 3.57
N ALA H 198 59.96 -24.19 3.34
CA ALA H 198 59.42 -24.58 2.05
C ALA H 198 58.15 -23.81 1.74
N CYS H 199 57.96 -23.44 0.48
CA CYS H 199 56.66 -23.05 -0.05
C CYS H 199 56.19 -24.12 -1.04
N GLU H 200 54.93 -24.53 -0.93
CA GLU H 200 54.36 -25.44 -1.91
C GLU H 200 53.34 -24.68 -2.75
N VAL H 201 53.33 -24.99 -4.03
CA VAL H 201 52.62 -24.22 -5.05
C VAL H 201 51.64 -25.16 -5.73
N THR H 202 50.41 -24.70 -5.90
CA THR H 202 49.37 -25.46 -6.57
C THR H 202 48.87 -24.64 -7.75
N HIS H 203 48.90 -25.25 -8.94
CA HIS H 203 48.54 -24.52 -10.15
C HIS H 203 48.09 -25.53 -11.19
N GLN H 204 47.25 -25.08 -12.13
CA GLN H 204 46.71 -25.98 -13.13
C GLN H 204 47.81 -26.65 -13.95
N GLY H 205 48.89 -25.93 -14.23
CA GLY H 205 49.96 -26.46 -15.03
C GLY H 205 50.74 -27.57 -14.37
N LEU H 206 50.59 -27.72 -13.06
CA LEU H 206 51.30 -28.72 -12.30
C LEU H 206 50.41 -29.94 -12.14
N SER H 207 50.98 -31.13 -12.26
CA SER H 207 50.18 -32.32 -12.08
C SER H 207 50.06 -32.68 -10.61
N SER H 208 51.06 -32.35 -9.82
CA SER H 208 51.01 -32.43 -8.38
C SER H 208 51.74 -31.22 -7.83
N PRO H 209 51.45 -30.81 -6.61
CA PRO H 209 52.06 -29.58 -6.09
C PRO H 209 53.58 -29.70 -6.03
N VAL H 210 54.24 -28.66 -6.45
CA VAL H 210 55.68 -28.53 -6.36
C VAL H 210 56.08 -27.97 -5.01
N THR H 211 57.08 -28.56 -4.36
CA THR H 211 57.70 -27.93 -3.20
C THR H 211 59.19 -27.60 -3.27
N LYS H 212 59.50 -26.33 -3.05
CA LYS H 212 60.91 -25.88 -3.03
C LYS H 212 61.27 -25.75 -1.55
N SER H 213 62.54 -25.92 -1.18
CA SER H 213 62.92 -25.93 0.22
C SER H 213 64.40 -25.64 0.35
N PHE H 214 64.81 -25.32 1.58
CA PHE H 214 66.22 -25.19 1.90
C PHE H 214 66.42 -25.50 3.37
N ASN H 215 67.67 -25.88 3.70
CA ASN H 215 68.09 -26.26 5.02
C ASN H 215 69.14 -25.29 5.52
N ARG H 216 69.38 -25.33 6.82
CA ARG H 216 70.41 -24.48 7.40
C ARG H 216 71.84 -24.92 7.05
N GLY H 217 72.07 -26.22 6.77
CA GLY H 217 73.36 -26.69 6.26
C GLY H 217 73.68 -26.13 4.89
N GLU H 218 74.81 -25.43 4.77
CA GLU H 218 75.02 -24.42 3.72
C GLU H 218 74.80 -24.94 2.31
N CYS H 219 74.39 -24.03 1.42
CA CYS H 219 74.17 -24.32 0.00
C CYS H 219 75.19 -23.59 -0.87
N ASN I 1 -15.70 28.74 -3.00
CA ASN I 1 -15.81 30.06 -2.38
C ASN I 1 -15.05 30.08 -1.05
N PHE I 2 -14.69 31.27 -0.58
CA PHE I 2 -13.88 31.39 0.63
C PHE I 2 -13.90 32.82 1.15
N MET I 3 -13.58 32.95 2.44
CA MET I 3 -13.52 34.23 3.13
C MET I 3 -12.12 34.46 3.66
N LEU I 4 -11.63 35.68 3.49
CA LEU I 4 -10.42 36.12 4.17
C LEU I 4 -10.85 36.87 5.44
N THR I 5 -10.21 36.54 6.57
CA THR I 5 -10.55 37.16 7.84
C THR I 5 -9.39 37.97 8.40
N GLN I 6 -9.66 39.25 8.68
CA GLN I 6 -8.67 40.15 9.25
C GLN I 6 -9.16 40.65 10.60
N PRO I 7 -8.26 41.19 11.43
CA PRO I 7 -8.71 41.82 12.67
C PRO I 7 -9.51 43.07 12.35
N HIS I 8 -10.30 43.51 13.34
CA HIS I 8 -11.16 44.69 13.13
C HIS I 8 -10.34 45.98 13.12
N SER I 9 -9.35 46.08 14.02
CA SER I 9 -8.45 47.23 14.00
C SER I 9 -7.14 46.87 14.66
N VAL I 10 -6.11 47.65 14.32
CA VAL I 10 -4.82 47.62 14.99
C VAL I 10 -4.43 49.05 15.34
N SER I 11 -3.42 49.18 16.20
CA SER I 11 -3.00 50.50 16.64
C SER I 11 -1.59 50.43 17.23
N GLU I 12 -0.69 51.26 16.71
CA GLU I 12 0.68 51.34 17.22
C GLU I 12 1.20 52.77 17.15
N SER I 13 2.15 53.09 18.04
CA SER I 13 2.73 54.42 18.10
C SER I 13 3.58 54.69 16.86
N PRO I 14 3.91 55.96 16.58
CA PRO I 14 4.89 56.23 15.54
C PRO I 14 6.22 55.55 15.87
N GLY I 15 6.92 55.14 14.82
CA GLY I 15 8.22 54.52 14.95
C GLY I 15 8.23 53.05 15.29
N LYS I 16 7.07 52.43 15.49
CA LYS I 16 7.00 51.02 15.88
C LYS I 16 6.64 50.16 14.68
N THR I 17 6.45 48.88 14.95
CA THR I 17 6.12 47.89 13.93
C THR I 17 4.78 47.27 14.27
N VAL I 18 3.87 47.25 13.29
CA VAL I 18 2.52 46.70 13.39
C VAL I 18 2.34 45.70 12.25
N THR I 19 1.50 44.68 12.47
CA THR I 19 1.29 43.64 11.48
C THR I 19 -0.18 43.26 11.40
N ILE I 20 -0.71 43.18 10.18
CA ILE I 20 -2.11 42.86 9.93
C ILE I 20 -2.14 41.50 9.23
N SER I 21 -2.89 40.55 9.81
CA SER I 21 -2.99 39.18 9.33
C SER I 21 -4.21 39.02 8.43
N CYS I 22 -4.24 37.89 7.72
CA CYS I 22 -5.33 37.57 6.80
C CYS I 22 -5.45 36.05 6.77
N THR I 23 -6.50 35.51 7.39
CA THR I 23 -6.70 34.07 7.50
C THR I 23 -7.81 33.60 6.55
N ARG I 24 -7.47 32.70 5.64
CA ARG I 24 -8.48 32.13 4.74
C ARG I 24 -9.35 31.11 5.47
N SER I 25 -10.64 31.12 5.15
CA SER I 25 -11.61 30.24 5.82
C SER I 25 -11.39 28.78 5.45
N SER I 26 -11.46 28.46 4.15
CA SER I 26 -11.22 27.12 3.64
C SER I 26 -10.20 27.22 2.50
N GLY I 27 -9.34 26.21 2.42
CA GLY I 27 -8.36 26.13 1.35
C GLY I 27 -7.06 26.84 1.71
N SER I 28 -5.99 26.46 1.03
CA SER I 28 -4.66 26.95 1.40
C SER I 28 -4.52 28.38 0.91
N ILE I 29 -4.19 29.29 1.84
CA ILE I 29 -3.97 30.69 1.50
C ILE I 29 -2.87 30.84 0.47
N ALA I 30 -1.90 29.91 0.46
CA ALA I 30 -0.83 29.93 -0.51
C ALA I 30 -1.18 29.32 -1.86
N SER I 31 -2.43 28.88 -2.07
CA SER I 31 -2.83 28.38 -3.38
C SER I 31 -2.59 29.41 -4.47
N ASN I 32 -3.03 30.65 -4.22
CA ASN I 32 -2.98 31.75 -5.17
C ASN I 32 -2.44 33.01 -4.48
N TYR I 33 -1.98 33.93 -5.31
CA TYR I 33 -1.45 35.20 -4.86
C TYR I 33 -2.45 36.03 -4.04
N VAL I 34 -1.95 36.69 -2.99
CA VAL I 34 -2.71 37.55 -2.11
C VAL I 34 -2.15 38.96 -2.22
N GLN I 35 -3.04 39.96 -2.30
CA GLN I 35 -2.68 41.38 -2.40
C GLN I 35 -3.13 42.13 -1.14
N TRP I 36 -2.46 43.25 -0.89
CA TRP I 36 -2.88 44.17 0.17
C TRP I 36 -3.14 45.54 -0.42
N TYR I 37 -4.29 46.11 -0.06
CA TYR I 37 -4.70 47.42 -0.52
C TYR I 37 -4.82 48.35 0.67
N GLN I 38 -4.39 49.60 0.49
CA GLN I 38 -4.55 50.68 1.47
C GLN I 38 -5.65 51.60 0.98
N GLN I 39 -6.60 51.92 1.85
CA GLN I 39 -7.72 52.78 1.48
C GLN I 39 -7.82 53.98 2.41
N ARG I 40 -7.67 55.19 1.85
CA ARG I 40 -7.94 56.40 2.62
C ARG I 40 -9.41 56.78 2.49
N PRO I 41 -9.97 57.32 3.61
CA PRO I 41 -11.37 57.78 3.59
C PRO I 41 -11.70 58.63 2.36
N GLY I 42 -12.69 58.16 1.57
CA GLY I 42 -13.11 58.86 0.38
C GLY I 42 -12.22 58.66 -0.82
N SER I 43 -11.29 57.72 -0.76
CA SER I 43 -10.41 57.37 -1.86
C SER I 43 -10.73 55.97 -2.36
N ALA I 44 -10.20 55.66 -3.51
CA ALA I 44 -10.11 54.28 -3.96
C ALA I 44 -9.01 53.54 -3.18
N PRO I 45 -9.07 52.22 -3.14
CA PRO I 45 -7.96 51.46 -2.55
C PRO I 45 -6.69 51.53 -3.39
N THR I 46 -5.54 51.51 -2.71
CA THR I 46 -4.22 51.53 -3.34
C THR I 46 -3.51 50.21 -3.10
N THR I 47 -3.08 49.56 -4.17
CA THR I 47 -2.23 48.38 -4.01
C THR I 47 -0.94 48.78 -3.28
N VAL I 48 -0.62 48.09 -2.19
CA VAL I 48 0.63 48.35 -1.49
C VAL I 48 1.48 47.09 -1.54
N ILE I 49 0.82 45.93 -1.64
CA ILE I 49 1.56 44.64 -1.78
C ILE I 49 0.85 43.74 -2.80
N TYR I 50 1.58 43.33 -3.85
CA TYR I 50 1.00 42.45 -4.88
C TYR I 50 1.83 41.16 -4.94
N GLU I 51 1.17 39.99 -4.96
CA GLU I 51 1.88 38.68 -4.98
C GLU I 51 2.40 38.41 -3.57
N ASP I 52 1.94 39.21 -2.59
CA ASP I 52 2.30 39.00 -1.16
C ASP I 52 3.74 39.24 -0.66
N ASN I 53 4.67 39.61 -1.53
CA ASN I 53 5.98 40.07 -1.10
C ASN I 53 6.67 41.09 -2.14
N GLN I 54 5.76 41.70 -2.94
CA GLN I 54 6.23 42.64 -3.97
C GLN I 54 5.55 43.99 -3.76
N ARG I 55 6.35 45.04 -3.54
CA ARG I 55 5.84 46.40 -3.36
C ARG I 55 5.72 47.08 -4.72
N PRO I 56 4.54 47.53 -5.12
CA PRO I 56 4.41 48.23 -6.40
C PRO I 56 5.24 49.51 -6.44
N SER I 57 5.54 49.95 -7.67
CA SER I 57 6.28 51.19 -7.84
C SER I 57 5.65 52.33 -7.04
N GLY I 58 6.46 52.94 -6.16
CA GLY I 58 5.96 53.98 -5.29
C GLY I 58 5.84 53.59 -3.84
N VAL I 59 5.34 52.39 -3.56
CA VAL I 59 5.12 51.98 -2.16
C VAL I 59 6.46 51.87 -1.45
N PRO I 60 6.63 52.51 -0.29
CA PRO I 60 7.90 52.44 0.42
C PRO I 60 8.16 51.03 0.96
N ASP I 61 9.43 50.75 1.24
CA ASP I 61 9.82 49.45 1.76
C ASP I 61 9.51 49.27 3.23
N ARG I 62 8.73 50.18 3.82
CA ARG I 62 8.30 49.98 5.23
C ARG I 62 7.19 48.94 5.24
N PHE I 63 6.54 48.72 4.10
CA PHE I 63 5.46 47.75 3.97
C PHE I 63 6.02 46.48 3.39
N SER I 64 5.86 45.35 4.11
CA SER I 64 6.27 44.04 3.63
C SER I 64 5.18 43.02 3.92
N GLY I 65 5.14 42.00 3.07
CA GLY I 65 4.16 40.93 3.18
C GLY I 65 4.83 39.62 3.52
N SER I 66 4.05 38.66 4.01
CA SER I 66 4.64 37.40 4.43
C SER I 66 3.58 36.31 4.40
N ILE I 67 4.01 35.08 4.11
CA ILE I 67 3.12 33.92 4.10
C ILE I 67 3.43 33.07 5.31
N ASP I 68 2.39 32.61 6.00
CA ASP I 68 2.53 31.68 7.13
C ASP I 68 1.59 30.49 6.88
N SER I 69 2.07 29.52 6.13
CA SER I 69 1.35 28.25 6.04
C SER I 69 1.26 27.65 7.44
N SER I 70 0.32 26.73 7.62
CA SER I 70 0.09 26.04 8.89
C SER I 70 -0.74 26.91 9.82
N SER I 71 -0.93 28.16 9.45
CA SER I 71 -1.99 28.99 9.99
C SER I 71 -2.89 29.54 8.89
N ASN I 72 -2.64 29.18 7.63
CA ASN I 72 -3.51 29.54 6.49
C ASN I 72 -3.69 31.04 6.44
N SER I 73 -2.57 31.75 6.44
CA SER I 73 -2.59 33.13 6.90
C SER I 73 -1.41 33.87 6.32
N VAL I 74 -1.69 34.95 5.59
CA VAL I 74 -0.65 35.89 5.17
C VAL I 74 -0.81 37.16 5.96
N SER I 75 0.29 37.89 6.11
CA SER I 75 0.34 39.05 6.98
C SER I 75 1.07 40.21 6.34
N LEU I 76 0.42 41.37 6.38
CA LEU I 76 1.02 42.65 6.00
C LEU I 76 1.75 43.24 7.21
N THR I 77 2.97 43.72 6.98
CA THR I 77 3.81 44.28 8.03
C THR I 77 4.25 45.70 7.67
N ILE I 78 4.08 46.63 8.61
CA ILE I 78 4.53 48.01 8.45
C ILE I 78 5.51 48.31 9.57
N SER I 79 6.78 48.50 9.23
CA SER I 79 7.73 48.95 10.24
C SER I 79 7.99 50.43 10.04
N GLY I 80 8.66 51.03 11.01
CA GLY I 80 8.87 52.46 10.96
C GLY I 80 7.54 53.15 10.72
N LEU I 81 6.58 52.89 11.60
CA LEU I 81 5.23 53.41 11.44
C LEU I 81 5.26 54.93 11.39
N LYS I 82 4.45 55.50 10.49
CA LYS I 82 4.37 56.94 10.30
C LYS I 82 2.91 57.36 10.30
N THR I 83 2.66 58.62 10.66
CA THR I 83 1.27 59.05 10.84
C THR I 83 0.65 59.10 9.45
N GLU I 84 1.46 59.07 8.38
CA GLU I 84 0.88 59.01 7.04
C GLU I 84 0.06 57.73 6.73
N ASP I 85 0.46 56.66 7.40
CA ASP I 85 -0.12 55.34 7.21
C ASP I 85 -1.45 54.97 7.85
N GLU I 86 -2.06 55.87 8.63
CA GLU I 86 -3.31 55.55 9.32
C GLU I 86 -4.44 55.47 8.31
N ALA I 87 -4.88 54.25 7.99
CA ALA I 87 -5.91 54.08 6.97
C ALA I 87 -6.55 52.70 7.13
N ASP I 88 -7.33 52.31 6.12
CA ASP I 88 -7.90 50.97 6.03
C ASP I 88 -7.03 50.09 5.14
N TYR I 89 -6.81 48.85 5.57
CA TYR I 89 -6.04 47.86 4.79
C TYR I 89 -6.88 46.62 4.57
N TYR I 90 -7.11 46.29 3.29
CA TYR I 90 -7.83 45.09 2.89
C TYR I 90 -6.89 44.12 2.20
N CYS I 91 -7.00 42.84 2.53
CA CYS I 91 -6.33 41.77 1.79
C CYS I 91 -7.27 41.15 0.78
N GLN I 92 -6.74 40.74 -0.36
CA GLN I 92 -7.58 40.15 -1.40
C GLN I 92 -6.87 38.95 -2.03
N SER I 93 -7.67 38.03 -2.59
CA SER I 93 -7.08 36.93 -3.34
C SER I 93 -8.10 36.39 -4.34
N TYR I 94 -7.76 35.29 -5.00
CA TYR I 94 -8.65 34.77 -6.07
C TYR I 94 -8.58 33.25 -6.15
N ASP I 95 -9.70 32.57 -5.96
CA ASP I 95 -9.75 31.10 -6.15
C ASP I 95 -11.03 30.77 -6.90
N SER I 96 -11.07 29.64 -7.61
CA SER I 96 -12.26 29.31 -8.44
C SER I 96 -12.49 30.43 -9.45
N SER I 97 -13.72 30.94 -9.55
CA SER I 97 -13.98 32.09 -10.45
C SER I 97 -14.45 33.29 -9.62
N ASN I 98 -13.92 33.44 -8.41
CA ASN I 98 -14.28 34.57 -7.58
C ASN I 98 -13.03 35.29 -7.13
N TRP I 99 -13.15 36.60 -6.93
CA TRP I 99 -12.16 37.37 -6.19
C TRP I 99 -12.75 37.76 -4.84
N VAL I 100 -11.96 37.66 -3.79
CA VAL I 100 -12.45 37.81 -2.42
C VAL I 100 -11.66 38.91 -1.71
N PHE I 101 -12.37 39.84 -1.06
CA PHE I 101 -11.76 40.87 -0.23
C PHE I 101 -11.94 40.55 1.26
N GLY I 102 -10.93 40.89 2.05
CA GLY I 102 -11.03 40.67 3.48
C GLY I 102 -11.97 41.69 4.13
N GLY I 103 -12.19 41.51 5.43
CA GLY I 103 -13.18 42.34 6.09
C GLY I 103 -12.76 43.79 6.26
N GLY I 104 -11.52 44.11 5.97
CA GLY I 104 -10.92 45.39 6.29
C GLY I 104 -10.28 45.37 7.65
N THR I 105 -9.21 46.14 7.78
CA THR I 105 -8.56 46.39 9.06
C THR I 105 -8.33 47.88 9.17
N LYS I 106 -8.54 48.45 10.36
CA LYS I 106 -8.44 49.90 10.57
C LYS I 106 -7.19 50.18 11.41
N LEU I 107 -6.12 50.57 10.74
CA LEU I 107 -4.89 50.88 11.45
C LEU I 107 -4.94 52.30 11.96
N THR I 108 -4.74 52.48 13.27
CA THR I 108 -4.61 53.79 13.90
C THR I 108 -3.17 53.97 14.34
N VAL I 109 -2.57 55.11 13.99
CA VAL I 109 -1.31 55.52 14.58
C VAL I 109 -1.65 56.36 15.81
N LEU I 110 -1.35 55.83 17.00
CA LEU I 110 -1.78 56.47 18.24
C LEU I 110 -1.20 57.87 18.35
N GLY I 111 -2.07 58.83 18.66
CA GLY I 111 -1.68 60.22 18.85
C GLY I 111 -1.94 60.75 20.24
N GLN I 112 -2.74 60.03 21.02
CA GLN I 112 -3.15 60.45 22.36
C GLN I 112 -3.49 59.20 23.16
N PRO I 113 -3.53 59.30 24.49
CA PRO I 113 -3.77 58.09 25.29
C PRO I 113 -5.11 57.44 24.96
N LYS I 114 -5.13 56.12 25.03
CA LYS I 114 -6.37 55.40 24.80
C LYS I 114 -7.38 55.75 25.88
N ALA I 115 -8.66 55.77 25.51
CA ALA I 115 -9.74 56.07 26.43
C ALA I 115 -10.91 55.12 26.19
N ALA I 116 -11.50 54.65 27.27
CA ALA I 116 -12.62 53.75 27.14
C ALA I 116 -13.91 54.51 26.82
N PRO I 117 -14.84 53.85 26.13
CA PRO I 117 -16.08 54.53 25.73
C PRO I 117 -17.05 54.77 26.88
N SER I 118 -17.88 55.79 26.72
CA SER I 118 -19.00 56.06 27.61
C SER I 118 -20.29 55.87 26.83
N VAL I 119 -21.26 55.20 27.44
CA VAL I 119 -22.43 54.70 26.72
C VAL I 119 -23.69 55.25 27.37
N THR I 120 -24.65 55.63 26.53
CA THR I 120 -25.93 56.15 27.01
C THR I 120 -27.01 55.62 26.09
N LEU I 121 -27.97 54.89 26.65
CA LEU I 121 -29.02 54.27 25.85
C LEU I 121 -30.33 54.97 26.14
N PHE I 122 -30.81 55.76 25.18
CA PHE I 122 -32.08 56.45 25.29
C PHE I 122 -33.20 55.57 24.74
N PRO I 123 -34.28 55.35 25.49
CA PRO I 123 -35.42 54.58 24.96
C PRO I 123 -36.25 55.43 24.02
N PRO I 124 -37.30 54.88 23.40
CA PRO I 124 -38.13 55.69 22.50
C PRO I 124 -38.95 56.73 23.26
N SER I 125 -38.80 58.00 22.84
CA SER I 125 -39.55 59.09 23.44
C SER I 125 -41.04 58.82 23.29
N SER I 126 -41.80 59.09 24.35
CA SER I 126 -43.24 58.91 24.30
C SER I 126 -43.89 59.80 23.24
N GLU I 127 -43.21 60.88 22.85
CA GLU I 127 -43.65 61.61 21.67
C GLU I 127 -43.66 60.63 20.50
N GLU I 128 -42.53 59.94 20.27
CA GLU I 128 -42.39 59.06 19.12
C GLU I 128 -43.33 57.86 19.20
N LEU I 129 -43.49 57.29 20.39
CA LEU I 129 -44.42 56.18 20.52
C LEU I 129 -45.81 56.59 20.04
N GLN I 130 -46.20 57.84 20.31
CA GLN I 130 -47.52 58.36 19.91
C GLN I 130 -47.67 58.49 18.40
N ALA I 131 -46.57 58.62 17.66
CA ALA I 131 -46.61 58.64 16.21
C ALA I 131 -46.54 57.25 15.61
N ASN I 132 -46.61 56.21 16.45
CA ASN I 132 -46.63 54.81 16.04
C ASN I 132 -45.27 54.33 15.53
N LYS I 133 -44.18 54.92 16.01
CA LYS I 133 -42.83 54.41 15.77
C LYS I 133 -42.13 54.26 17.10
N ALA I 134 -40.95 53.63 17.06
CA ALA I 134 -40.15 53.44 18.25
C ALA I 134 -38.69 53.42 17.81
N THR I 135 -37.83 54.06 18.58
CA THR I 135 -36.41 54.11 18.19
C THR I 135 -35.55 54.22 19.44
N LEU I 136 -34.65 53.25 19.62
CA LEU I 136 -33.67 53.29 20.70
C LEU I 136 -32.42 53.96 20.18
N VAL I 137 -31.90 54.92 20.94
CA VAL I 137 -30.72 55.68 20.54
C VAL I 137 -29.59 55.32 21.49
N CYS I 138 -28.41 55.04 20.94
CA CYS I 138 -27.27 54.59 21.73
C CYS I 138 -26.07 55.44 21.35
N LEU I 139 -25.50 56.14 22.34
CA LEU I 139 -24.43 57.12 22.12
C LEU I 139 -23.15 56.67 22.82
N ILE I 140 -22.08 56.61 22.04
CA ILE I 140 -20.78 56.21 22.52
C ILE I 140 -19.87 57.42 22.35
N SER I 141 -19.02 57.69 23.33
CA SER I 141 -18.19 58.89 23.26
C SER I 141 -16.92 58.70 24.08
N ASP I 142 -16.01 59.68 23.97
CA ASP I 142 -14.79 59.71 24.83
C ASP I 142 -13.91 58.46 24.71
N PHE I 143 -13.77 57.89 23.50
CA PHE I 143 -12.81 56.82 23.31
C PHE I 143 -11.71 57.27 22.35
N TYR I 144 -10.46 56.86 22.59
CA TYR I 144 -9.42 57.38 21.68
C TYR I 144 -9.38 56.55 20.40
N PRO I 145 -9.10 55.23 20.44
CA PRO I 145 -8.97 54.49 19.19
C PRO I 145 -10.34 54.59 18.50
N GLY I 146 -10.34 54.87 17.20
CA GLY I 146 -11.60 55.07 16.47
C GLY I 146 -12.49 53.85 16.42
N ALA I 147 -11.90 52.66 16.25
CA ALA I 147 -12.75 51.46 16.04
C ALA I 147 -13.59 51.15 17.27
N VAL I 148 -14.87 50.79 17.04
CA VAL I 148 -15.75 50.35 18.15
C VAL I 148 -16.68 49.39 17.41
N THR I 149 -17.31 48.44 18.09
CA THR I 149 -18.32 47.57 17.44
C THR I 149 -19.55 47.56 18.37
N VAL I 150 -20.77 47.60 17.81
CA VAL I 150 -21.92 47.72 18.69
C VAL I 150 -22.84 46.54 18.45
N ALA I 151 -23.34 45.95 19.53
CA ALA I 151 -24.29 44.85 19.46
C ALA I 151 -25.57 45.23 20.18
N TRP I 152 -26.71 44.89 19.59
CA TRP I 152 -28.00 45.10 20.20
C TRP I 152 -28.63 43.77 20.56
N LYS I 153 -29.27 43.72 21.73
CA LYS I 153 -29.93 42.50 22.15
C LYS I 153 -31.28 42.84 22.77
N ALA I 154 -32.25 41.97 22.53
CA ALA I 154 -33.54 42.00 23.22
C ALA I 154 -33.65 40.71 24.01
N ASP I 155 -33.52 40.81 25.34
CA ASP I 155 -33.55 39.64 26.23
C ASP I 155 -32.43 38.65 25.90
N SER I 156 -31.23 39.18 25.69
CA SER I 156 -30.00 38.43 25.41
C SER I 156 -29.99 37.83 24.01
N SER I 157 -31.12 37.89 23.31
CA SER I 157 -31.22 37.31 21.97
C SER I 157 -30.74 38.33 20.94
N PRO I 158 -29.66 38.07 20.22
CA PRO I 158 -29.11 39.08 19.30
C PRO I 158 -30.13 39.53 18.27
N VAL I 159 -30.14 40.86 18.04
CA VAL I 159 -31.05 41.52 17.11
C VAL I 159 -30.24 42.02 15.92
N LYS I 160 -30.61 41.60 14.72
CA LYS I 160 -29.90 42.00 13.50
C LYS I 160 -30.65 43.03 12.68
N ALA I 161 -31.98 42.89 12.56
CA ALA I 161 -32.76 43.74 11.68
C ALA I 161 -32.87 45.16 12.22
N GLY I 162 -32.89 46.13 11.31
CA GLY I 162 -33.20 47.49 11.66
C GLY I 162 -32.22 48.14 12.61
N VAL I 163 -30.93 47.93 12.39
CA VAL I 163 -29.86 48.53 13.18
C VAL I 163 -28.93 49.27 12.25
N GLU I 164 -28.79 50.58 12.44
CA GLU I 164 -27.83 51.41 11.71
C GLU I 164 -26.90 52.06 12.71
N THR I 165 -25.66 52.30 12.30
CA THR I 165 -24.65 52.72 13.25
C THR I 165 -23.64 53.62 12.54
N THR I 166 -23.10 54.58 13.29
CA THR I 166 -22.36 55.70 12.75
C THR I 166 -20.86 55.42 12.79
N THR I 167 -20.19 55.62 11.66
CA THR I 167 -18.73 55.57 11.67
C THR I 167 -18.22 56.62 12.65
N PRO I 168 -17.34 56.27 13.59
CA PRO I 168 -16.92 57.23 14.62
C PRO I 168 -16.33 58.49 14.01
N SER I 169 -16.57 59.62 14.67
CA SER I 169 -16.10 60.92 14.21
C SER I 169 -15.52 61.68 15.39
N LYS I 170 -14.54 62.54 15.08
CA LYS I 170 -13.82 63.27 16.15
C LYS I 170 -14.68 64.40 16.72
N GLN I 171 -14.64 64.59 18.03
CA GLN I 171 -15.40 65.71 18.66
C GLN I 171 -14.45 66.84 19.10
N SER I 172 -14.95 67.77 19.91
CA SER I 172 -14.15 68.90 20.44
C SER I 172 -13.02 68.32 21.29
N ASN I 173 -13.29 67.23 22.00
CA ASN I 173 -12.28 66.63 22.93
C ASN I 173 -11.15 65.96 22.12
N ASN I 174 -11.37 65.73 20.83
CA ASN I 174 -10.39 65.01 19.96
C ASN I 174 -10.55 63.51 20.15
N LYS I 175 -11.48 63.10 21.01
CA LYS I 175 -11.83 61.67 21.20
C LYS I 175 -12.83 61.34 20.10
N TYR I 176 -13.12 60.06 19.87
CA TYR I 176 -14.18 59.73 18.88
C TYR I 176 -15.54 59.41 19.49
N ALA I 177 -16.63 59.80 18.82
CA ALA I 177 -17.99 59.47 19.25
C ALA I 177 -18.71 58.80 18.10
N ALA I 178 -19.76 58.05 18.45
CA ALA I 178 -20.53 57.34 17.44
C ALA I 178 -21.90 57.01 18.00
N SER I 179 -22.85 56.77 17.09
CA SER I 179 -24.21 56.44 17.49
C SER I 179 -24.67 55.14 16.83
N SER I 180 -25.67 54.51 17.44
CA SER I 180 -26.34 53.35 16.87
C SER I 180 -27.82 53.41 17.18
N TYR I 181 -28.65 53.04 16.19
CA TYR I 181 -30.10 53.14 16.29
C TYR I 181 -30.77 51.79 16.05
N LEU I 182 -31.71 51.46 16.93
CA LEU I 182 -32.52 50.25 16.79
C LEU I 182 -33.95 50.68 16.51
N SER I 183 -34.39 50.49 15.27
CA SER I 183 -35.74 50.86 14.86
C SER I 183 -36.70 49.70 15.13
N LEU I 184 -37.73 49.96 15.95
CA LEU I 184 -38.71 48.95 16.32
C LEU I 184 -40.12 49.46 16.04
N THR I 185 -41.01 48.53 15.81
CA THR I 185 -42.42 48.90 15.87
C THR I 185 -42.85 49.00 17.33
N PRO I 186 -43.83 49.85 17.65
CA PRO I 186 -44.24 50.00 19.07
C PRO I 186 -44.70 48.71 19.70
N GLU I 187 -45.28 47.81 18.90
CA GLU I 187 -45.70 46.52 19.41
C GLU I 187 -44.50 45.70 19.89
N GLN I 188 -43.45 45.61 19.07
CA GLN I 188 -42.26 44.85 19.47
C GLN I 188 -41.36 45.63 20.43
N TRP I 189 -41.72 46.87 20.75
CA TRP I 189 -41.08 47.58 21.84
C TRP I 189 -41.51 47.03 23.20
N LYS I 190 -42.79 46.67 23.34
CA LYS I 190 -43.36 46.19 24.59
C LYS I 190 -43.38 44.68 24.70
N SER I 191 -43.01 43.96 23.64
CA SER I 191 -43.05 42.51 23.66
C SER I 191 -41.79 41.87 24.23
N HIS I 192 -40.84 42.68 24.71
CA HIS I 192 -39.60 42.15 25.26
C HIS I 192 -39.37 42.72 26.66
N ARG I 193 -38.60 41.98 27.46
CA ARG I 193 -38.40 42.34 28.86
C ARG I 193 -37.44 43.49 29.06
N SER I 194 -36.49 43.68 28.13
CA SER I 194 -35.54 44.78 28.15
C SER I 194 -34.71 44.73 26.88
N TYR I 195 -34.13 45.88 26.52
CA TYR I 195 -33.23 45.97 25.39
C TYR I 195 -31.88 46.46 25.90
N SER I 196 -30.83 46.14 25.16
CA SER I 196 -29.49 46.35 25.67
C SER I 196 -28.54 46.72 24.54
N CYS I 197 -27.66 47.66 24.82
CA CYS I 197 -26.67 48.13 23.86
C CYS I 197 -25.28 47.73 24.34
N GLN I 198 -24.65 46.78 23.67
CA GLN I 198 -23.29 46.37 24.02
C GLN I 198 -22.30 47.07 23.11
N VAL I 199 -21.33 47.74 23.70
CA VAL I 199 -20.28 48.46 22.97
C VAL I 199 -18.95 47.80 23.27
N THR I 200 -18.18 47.51 22.22
CA THR I 200 -16.90 46.83 22.35
C THR I 200 -15.78 47.73 21.84
N HIS I 201 -14.74 47.91 22.66
CA HIS I 201 -13.67 48.85 22.35
C HIS I 201 -12.37 48.30 22.91
N GLU I 202 -11.39 48.07 22.03
CA GLU I 202 -10.08 47.55 22.41
C GLU I 202 -10.16 46.27 23.26
N GLY I 203 -11.11 45.39 22.90
CA GLY I 203 -11.34 44.16 23.62
C GLY I 203 -12.33 44.22 24.77
N SER I 204 -12.60 45.40 25.32
CA SER I 204 -13.49 45.52 26.47
C SER I 204 -14.90 45.89 26.02
N THR I 205 -15.89 45.23 26.61
CA THR I 205 -17.30 45.40 26.25
C THR I 205 -18.09 46.07 27.37
N VAL I 206 -18.82 47.12 27.02
CA VAL I 206 -19.71 47.82 27.91
C VAL I 206 -21.14 47.72 27.41
N GLU I 207 -22.10 47.67 28.34
CA GLU I 207 -23.50 47.64 27.96
C GLU I 207 -24.30 48.61 28.81
N LYS I 208 -25.45 48.99 28.25
CA LYS I 208 -26.48 49.74 28.93
C LYS I 208 -27.81 49.10 28.57
N THR I 209 -28.79 49.29 29.43
CA THR I 209 -30.11 48.68 29.30
C THR I 209 -31.17 49.71 29.61
N VAL I 210 -32.34 49.56 28.97
CA VAL I 210 -33.51 50.37 29.26
C VAL I 210 -34.72 49.45 29.38
N ALA I 211 -35.45 49.58 30.49
CA ALA I 211 -36.68 48.83 30.65
C ALA I 211 -37.70 49.30 29.61
N PRO I 212 -38.40 48.37 28.95
CA PRO I 212 -39.41 48.78 27.95
C PRO I 212 -40.60 49.47 28.58
N THR I 213 -40.70 49.47 29.90
CA THR I 213 -41.91 49.91 30.59
C THR I 213 -42.06 51.44 30.54
N GLU I 214 -43.31 51.87 30.39
CA GLU I 214 -43.65 53.30 30.47
C GLU I 214 -44.85 53.47 31.38
N ASP J 1 -20.70 -3.56 9.32
CA ASP J 1 -21.58 -4.17 8.34
C ASP J 1 -21.72 -3.28 7.10
N VAL J 2 -22.36 -3.80 6.07
CA VAL J 2 -22.79 -2.95 4.97
C VAL J 2 -23.97 -2.13 5.47
N VAL J 3 -23.80 -0.81 5.51
CA VAL J 3 -24.82 0.12 5.99
C VAL J 3 -25.74 0.48 4.85
N MET J 4 -27.05 0.30 5.05
CA MET J 4 -28.03 0.65 3.99
C MET J 4 -28.72 1.95 4.38
N THR J 5 -28.49 3.03 3.63
CA THR J 5 -29.09 4.32 4.06
C THR J 5 -30.26 4.66 3.13
N GLN J 6 -31.46 4.84 3.70
CA GLN J 6 -32.64 5.06 2.83
C GLN J 6 -32.92 6.54 2.60
N SER J 7 -33.96 6.87 1.84
CA SER J 7 -34.38 8.27 1.58
C SER J 7 -35.05 8.79 2.84
N PRO J 8 -35.31 10.12 2.99
CA PRO J 8 -35.79 10.64 4.26
C PRO J 8 -37.09 9.89 4.57
N LEU J 9 -37.30 9.54 5.84
CA LEU J 9 -38.44 8.65 6.19
C LEU J 9 -39.76 9.30 5.81
N SER J 10 -39.92 10.60 6.04
CA SER J 10 -41.17 11.26 5.60
C SER J 10 -41.07 11.53 4.09
N LEU J 11 -41.95 10.92 3.30
CA LEU J 11 -41.79 11.14 1.84
C LEU J 11 -43.22 11.43 1.42
N PRO J 12 -43.74 12.64 1.71
CA PRO J 12 -45.13 12.96 1.39
C PRO J 12 -45.31 13.19 -0.10
N VAL J 13 -46.32 12.57 -0.71
CA VAL J 13 -46.41 12.52 -2.17
C VAL J 13 -47.80 12.99 -2.55
N THR J 14 -47.92 13.53 -3.75
CA THR J 14 -49.23 13.85 -4.30
C THR J 14 -49.71 12.70 -5.17
N LEU J 15 -50.97 12.31 -5.00
CA LEU J 15 -51.50 11.20 -5.77
C LEU J 15 -51.52 11.58 -7.25
N GLY J 16 -51.22 10.61 -8.11
CA GLY J 16 -51.09 10.86 -9.52
C GLY J 16 -49.77 11.46 -9.95
N GLN J 17 -48.90 11.79 -8.99
CA GLN J 17 -47.61 12.38 -9.28
C GLN J 17 -46.47 11.42 -8.90
N PRO J 18 -45.40 11.39 -9.69
CA PRO J 18 -44.33 10.40 -9.43
C PRO J 18 -43.62 10.69 -8.12
N ALA J 19 -43.02 9.63 -7.55
CA ALA J 19 -42.23 9.73 -6.33
C ALA J 19 -41.00 8.85 -6.48
N SER J 20 -40.04 9.00 -5.57
CA SER J 20 -38.86 8.16 -5.68
C SER J 20 -38.05 8.20 -4.38
N ILE J 21 -37.48 7.05 -4.04
CA ILE J 21 -36.77 6.80 -2.78
C ILE J 21 -35.33 6.45 -3.11
N SER J 22 -34.38 6.96 -2.33
CA SER J 22 -32.98 6.67 -2.55
C SER J 22 -32.43 5.73 -1.48
N CYS J 23 -31.84 4.62 -1.93
CA CYS J 23 -31.06 3.72 -1.11
C CYS J 23 -29.58 3.88 -1.46
N ARG J 24 -28.73 4.02 -0.45
CA ARG J 24 -27.30 4.15 -0.67
C ARG J 24 -26.53 3.28 0.31
N SER J 25 -25.61 2.47 -0.24
CA SER J 25 -24.87 1.46 0.50
C SER J 25 -23.51 1.99 0.90
N SER J 26 -23.02 1.52 2.06
CA SER J 26 -21.71 1.91 2.54
C SER J 26 -20.57 1.37 1.68
N GLN J 27 -20.75 0.22 1.01
CA GLN J 27 -19.80 -0.22 0.00
C GLN J 27 -20.57 -0.51 -1.28
N SER J 28 -19.85 -0.62 -2.40
CA SER J 28 -20.50 -0.97 -3.65
C SER J 28 -21.10 -2.37 -3.57
N LEU J 29 -22.20 -2.59 -4.26
CA LEU J 29 -22.97 -3.81 -4.02
C LEU J 29 -22.80 -4.91 -5.06
N GLU J 30 -22.20 -4.65 -6.23
CA GLU J 30 -22.08 -5.72 -7.22
C GLU J 30 -21.34 -6.90 -6.63
N TYR J 31 -21.85 -8.09 -6.91
CA TYR J 31 -21.25 -9.33 -6.46
C TYR J 31 -20.29 -9.91 -7.53
N SER J 32 -19.70 -11.07 -7.24
CA SER J 32 -18.69 -11.65 -8.12
C SER J 32 -19.23 -12.06 -9.48
N ASP J 33 -20.45 -12.61 -9.53
CA ASP J 33 -21.07 -12.88 -10.82
C ASP J 33 -21.60 -11.66 -11.57
N GLY J 34 -21.35 -10.44 -11.06
CA GLY J 34 -21.75 -9.25 -11.78
C GLY J 34 -23.19 -8.83 -11.58
N ASN J 35 -23.94 -9.52 -10.72
CA ASN J 35 -25.27 -9.10 -10.33
C ASN J 35 -25.22 -8.32 -9.02
N THR J 36 -26.25 -7.51 -8.81
CA THR J 36 -26.40 -6.73 -7.59
C THR J 36 -27.67 -7.16 -6.89
N TYR J 37 -27.55 -7.75 -5.72
CA TYR J 37 -28.67 -8.45 -5.13
C TYR J 37 -29.33 -7.53 -4.12
N LEU J 38 -29.88 -6.44 -4.64
CA LEU J 38 -30.62 -5.46 -3.85
C LEU J 38 -32.11 -5.66 -4.06
N ASN J 39 -32.84 -5.80 -2.96
CA ASN J 39 -34.29 -5.96 -3.00
C ASN J 39 -35.00 -4.66 -2.62
N TRP J 40 -36.27 -4.56 -3.03
CA TRP J 40 -37.16 -3.49 -2.60
C TRP J 40 -38.45 -4.08 -2.03
N PHE J 41 -38.73 -3.83 -0.76
CA PHE J 41 -39.94 -4.28 -0.09
C PHE J 41 -40.90 -3.13 0.22
N GLN J 42 -42.20 -3.45 0.17
CA GLN J 42 -43.26 -2.54 0.57
C GLN J 42 -44.01 -3.14 1.75
N GLN J 43 -44.19 -2.33 2.80
CA GLN J 43 -44.93 -2.73 3.99
C GLN J 43 -46.10 -1.78 4.19
N ARG J 44 -47.30 -2.27 3.93
CA ARG J 44 -48.51 -1.50 4.18
C ARG J 44 -48.84 -1.50 5.68
N PRO J 45 -49.64 -0.54 6.13
CA PRO J 45 -49.98 -0.49 7.57
C PRO J 45 -50.50 -1.82 8.10
N GLY J 46 -49.87 -2.29 9.17
CA GLY J 46 -50.33 -3.50 9.84
C GLY J 46 -50.17 -4.77 9.05
N GLN J 47 -49.29 -4.77 8.06
CA GLN J 47 -49.06 -5.92 7.20
C GLN J 47 -47.59 -6.34 7.28
N SER J 48 -47.33 -7.62 6.99
CA SER J 48 -45.95 -8.04 6.81
C SER J 48 -45.46 -7.58 5.43
N PRO J 49 -44.16 -7.44 5.26
CA PRO J 49 -43.65 -6.85 4.02
C PRO J 49 -43.89 -7.74 2.80
N ARG J 50 -43.90 -7.10 1.64
CA ARG J 50 -44.00 -7.75 0.34
C ARG J 50 -42.81 -7.30 -0.49
N ARG J 51 -42.30 -8.19 -1.34
CA ARG J 51 -41.17 -7.81 -2.23
C ARG J 51 -41.68 -7.19 -3.52
N LEU J 52 -41.19 -6.02 -3.89
CA LEU J 52 -41.60 -5.38 -5.18
C LEU J 52 -40.53 -5.57 -6.26
N ILE J 53 -39.26 -5.37 -5.89
CA ILE J 53 -38.17 -5.46 -6.86
C ILE J 53 -37.08 -6.34 -6.27
N TYR J 54 -36.55 -7.25 -7.08
CA TYR J 54 -35.33 -7.98 -6.76
C TYR J 54 -34.28 -7.70 -7.82
N LYS J 55 -33.01 -7.88 -7.46
CA LYS J 55 -31.89 -7.57 -8.35
C LYS J 55 -32.03 -6.18 -8.96
N VAL J 56 -32.10 -5.17 -8.08
CA VAL J 56 -32.05 -3.77 -8.47
C VAL J 56 -33.26 -3.33 -9.31
N SER J 57 -33.53 -4.03 -10.41
CA SER J 57 -34.50 -3.54 -11.37
C SER J 57 -35.47 -4.59 -11.89
N LYS J 58 -35.53 -5.78 -11.29
CA LYS J 58 -36.45 -6.80 -11.76
C LYS J 58 -37.70 -6.78 -10.90
N ARG J 59 -38.85 -6.65 -11.56
CA ARG J 59 -40.13 -6.52 -10.80
C ARG J 59 -40.66 -7.89 -10.40
N ASP J 60 -41.04 -8.05 -9.13
CA ASP J 60 -41.65 -9.32 -8.65
C ASP J 60 -43.05 -9.52 -9.24
N SER J 61 -43.50 -10.78 -9.32
CA SER J 61 -44.83 -11.07 -9.93
C SER J 61 -45.98 -10.41 -9.19
N GLY J 62 -46.96 -9.87 -9.92
CA GLY J 62 -48.10 -9.16 -9.30
C GLY J 62 -47.80 -7.74 -8.85
N VAL J 63 -46.65 -7.19 -9.25
CA VAL J 63 -46.33 -5.78 -8.91
C VAL J 63 -46.68 -4.90 -10.11
N PRO J 64 -47.47 -3.82 -9.93
CA PRO J 64 -47.84 -2.92 -11.04
C PRO J 64 -46.60 -2.24 -11.62
N ASP J 65 -46.56 -2.14 -12.95
CA ASP J 65 -45.33 -1.77 -13.63
C ASP J 65 -45.02 -0.27 -13.54
N ARG J 66 -45.73 0.43 -12.64
CA ARG J 66 -45.38 1.84 -12.36
C ARG J 66 -44.16 1.74 -11.45
N PHE J 67 -44.15 0.74 -10.56
CA PHE J 67 -42.95 0.49 -9.76
C PHE J 67 -41.74 0.22 -10.64
N SER J 68 -40.63 0.83 -10.28
CA SER J 68 -39.42 0.70 -11.05
C SER J 68 -38.17 0.80 -10.21
N GLY J 69 -37.28 -0.20 -10.35
CA GLY J 69 -35.97 -0.16 -9.75
C GLY J 69 -34.94 0.30 -10.75
N SER J 70 -33.89 0.93 -10.25
CA SER J 70 -32.76 1.37 -11.06
C SER J 70 -31.57 1.61 -10.13
N GLY J 71 -30.42 1.84 -10.74
CA GLY J 71 -29.22 2.13 -9.98
C GLY J 71 -28.14 1.09 -10.19
N SER J 72 -26.97 1.43 -9.66
CA SER J 72 -25.75 0.64 -9.79
C SER J 72 -24.75 1.17 -8.77
N GLY J 73 -23.74 0.35 -8.49
CA GLY J 73 -22.67 0.78 -7.61
C GLY J 73 -23.07 0.95 -6.16
N SER J 74 -23.07 2.18 -5.68
CA SER J 74 -23.51 2.47 -4.33
C SER J 74 -24.82 3.29 -4.13
N ASP J 75 -25.45 3.59 -5.27
CA ASP J 75 -26.61 4.47 -5.32
C ASP J 75 -27.79 3.88 -6.08
N PHE J 76 -28.90 3.64 -5.39
CA PHE J 76 -30.05 2.97 -5.97
C PHE J 76 -31.33 3.75 -5.72
N THR J 77 -32.38 3.39 -6.46
CA THR J 77 -33.56 4.24 -6.55
C THR J 77 -34.79 3.41 -6.87
N LEU J 78 -35.77 3.40 -5.96
CA LEU J 78 -37.09 2.90 -6.28
C LEU J 78 -37.93 4.06 -6.80
N LYS J 79 -38.61 3.86 -7.93
CA LYS J 79 -39.41 4.91 -8.53
C LYS J 79 -40.84 4.42 -8.80
N ILE J 80 -41.82 5.23 -8.39
CA ILE J 80 -43.21 5.06 -8.79
C ILE J 80 -43.53 6.15 -9.81
N SER J 81 -44.32 5.81 -10.82
CA SER J 81 -44.58 6.78 -11.87
C SER J 81 -45.88 7.55 -11.64
N ARG J 82 -46.92 6.87 -11.14
CA ARG J 82 -48.19 7.50 -10.78
C ARG J 82 -48.59 6.95 -9.42
N VAL J 83 -48.26 7.69 -8.35
CA VAL J 83 -48.63 7.24 -7.01
C VAL J 83 -50.13 7.02 -6.94
N GLU J 84 -50.50 5.90 -6.32
CA GLU J 84 -51.92 5.62 -6.06
C GLU J 84 -52.04 5.51 -4.55
N ALA J 85 -53.24 5.39 -4.01
CA ALA J 85 -53.38 5.41 -2.56
C ALA J 85 -53.03 4.08 -1.93
N GLU J 86 -52.95 3.00 -2.71
CA GLU J 86 -52.52 1.72 -2.17
C GLU J 86 -51.05 1.71 -1.79
N ASP J 87 -50.27 2.66 -2.31
CA ASP J 87 -48.82 2.70 -2.18
C ASP J 87 -48.35 3.30 -0.88
N VAL J 88 -49.20 3.40 0.12
CA VAL J 88 -48.89 4.06 1.38
C VAL J 88 -48.25 3.08 2.34
N GLY J 89 -47.20 3.53 3.00
CA GLY J 89 -46.59 2.70 4.02
C GLY J 89 -45.08 2.93 4.06
N VAL J 90 -44.37 1.89 4.43
CA VAL J 90 -42.91 1.94 4.59
C VAL J 90 -42.27 1.04 3.54
N TYR J 91 -41.19 1.53 2.94
CA TYR J 91 -40.46 0.84 1.88
C TYR J 91 -39.03 0.60 2.35
N TYR J 92 -38.60 -0.65 2.36
CA TYR J 92 -37.27 -0.99 2.84
C TYR J 92 -36.42 -1.46 1.67
N CYS J 93 -35.15 -1.08 1.66
CA CYS J 93 -34.22 -1.72 0.75
C CYS J 93 -33.38 -2.78 1.48
N MET J 94 -32.65 -3.58 0.69
CA MET J 94 -31.93 -4.70 1.30
C MET J 94 -30.84 -5.23 0.38
N GLN J 95 -29.67 -5.50 0.96
CA GLN J 95 -28.59 -6.18 0.26
C GLN J 95 -28.59 -7.69 0.61
N GLY J 96 -28.19 -8.52 -0.36
CA GLY J 96 -28.40 -9.95 -0.20
C GLY J 96 -27.17 -10.83 -0.15
N THR J 97 -26.00 -10.23 -0.39
CA THR J 97 -24.77 -11.04 -0.53
C THR J 97 -23.80 -10.80 0.63
N HIS J 98 -23.75 -9.59 1.17
CA HIS J 98 -22.93 -9.38 2.39
C HIS J 98 -23.63 -10.15 3.51
N TRP J 99 -22.88 -10.88 4.33
CA TRP J 99 -23.47 -11.79 5.36
C TRP J 99 -24.28 -11.08 6.44
N PRO J 100 -23.97 -9.84 6.89
CA PRO J 100 -24.80 -9.16 7.87
C PRO J 100 -26.19 -9.07 7.23
N LEU J 101 -26.28 -8.89 5.92
CA LEU J 101 -27.61 -8.90 5.24
C LEU J 101 -28.48 -7.79 5.81
N THR J 102 -27.86 -6.65 6.10
CA THR J 102 -28.60 -5.48 6.65
C THR J 102 -29.65 -4.95 5.67
N PHE J 103 -30.66 -4.23 6.20
CA PHE J 103 -31.72 -3.59 5.38
C PHE J 103 -31.69 -2.08 5.58
N GLY J 104 -32.37 -1.30 4.72
CA GLY J 104 -32.48 0.12 4.93
C GLY J 104 -33.37 0.40 6.12
N GLY J 105 -33.24 1.63 6.63
CA GLY J 105 -34.06 2.04 7.76
C GLY J 105 -35.52 2.20 7.41
N GLY J 106 -35.81 2.49 6.16
CA GLY J 106 -37.21 2.60 5.82
C GLY J 106 -37.58 4.03 5.46
N THR J 107 -38.52 4.14 4.53
CA THR J 107 -39.03 5.42 4.06
C THR J 107 -40.54 5.33 4.13
N LYS J 108 -41.16 6.22 4.92
CA LYS J 108 -42.60 6.23 5.09
C LYS J 108 -43.22 7.14 4.04
N VAL J 109 -44.29 6.69 3.43
CA VAL J 109 -44.90 7.39 2.31
C VAL J 109 -46.31 7.76 2.71
N GLU J 110 -46.58 9.05 2.72
CA GLU J 110 -47.82 9.59 3.24
C GLU J 110 -48.42 10.47 2.14
N ILE J 111 -49.72 10.67 2.20
CA ILE J 111 -50.37 11.54 1.24
C ILE J 111 -50.07 13.00 1.58
N LYS J 112 -49.72 13.78 0.57
CA LYS J 112 -49.48 15.21 0.75
C LYS J 112 -50.78 16.00 0.66
N ARG J 113 -50.90 16.96 1.56
CA ARG J 113 -52.16 17.56 1.92
C ARG J 113 -51.95 19.06 2.01
N THR J 114 -53.03 19.83 1.91
CA THR J 114 -52.90 21.24 2.31
C THR J 114 -52.73 21.33 3.82
N VAL J 115 -52.07 22.40 4.27
CA VAL J 115 -51.78 22.59 5.70
C VAL J 115 -53.09 22.77 6.48
N ALA J 116 -53.23 22.04 7.59
CA ALA J 116 -54.41 22.08 8.44
C ALA J 116 -53.98 22.27 9.88
N ALA J 117 -54.35 23.40 10.49
CA ALA J 117 -54.05 23.63 11.89
C ALA J 117 -54.87 22.68 12.77
N PRO J 118 -54.30 22.27 13.91
CA PRO J 118 -55.02 21.38 14.82
C PRO J 118 -56.10 22.12 15.58
N SER J 119 -57.03 21.35 16.11
CA SER J 119 -57.98 21.87 17.09
C SER J 119 -57.56 21.33 18.45
N VAL J 120 -57.36 22.22 19.41
CA VAL J 120 -56.82 21.84 20.72
C VAL J 120 -57.96 21.71 21.72
N PHE J 121 -57.92 20.64 22.50
CA PHE J 121 -58.83 20.45 23.62
C PHE J 121 -58.01 19.98 24.81
N ILE J 122 -58.53 20.23 26.00
CA ILE J 122 -57.83 19.81 27.21
C ILE J 122 -58.84 19.18 28.14
N PHE J 123 -58.37 18.18 28.89
CA PHE J 123 -59.18 17.36 29.76
C PHE J 123 -58.51 17.35 31.12
N PRO J 124 -59.21 17.72 32.19
CA PRO J 124 -58.65 17.51 33.52
C PRO J 124 -58.80 16.06 33.94
N PRO J 125 -58.04 15.65 34.97
CA PRO J 125 -58.23 14.33 35.57
C PRO J 125 -59.68 14.09 35.96
N SER J 126 -60.11 12.84 35.81
CA SER J 126 -61.39 12.41 36.36
C SER J 126 -61.32 12.34 37.88
N ASP J 127 -62.48 12.32 38.53
CA ASP J 127 -62.44 12.27 39.98
C ASP J 127 -62.08 10.87 40.46
N GLU J 128 -62.46 9.84 39.68
CA GLU J 128 -62.12 8.47 40.05
C GLU J 128 -60.62 8.27 40.07
N GLN J 129 -59.92 8.83 39.08
CA GLN J 129 -58.47 8.67 39.03
C GLN J 129 -57.80 9.23 40.27
N LEU J 130 -58.30 10.34 40.78
CA LEU J 130 -57.64 10.98 41.90
C LEU J 130 -57.78 10.17 43.19
N LYS J 131 -58.72 9.22 43.24
CA LYS J 131 -58.71 8.24 44.32
C LYS J 131 -57.45 7.38 44.27
N SER J 132 -57.03 6.99 43.05
CA SER J 132 -55.82 6.21 42.85
C SER J 132 -54.58 6.90 43.38
N GLY J 133 -54.58 8.22 43.52
CA GLY J 133 -53.40 8.96 43.92
C GLY J 133 -52.57 9.51 42.79
N THR J 134 -53.00 9.33 41.54
CA THR J 134 -52.33 9.90 40.38
C THR J 134 -53.33 10.74 39.60
N ALA J 135 -52.80 11.60 38.73
CA ALA J 135 -53.64 12.52 37.97
C ALA J 135 -53.09 12.61 36.56
N SER J 136 -53.99 12.47 35.58
CA SER J 136 -53.59 12.49 34.17
C SER J 136 -54.34 13.63 33.49
N VAL J 137 -53.59 14.52 32.84
CA VAL J 137 -54.15 15.65 32.10
C VAL J 137 -53.88 15.39 30.63
N VAL J 138 -54.94 15.31 29.83
CA VAL J 138 -54.79 14.97 28.41
C VAL J 138 -55.02 16.22 27.57
N CYS J 139 -54.02 16.54 26.75
CA CYS J 139 -54.11 17.52 25.70
C CYS J 139 -54.37 16.76 24.40
N LEU J 140 -55.15 17.35 23.48
CA LEU J 140 -55.61 16.65 22.30
C LEU J 140 -55.52 17.54 21.06
N LEU J 141 -54.49 17.29 20.23
CA LEU J 141 -54.37 18.00 18.93
C LEU J 141 -55.16 17.19 17.89
N ASN J 142 -56.04 17.83 17.11
CA ASN J 142 -56.92 17.05 16.20
C ASN J 142 -56.82 17.47 14.73
N ASN J 143 -56.72 16.52 13.81
CA ASN J 143 -56.79 16.80 12.34
C ASN J 143 -55.75 17.80 11.80
N PHE J 144 -54.50 17.73 12.23
CA PHE J 144 -53.45 18.59 11.63
C PHE J 144 -52.82 17.84 10.43
N TYR J 145 -52.62 18.49 9.27
CA TYR J 145 -51.98 17.71 8.18
C TYR J 145 -50.47 17.54 8.39
N PRO J 146 -49.71 18.58 8.77
CA PRO J 146 -48.30 18.38 9.03
C PRO J 146 -48.27 17.50 10.28
N ARG J 147 -47.46 16.44 10.28
CA ARG J 147 -47.36 15.56 11.46
C ARG J 147 -46.47 16.24 12.50
N GLU J 148 -45.66 17.22 12.07
CA GLU J 148 -44.75 17.83 13.02
C GLU J 148 -45.46 18.91 13.85
N ALA J 149 -45.45 18.72 15.16
CA ALA J 149 -45.96 19.70 16.10
C ALA J 149 -45.13 19.63 17.38
N LYS J 150 -45.18 20.73 18.11
CA LYS J 150 -44.53 20.85 19.40
C LYS J 150 -45.62 21.18 20.40
N VAL J 151 -45.78 20.35 21.42
CA VAL J 151 -46.72 20.63 22.49
C VAL J 151 -45.97 20.62 23.82
N GLN J 152 -46.11 21.70 24.59
CA GLN J 152 -45.43 21.85 25.87
C GLN J 152 -46.43 22.10 26.99
N TRP J 153 -46.19 21.46 28.13
CA TRP J 153 -47.02 21.64 29.30
C TRP J 153 -46.39 22.69 30.21
N LYS J 154 -47.19 23.69 30.57
CA LYS J 154 -46.84 24.64 31.63
C LYS J 154 -47.81 24.41 32.76
N VAL J 155 -47.31 24.33 33.98
CA VAL J 155 -48.15 24.21 35.17
C VAL J 155 -47.88 25.42 36.05
N ASP J 156 -48.91 26.26 36.23
CA ASP J 156 -48.74 27.59 36.84
C ASP J 156 -47.64 28.38 36.13
N ASN J 157 -47.63 28.29 34.80
CA ASN J 157 -46.69 28.92 33.90
C ASN J 157 -45.26 28.32 33.91
N ALA J 158 -44.98 27.32 34.73
CA ALA J 158 -43.67 26.66 34.74
C ALA J 158 -43.68 25.48 33.79
N LEU J 159 -42.67 25.38 32.94
CA LEU J 159 -42.57 24.26 32.01
C LEU J 159 -42.35 22.95 32.73
N GLN J 160 -42.87 21.87 32.14
CA GLN J 160 -42.73 20.52 32.66
C GLN J 160 -41.94 19.68 31.66
N SER J 161 -40.92 18.97 32.14
CA SER J 161 -40.15 18.06 31.31
C SER J 161 -40.09 16.68 31.97
N GLY J 162 -39.96 15.64 31.15
CA GLY J 162 -39.88 14.28 31.66
C GLY J 162 -41.12 13.83 32.39
N ASN J 163 -42.26 14.32 31.97
CA ASN J 163 -43.48 14.32 32.76
C ASN J 163 -44.67 13.82 31.96
N SER J 164 -44.50 13.61 30.65
CA SER J 164 -45.59 13.53 29.71
C SER J 164 -45.21 12.56 28.60
N GLN J 165 -46.23 12.00 27.94
CA GLN J 165 -46.08 11.11 26.79
C GLN J 165 -47.01 11.57 25.67
N GLU J 166 -46.48 11.64 24.45
CA GLU J 166 -47.27 11.94 23.27
C GLU J 166 -47.49 10.66 22.47
N SER J 167 -48.50 10.66 21.62
CA SER J 167 -48.89 9.45 20.90
C SER J 167 -49.72 9.93 19.71
N VAL J 168 -49.31 9.61 18.48
CA VAL J 168 -49.97 10.11 17.28
C VAL J 168 -50.65 8.96 16.57
N THR J 169 -51.63 9.27 15.75
CA THR J 169 -52.29 8.27 14.94
C THR J 169 -51.66 8.13 13.55
N GLU J 170 -52.17 7.20 12.77
CA GLU J 170 -51.71 7.09 11.40
C GLU J 170 -52.58 7.92 10.48
N GLN J 171 -52.06 8.24 9.31
CA GLN J 171 -52.72 9.22 8.46
C GLN J 171 -54.10 8.73 8.05
N ASP J 172 -55.06 9.65 8.07
CA ASP J 172 -56.46 9.28 7.97
C ASP J 172 -56.84 9.06 6.52
N SER J 173 -57.65 8.02 6.29
CA SER J 173 -57.91 7.57 4.93
C SER J 173 -58.64 8.62 4.13
N LYS J 174 -59.47 9.41 4.80
CA LYS J 174 -60.39 10.31 4.13
C LYS J 174 -59.85 11.72 4.00
N ASP J 175 -59.26 12.28 5.07
CA ASP J 175 -58.83 13.68 5.09
C ASP J 175 -57.32 13.85 5.26
N SER J 176 -56.56 12.75 5.34
CA SER J 176 -55.10 12.77 5.31
C SER J 176 -54.49 13.51 6.50
N THR J 177 -55.13 13.40 7.66
CA THR J 177 -54.68 14.15 8.82
C THR J 177 -54.23 13.21 9.92
N TYR J 178 -53.46 13.79 10.84
CA TYR J 178 -53.02 13.22 12.09
C TYR J 178 -53.75 13.85 13.26
N SER J 179 -53.78 13.13 14.37
CA SER J 179 -54.23 13.64 15.66
C SER J 179 -53.33 13.14 16.76
N LEU J 180 -52.96 14.06 17.65
CA LEU J 180 -52.02 13.69 18.74
C LEU J 180 -52.55 13.91 20.15
N SER J 181 -52.23 12.98 21.06
CA SER J 181 -52.61 13.08 22.46
C SER J 181 -51.34 13.18 23.26
N SER J 182 -51.24 14.22 24.08
CA SER J 182 -50.16 14.38 25.04
C SER J 182 -50.76 14.21 26.43
N THR J 183 -50.18 13.33 27.23
CA THR J 183 -50.71 13.08 28.56
C THR J 183 -49.68 13.47 29.61
N LEU J 184 -50.12 14.24 30.59
CA LEU J 184 -49.28 14.69 31.70
C LEU J 184 -49.76 13.98 32.96
N THR J 185 -48.85 13.34 33.68
CA THR J 185 -49.21 12.61 34.88
C THR J 185 -48.50 13.25 36.06
N LEU J 186 -49.23 13.47 37.15
CA LEU J 186 -48.63 13.90 38.39
C LEU J 186 -49.24 13.09 39.52
N SER J 187 -48.55 13.07 40.65
CA SER J 187 -49.19 12.58 41.86
C SER J 187 -50.38 13.47 42.16
N LYS J 188 -51.40 12.87 42.79
CA LYS J 188 -52.57 13.66 43.19
C LYS J 188 -52.14 14.81 44.11
N ALA J 189 -51.25 14.52 45.06
CA ALA J 189 -50.76 15.56 45.96
C ALA J 189 -50.14 16.76 45.24
N ASP J 190 -49.15 16.50 44.39
CA ASP J 190 -48.54 17.60 43.63
C ASP J 190 -49.54 18.31 42.69
N TYR J 191 -50.55 17.57 42.23
CA TYR J 191 -51.50 18.11 41.29
C TYR J 191 -52.32 19.15 42.03
N GLU J 192 -52.75 18.82 43.23
CA GLU J 192 -53.51 19.76 44.06
C GLU J 192 -52.65 20.91 44.58
N LYS J 193 -51.34 20.86 44.39
CA LYS J 193 -50.45 21.97 44.75
C LYS J 193 -50.44 23.12 43.74
N HIS J 194 -51.24 23.05 42.67
CA HIS J 194 -51.21 24.05 41.60
C HIS J 194 -52.65 24.32 41.11
N LYS J 195 -52.81 25.38 40.32
CA LYS J 195 -54.17 25.72 39.89
C LYS J 195 -54.33 25.81 38.38
N VAL J 196 -53.37 26.36 37.63
CA VAL J 196 -53.52 26.54 36.19
C VAL J 196 -52.66 25.53 35.42
N TYR J 197 -53.33 24.75 34.57
CA TYR J 197 -52.72 23.73 33.73
C TYR J 197 -52.98 24.09 32.27
N ALA J 198 -51.91 24.26 31.50
CA ALA J 198 -52.03 24.54 30.08
C ALA J 198 -51.04 23.69 29.30
N CYS J 199 -51.40 23.39 28.04
CA CYS J 199 -50.47 22.87 27.03
C CYS J 199 -50.41 23.86 25.88
N GLU J 200 -49.20 24.23 25.47
CA GLU J 200 -49.10 25.21 24.39
C GLU J 200 -48.58 24.52 23.14
N VAL J 201 -49.29 24.75 22.04
CA VAL J 201 -49.16 23.98 20.82
C VAL J 201 -48.52 24.86 19.75
N THR J 202 -47.52 24.32 19.06
CA THR J 202 -46.86 24.99 17.95
C THR J 202 -46.98 24.15 16.69
N HIS J 203 -47.23 24.81 15.57
CA HIS J 203 -47.53 24.11 14.32
C HIS J 203 -47.66 25.11 13.19
N GLN J 204 -47.37 24.64 11.96
CA GLN J 204 -47.42 25.55 10.81
C GLN J 204 -48.79 26.19 10.67
N GLY J 205 -49.85 25.45 11.00
CA GLY J 205 -51.19 25.93 10.80
C GLY J 205 -51.58 27.08 11.70
N LEU J 206 -50.88 27.26 12.83
CA LEU J 206 -51.10 28.37 13.73
C LEU J 206 -50.01 29.40 13.49
N SER J 207 -50.41 30.63 13.25
CA SER J 207 -49.42 31.67 13.05
C SER J 207 -48.82 32.19 14.35
N SER J 208 -49.24 31.64 15.50
CA SER J 208 -48.57 31.87 16.79
C SER J 208 -49.03 30.82 17.78
N PRO J 209 -48.13 30.34 18.64
CA PRO J 209 -48.48 29.24 19.55
C PRO J 209 -49.78 29.43 20.30
N VAL J 210 -50.67 28.48 20.11
CA VAL J 210 -51.97 28.43 20.76
C VAL J 210 -51.86 27.80 22.14
N THR J 211 -52.43 28.43 23.16
CA THR J 211 -52.55 27.80 24.47
C THR J 211 -53.93 27.43 24.98
N LYS J 212 -54.12 26.13 25.31
CA LYS J 212 -55.32 25.63 25.97
C LYS J 212 -55.02 25.39 27.44
N SER J 213 -55.90 25.89 28.31
CA SER J 213 -55.69 25.83 29.74
C SER J 213 -57.02 25.72 30.49
N PHE J 214 -56.93 25.22 31.71
CA PHE J 214 -58.04 25.21 32.65
C PHE J 214 -57.46 25.54 34.02
N ASN J 215 -58.36 25.86 34.95
CA ASN J 215 -57.98 26.09 36.34
C ASN J 215 -58.77 25.17 37.23
N ARG J 216 -58.06 24.58 38.20
CA ARG J 216 -58.70 23.62 39.13
C ARG J 216 -59.85 24.30 39.88
N GLY J 217 -61.03 23.68 39.86
CA GLY J 217 -62.18 24.18 40.57
C GLY J 217 -62.88 25.39 39.97
N GLU J 218 -63.11 25.38 38.65
CA GLU J 218 -63.84 26.45 37.96
C GLU J 218 -64.68 25.88 36.80
C1 GOL K . 3.47 -22.16 -4.78
O1 GOL K . 4.82 -21.91 -4.40
C2 GOL K . 3.30 -23.55 -5.34
O2 GOL K . 3.92 -24.51 -4.49
C3 GOL K . 1.85 -23.92 -5.59
O3 GOL K . 1.36 -23.35 -6.79
C1 GOL L . 27.58 -48.02 -11.41
O1 GOL L . 27.14 -47.55 -10.16
C2 GOL L . 27.22 -49.53 -11.52
O2 GOL L . 28.34 -50.32 -11.38
C3 GOL L . 26.18 -49.81 -10.38
O3 GOL L . 26.14 -51.19 -10.21
C1 NAG M . -5.75 -20.87 -23.05
C2 NAG M . -6.52 -22.24 -23.14
C3 NAG M . -7.06 -22.52 -24.57
C4 NAG M . -6.06 -22.18 -25.67
C5 NAG M . -4.69 -21.84 -25.08
C6 NAG M . -3.66 -21.46 -26.12
C7 NAG M . -6.02 -24.05 -21.55
C8 NAG M . -7.27 -23.62 -20.83
N2 NAG M . -5.72 -23.35 -22.65
O3 NAG M . -8.29 -21.83 -24.75
O4 NAG M . -5.92 -23.26 -26.59
O5 NAG M . -4.85 -20.70 -24.22
O6 NAG M . -2.90 -20.33 -25.72
O7 NAG M . -5.33 -24.97 -21.16
C1 NAG N . -5.86 21.08 -23.58
C2 NAG N . -6.07 21.90 -22.32
C3 NAG N . -7.16 22.94 -22.55
C4 NAG N . -6.92 23.75 -23.83
C5 NAG N . -6.54 22.86 -25.02
C6 NAG N . -6.00 23.64 -26.20
C7 NAG N . -5.95 21.24 -19.93
C8 NAG N . -5.06 22.44 -19.72
N2 NAG N . -6.39 21.05 -21.18
O3 NAG N . -7.22 23.85 -21.45
O4 NAG N . -8.09 24.48 -24.18
O5 NAG N . -5.49 21.94 -24.65
O6 NAG N . -4.97 24.55 -25.80
O7 NAG N . -6.25 20.49 -19.01
C1 GOL O . 16.36 28.60 -12.97
O1 GOL O . 17.78 28.73 -12.91
C2 GOL O . 15.86 27.53 -12.03
O2 GOL O . 15.90 28.01 -10.69
C3 GOL O . 14.46 27.04 -12.37
O3 GOL O . 14.02 27.53 -13.62
C1 GOL P . -19.72 70.45 15.28
O1 GOL P . -21.04 70.82 15.61
C2 GOL P . -19.65 68.90 15.08
O2 GOL P . -18.52 68.54 14.33
C3 GOL P . -19.65 68.31 16.52
O3 GOL P . -20.99 68.02 16.81
C1 GOL Q . -12.35 48.97 7.42
O1 GOL Q . -11.00 48.59 7.65
C2 GOL Q . -13.24 47.76 7.22
O2 GOL Q . -13.23 46.95 8.39
C3 GOL Q . -14.66 48.10 6.83
O3 GOL Q . -14.99 49.45 7.17
C1 GOL R . -39.03 4.83 10.08
O1 GOL R . -39.85 5.19 9.01
C2 GOL R . -39.13 3.28 10.11
O2 GOL R . -38.00 2.65 10.65
C3 GOL R . -40.46 2.97 10.90
O3 GOL R . -40.72 1.58 10.70
#